data_4ZN8
# 
_entry.id   4ZN8 
# 
_audit_conform.dict_name       mmcif_pdbx.dic 
_audit_conform.dict_version    5.399 
_audit_conform.dict_location   http://mmcif.pdb.org/dictionaries/ascii/mmcif_pdbx.dic 
# 
loop_
_database_2.database_id 
_database_2.database_code 
_database_2.pdbx_database_accession 
_database_2.pdbx_DOI 
PDB   4ZN8         pdb_00004zn8 10.2210/pdb4zn8/pdb 
WWPDB D_1000209352 ?            ?                   
# 
loop_
_pdbx_audit_revision_history.ordinal 
_pdbx_audit_revision_history.data_content_type 
_pdbx_audit_revision_history.major_revision 
_pdbx_audit_revision_history.minor_revision 
_pdbx_audit_revision_history.revision_date 
1 'Structure model' 1 0 2015-05-27 
2 'Structure model' 1 1 2015-07-08 
3 'Structure model' 1 2 2015-08-19 
4 'Structure model' 1 3 2017-09-06 
5 'Structure model' 1 4 2019-11-27 
6 'Structure model' 1 5 2024-11-20 
# 
_pdbx_audit_revision_details.ordinal             1 
_pdbx_audit_revision_details.revision_ordinal    1 
_pdbx_audit_revision_details.data_content_type   'Structure model' 
_pdbx_audit_revision_details.provider            repository 
_pdbx_audit_revision_details.type                'Initial release' 
_pdbx_audit_revision_details.description         ? 
_pdbx_audit_revision_details.details             ? 
# 
loop_
_pdbx_audit_revision_group.ordinal 
_pdbx_audit_revision_group.revision_ordinal 
_pdbx_audit_revision_group.data_content_type 
_pdbx_audit_revision_group.group 
1  2 'Structure model' 'Database references'        
2  3 'Structure model' 'Database references'        
3  4 'Structure model' 'Author supporting evidence' 
4  4 'Structure model' 'Data collection'            
5  4 'Structure model' 'Database references'        
6  4 'Structure model' 'Derived calculations'       
7  5 'Structure model' 'Author supporting evidence' 
8  6 'Structure model' 'Data collection'            
9  6 'Structure model' 'Database references'        
10 6 'Structure model' 'Derived calculations'       
11 6 'Structure model' 'Structure summary'          
# 
loop_
_pdbx_audit_revision_category.ordinal 
_pdbx_audit_revision_category.revision_ordinal 
_pdbx_audit_revision_category.data_content_type 
_pdbx_audit_revision_category.category 
1  4 'Structure model' citation                  
2  4 'Structure model' diffrn_detector           
3  4 'Structure model' pdbx_audit_support        
4  4 'Structure model' pdbx_struct_oper_list     
5  5 'Structure model' pdbx_audit_support        
6  6 'Structure model' chem_comp_atom            
7  6 'Structure model' chem_comp_bond            
8  6 'Structure model' database_2                
9  6 'Structure model' pdbx_entry_details        
10 6 'Structure model' pdbx_modification_feature 
11 6 'Structure model' struct_conn               
# 
loop_
_pdbx_audit_revision_item.ordinal 
_pdbx_audit_revision_item.revision_ordinal 
_pdbx_audit_revision_item.data_content_type 
_pdbx_audit_revision_item.item 
1  4 'Structure model' '_citation.journal_id_CSD'                  
2  4 'Structure model' '_diffrn_detector.type'                     
3  4 'Structure model' '_pdbx_audit_support.funding_organization'  
4  4 'Structure model' '_pdbx_struct_oper_list.symmetry_operation' 
5  6 'Structure model' '_database_2.pdbx_DOI'                      
6  6 'Structure model' '_database_2.pdbx_database_accession'       
7  6 'Structure model' '_struct_conn.conn_type_id'                 
8  6 'Structure model' '_struct_conn.id'                           
9  6 'Structure model' '_struct_conn.pdbx_dist_value'              
10 6 'Structure model' '_struct_conn.pdbx_leaving_atom_flag'       
11 6 'Structure model' '_struct_conn.ptnr1_auth_asym_id'           
12 6 'Structure model' '_struct_conn.ptnr1_auth_comp_id'           
13 6 'Structure model' '_struct_conn.ptnr1_auth_seq_id'            
14 6 'Structure model' '_struct_conn.ptnr1_label_asym_id'          
15 6 'Structure model' '_struct_conn.ptnr1_label_atom_id'          
16 6 'Structure model' '_struct_conn.ptnr1_label_comp_id'          
17 6 'Structure model' '_struct_conn.ptnr1_label_seq_id'           
18 6 'Structure model' '_struct_conn.ptnr1_symmetry'               
19 6 'Structure model' '_struct_conn.ptnr2_auth_asym_id'           
20 6 'Structure model' '_struct_conn.ptnr2_auth_comp_id'           
21 6 'Structure model' '_struct_conn.ptnr2_auth_seq_id'            
22 6 'Structure model' '_struct_conn.ptnr2_label_asym_id'          
23 6 'Structure model' '_struct_conn.ptnr2_label_atom_id'          
24 6 'Structure model' '_struct_conn.ptnr2_label_comp_id'          
25 6 'Structure model' '_struct_conn.ptnr2_label_seq_id'           
26 6 'Structure model' '_struct_conn.ptnr2_symmetry'               
# 
_pdbx_database_status.status_code                     REL 
_pdbx_database_status.status_code_sf                  REL 
_pdbx_database_status.status_code_mr                  ? 
_pdbx_database_status.entry_id                        4ZN8 
_pdbx_database_status.recvd_initial_deposition_date   2015-05-04 
_pdbx_database_status.SG_entry                        N 
_pdbx_database_status.deposit_site                    RCSB 
_pdbx_database_status.process_site                    RCSB 
_pdbx_database_status.status_code_cs                  ? 
_pdbx_database_status.methods_development_category    ? 
_pdbx_database_status.pdb_format_compatible           Y 
_pdbx_database_status.status_code_nmr_data            ? 
# 
loop_
_pdbx_database_related.db_name 
_pdbx_database_related.details 
_pdbx_database_related.db_id 
_pdbx_database_related.content_type 
PDB . 4NDJ unspecified 
PDB . 4NDK unspecified 
# 
loop_
_audit_author.name 
_audit_author.pdbx_ordinal 
_audit_author.identifier_ORCID 
'Huang, P.-S.' 1 ? 
'Thomas, L.M.' 2 ? 
'Mayo, S.L.'   3 ? 
# 
_citation.abstract                  ? 
_citation.abstract_id_CAS           ? 
_citation.book_id_ISBN              ? 
_citation.book_publisher            ? 
_citation.book_publisher_city       ? 
_citation.book_title                ? 
_citation.coordinate_linkage        ? 
_citation.country                   UK 
_citation.database_id_Medline       ? 
_citation.details                   ? 
_citation.id                        primary 
_citation.journal_abbrev            J.Mol.Biol. 
_citation.journal_id_ASTM           JMOBAK 
_citation.journal_id_CSD            0070 
_citation.journal_id_ISSN           1089-8638 
_citation.journal_full              ? 
_citation.journal_issue             ? 
_citation.journal_volume            427 
_citation.language                  ? 
_citation.page_first                2697 
_citation.page_last                 2706 
_citation.title                     
'Using Molecular Dynamics Simulations as an Aid in the Prediction of Domain Swapping of Computationally Designed Protein Variants.' 
_citation.year                      2015 
_citation.database_id_CSD           ? 
_citation.pdbx_database_id_DOI      10.1016/j.jmb.2015.06.006 
_citation.pdbx_database_id_PubMed   26101839 
_citation.unpublished_flag          ? 
# 
loop_
_citation_author.citation_id 
_citation_author.name 
_citation_author.ordinal 
_citation_author.identifier_ORCID 
primary 'Mou, Y.'      1 ? 
primary 'Huang, P.S.'  2 ? 
primary 'Thomas, L.M.' 3 ? 
primary 'Mayo, S.L.'   4 ? 
# 
loop_
_entity.id 
_entity.type 
_entity.src_method 
_entity.pdbx_description 
_entity.formula_weight 
_entity.pdbx_number_of_molecules 
_entity.pdbx_ec 
_entity.pdbx_mutation 
_entity.pdbx_fragment 
_entity.details 
1 polymer     man 'computationally modified engrailed homeodomain' 6687.403 4 ? ? ? ? 
2 non-polymer syn 'POTASSIUM ION'                                  39.098   4 ? ? ? ? 
# 
_entity_poly.entity_id                      1 
_entity_poly.type                           'polypeptide(L)' 
_entity_poly.nstd_linkage                   no 
_entity_poly.nstd_monomer                   yes 
_entity_poly.pdbx_seq_one_letter_code       'TEFSEEQKRTLDLLFLFDRR(MSE)TEERRRWLSQRLGLNEEQIERWFRRKEQQI' 
_entity_poly.pdbx_seq_one_letter_code_can   TEFSEEQKRTLDLLFLFDRRMTEERRRWLSQRLGLNEEQIERWFRRKEQQI 
_entity_poly.pdbx_strand_id                 A,B,C,D 
_entity_poly.pdbx_target_identifier         ? 
# 
_pdbx_entity_nonpoly.entity_id   2 
_pdbx_entity_nonpoly.name        'POTASSIUM ION' 
_pdbx_entity_nonpoly.comp_id     K 
# 
loop_
_entity_poly_seq.entity_id 
_entity_poly_seq.num 
_entity_poly_seq.mon_id 
_entity_poly_seq.hetero 
1 1  THR n 
1 2  GLU n 
1 3  PHE n 
1 4  SER n 
1 5  GLU n 
1 6  GLU n 
1 7  GLN n 
1 8  LYS n 
1 9  ARG n 
1 10 THR n 
1 11 LEU n 
1 12 ASP n 
1 13 LEU n 
1 14 LEU n 
1 15 PHE n 
1 16 LEU n 
1 17 PHE n 
1 18 ASP n 
1 19 ARG n 
1 20 ARG n 
1 21 MSE n 
1 22 THR n 
1 23 GLU n 
1 24 GLU n 
1 25 ARG n 
1 26 ARG n 
1 27 ARG n 
1 28 TRP n 
1 29 LEU n 
1 30 SER n 
1 31 GLN n 
1 32 ARG n 
1 33 LEU n 
1 34 GLY n 
1 35 LEU n 
1 36 ASN n 
1 37 GLU n 
1 38 GLU n 
1 39 GLN n 
1 40 ILE n 
1 41 GLU n 
1 42 ARG n 
1 43 TRP n 
1 44 PHE n 
1 45 ARG n 
1 46 ARG n 
1 47 LYS n 
1 48 GLU n 
1 49 GLN n 
1 50 GLN n 
1 51 ILE n 
# 
_entity_src_gen.entity_id                          1 
_entity_src_gen.pdbx_src_id                        1 
_entity_src_gen.pdbx_alt_source_flag               sample 
_entity_src_gen.pdbx_seq_type                      'Biological sequence' 
_entity_src_gen.pdbx_beg_seq_num                   1 
_entity_src_gen.pdbx_end_seq_num                   51 
_entity_src_gen.gene_src_common_name               ? 
_entity_src_gen.gene_src_genus                     ? 
_entity_src_gen.pdbx_gene_src_gene                 ? 
_entity_src_gen.gene_src_species                   ? 
_entity_src_gen.gene_src_strain                    ? 
_entity_src_gen.gene_src_tissue                    ? 
_entity_src_gen.gene_src_tissue_fraction           ? 
_entity_src_gen.gene_src_details                   ? 
_entity_src_gen.pdbx_gene_src_fragment             ? 
_entity_src_gen.pdbx_gene_src_scientific_name      'Drosophila melanogaster' 
_entity_src_gen.pdbx_gene_src_ncbi_taxonomy_id     7227 
_entity_src_gen.pdbx_gene_src_variant              ? 
_entity_src_gen.pdbx_gene_src_cell_line            ? 
_entity_src_gen.pdbx_gene_src_atcc                 ? 
_entity_src_gen.pdbx_gene_src_organ                ? 
_entity_src_gen.pdbx_gene_src_organelle            ? 
_entity_src_gen.pdbx_gene_src_cell                 ? 
_entity_src_gen.pdbx_gene_src_cellular_location    ? 
_entity_src_gen.host_org_common_name               ? 
_entity_src_gen.pdbx_host_org_scientific_name      'Escherichia coli' 
_entity_src_gen.pdbx_host_org_ncbi_taxonomy_id     562 
_entity_src_gen.host_org_genus                     ? 
_entity_src_gen.pdbx_host_org_gene                 ? 
_entity_src_gen.pdbx_host_org_organ                ? 
_entity_src_gen.host_org_species                   ? 
_entity_src_gen.pdbx_host_org_tissue               ? 
_entity_src_gen.pdbx_host_org_tissue_fraction      ? 
_entity_src_gen.pdbx_host_org_strain               ? 
_entity_src_gen.pdbx_host_org_variant              ? 
_entity_src_gen.pdbx_host_org_cell_line            ? 
_entity_src_gen.pdbx_host_org_atcc                 ? 
_entity_src_gen.pdbx_host_org_culture_collection   ? 
_entity_src_gen.pdbx_host_org_cell                 ? 
_entity_src_gen.pdbx_host_org_organelle            ? 
_entity_src_gen.pdbx_host_org_cellular_location    ? 
_entity_src_gen.pdbx_host_org_vector_type          ? 
_entity_src_gen.pdbx_host_org_vector               ? 
_entity_src_gen.host_org_details                   ? 
_entity_src_gen.expression_system_id               ? 
_entity_src_gen.plasmid_name                       ? 
_entity_src_gen.plasmid_details                    ? 
_entity_src_gen.pdbx_description                   ? 
# 
loop_
_chem_comp.id 
_chem_comp.type 
_chem_comp.mon_nstd_flag 
_chem_comp.name 
_chem_comp.pdbx_synonyms 
_chem_comp.formula 
_chem_comp.formula_weight 
ARG 'L-peptide linking' y ARGININE         ? 'C6 H15 N4 O2 1' 175.209 
ASN 'L-peptide linking' y ASPARAGINE       ? 'C4 H8 N2 O3'    132.118 
ASP 'L-peptide linking' y 'ASPARTIC ACID'  ? 'C4 H7 N O4'     133.103 
GLN 'L-peptide linking' y GLUTAMINE        ? 'C5 H10 N2 O3'   146.144 
GLU 'L-peptide linking' y 'GLUTAMIC ACID'  ? 'C5 H9 N O4'     147.129 
GLY 'peptide linking'   y GLYCINE          ? 'C2 H5 N O2'     75.067  
ILE 'L-peptide linking' y ISOLEUCINE       ? 'C6 H13 N O2'    131.173 
K   non-polymer         . 'POTASSIUM ION'  ? 'K 1'            39.098  
LEU 'L-peptide linking' y LEUCINE          ? 'C6 H13 N O2'    131.173 
LYS 'L-peptide linking' y LYSINE           ? 'C6 H15 N2 O2 1' 147.195 
MSE 'L-peptide linking' n SELENOMETHIONINE ? 'C5 H11 N O2 Se' 196.106 
PHE 'L-peptide linking' y PHENYLALANINE    ? 'C9 H11 N O2'    165.189 
SER 'L-peptide linking' y SERINE           ? 'C3 H7 N O3'     105.093 
THR 'L-peptide linking' y THREONINE        ? 'C4 H9 N O3'     119.119 
TRP 'L-peptide linking' y TRYPTOPHAN       ? 'C11 H12 N2 O2'  204.225 
# 
loop_
_pdbx_poly_seq_scheme.asym_id 
_pdbx_poly_seq_scheme.entity_id 
_pdbx_poly_seq_scheme.seq_id 
_pdbx_poly_seq_scheme.mon_id 
_pdbx_poly_seq_scheme.ndb_seq_num 
_pdbx_poly_seq_scheme.pdb_seq_num 
_pdbx_poly_seq_scheme.auth_seq_num 
_pdbx_poly_seq_scheme.pdb_mon_id 
_pdbx_poly_seq_scheme.auth_mon_id 
_pdbx_poly_seq_scheme.pdb_strand_id 
_pdbx_poly_seq_scheme.pdb_ins_code 
_pdbx_poly_seq_scheme.hetero 
A 1 1  THR 1  1  1  THR ALA A . n 
A 1 2  GLU 2  2  2  GLU GLU A . n 
A 1 3  PHE 3  3  3  PHE PHE A . n 
A 1 4  SER 4  4  4  SER SER A . n 
A 1 5  GLU 5  5  5  GLU GLU A . n 
A 1 6  GLU 6  6  6  GLU GLU A . n 
A 1 7  GLN 7  7  7  GLN GLN A . n 
A 1 8  LYS 8  8  8  LYS LYS A . n 
A 1 9  ARG 9  9  9  ARG ARG A . n 
A 1 10 THR 10 10 10 THR THR A . n 
A 1 11 LEU 11 11 11 LEU LEU A . n 
A 1 12 ASP 12 12 12 ASP ASP A . n 
A 1 13 LEU 13 13 13 LEU LEU A . n 
A 1 14 LEU 14 14 14 LEU LEU A . n 
A 1 15 PHE 15 15 15 PHE PHE A . n 
A 1 16 LEU 16 16 16 LEU LEU A . n 
A 1 17 PHE 17 17 17 PHE PHE A . n 
A 1 18 ASP 18 18 18 ASP ASP A . n 
A 1 19 ARG 19 19 19 ARG ARG A . n 
A 1 20 ARG 20 20 20 ARG ARG A . n 
A 1 21 MSE 21 21 21 MSE MSE A . n 
A 1 22 THR 22 22 22 THR THR A . n 
A 1 23 GLU 23 23 23 GLU GLU A . n 
A 1 24 GLU 24 24 24 GLU GLU A . n 
A 1 25 ARG 25 25 25 ARG ARG A . n 
A 1 26 ARG 26 26 26 ARG ARG A . n 
A 1 27 ARG 27 27 27 ARG ARG A . n 
A 1 28 TRP 28 28 28 TRP TRP A . n 
A 1 29 LEU 29 29 29 LEU LEU A . n 
A 1 30 SER 30 30 30 SER SER A . n 
A 1 31 GLN 31 31 31 GLN GLN A . n 
A 1 32 ARG 32 32 32 ARG ARG A . n 
A 1 33 LEU 33 33 33 LEU LEU A . n 
A 1 34 GLY 34 34 34 GLY GLY A . n 
A 1 35 LEU 35 35 35 LEU LEU A . n 
A 1 36 ASN 36 36 36 ASN ASN A . n 
A 1 37 GLU 37 37 37 GLU GLU A . n 
A 1 38 GLU 38 38 38 GLU GLU A . n 
A 1 39 GLN 39 39 39 GLN GLN A . n 
A 1 40 ILE 40 40 40 ILE ILE A . n 
A 1 41 GLU 41 41 41 GLU GLU A . n 
A 1 42 ARG 42 42 42 ARG ARG A . n 
A 1 43 TRP 43 43 43 TRP TRP A . n 
A 1 44 PHE 44 44 44 PHE PHE A . n 
A 1 45 ARG 45 45 45 ARG ARG A . n 
A 1 46 ARG 46 46 46 ARG ARG A . n 
A 1 47 LYS 47 47 47 LYS LYS A . n 
A 1 48 GLU 48 48 48 GLU GLU A . n 
A 1 49 GLN 49 49 49 GLN GLN A . n 
A 1 50 GLN 50 50 50 GLN GLN A . n 
A 1 51 ILE 51 51 51 ILE ILE A . n 
B 1 1  THR 1  1  ?  ?   ?   B . n 
B 1 2  GLU 2  2  2  GLU GLU B . n 
B 1 3  PHE 3  3  3  PHE PHE B . n 
B 1 4  SER 4  4  4  SER SER B . n 
B 1 5  GLU 5  5  5  GLU GLU B . n 
B 1 6  GLU 6  6  6  GLU GLU B . n 
B 1 7  GLN 7  7  7  GLN GLN B . n 
B 1 8  LYS 8  8  8  LYS LYS B . n 
B 1 9  ARG 9  9  9  ARG ARG B . n 
B 1 10 THR 10 10 10 THR THR B . n 
B 1 11 LEU 11 11 11 LEU LEU B . n 
B 1 12 ASP 12 12 12 ASP ASP B . n 
B 1 13 LEU 13 13 13 LEU LEU B . n 
B 1 14 LEU 14 14 14 LEU LEU B . n 
B 1 15 PHE 15 15 15 PHE PHE B . n 
B 1 16 LEU 16 16 16 LEU LEU B . n 
B 1 17 PHE 17 17 17 PHE PHE B . n 
B 1 18 ASP 18 18 18 ASP ASP B . n 
B 1 19 ARG 19 19 19 ARG ARG B . n 
B 1 20 ARG 20 20 20 ARG ARG B . n 
B 1 21 MSE 21 21 21 MSE MSE B . n 
B 1 22 THR 22 22 22 THR THR B . n 
B 1 23 GLU 23 23 23 GLU GLU B . n 
B 1 24 GLU 24 24 24 GLU GLU B . n 
B 1 25 ARG 25 25 25 ARG ARG B . n 
B 1 26 ARG 26 26 26 ARG ARG B . n 
B 1 27 ARG 27 27 27 ARG ARG B . n 
B 1 28 TRP 28 28 28 TRP TRP B . n 
B 1 29 LEU 29 29 29 LEU LEU B . n 
B 1 30 SER 30 30 30 SER SER B . n 
B 1 31 GLN 31 31 31 GLN GLN B . n 
B 1 32 ARG 32 32 32 ARG ARG B . n 
B 1 33 LEU 33 33 33 LEU LEU B . n 
B 1 34 GLY 34 34 34 GLY GLY B . n 
B 1 35 LEU 35 35 35 LEU LEU B . n 
B 1 36 ASN 36 36 36 ASN ASN B . n 
B 1 37 GLU 37 37 37 GLU GLU B . n 
B 1 38 GLU 38 38 38 GLU GLU B . n 
B 1 39 GLN 39 39 39 GLN GLN B . n 
B 1 40 ILE 40 40 40 ILE ILE B . n 
B 1 41 GLU 41 41 41 GLU GLU B . n 
B 1 42 ARG 42 42 42 ARG ARG B . n 
B 1 43 TRP 43 43 43 TRP TRP B . n 
B 1 44 PHE 44 44 44 PHE PHE B . n 
B 1 45 ARG 45 45 45 ARG ARG B . n 
B 1 46 ARG 46 46 46 ARG ARG B . n 
B 1 47 LYS 47 47 47 LYS LYS B . n 
B 1 48 GLU 48 48 48 GLU GLU B . n 
B 1 49 GLN 49 49 49 GLN GLN B . n 
B 1 50 GLN 50 50 50 GLN GLN B . n 
B 1 51 ILE 51 51 ?  ?   ?   B . n 
C 1 1  THR 1  1  ?  ?   ?   C . n 
C 1 2  GLU 2  2  ?  ?   ?   C . n 
C 1 3  PHE 3  3  3  PHE PHE C . n 
C 1 4  SER 4  4  4  SER SER C . n 
C 1 5  GLU 5  5  5  GLU GLU C . n 
C 1 6  GLU 6  6  6  GLU GLU C . n 
C 1 7  GLN 7  7  7  GLN GLN C . n 
C 1 8  LYS 8  8  8  LYS LYS C . n 
C 1 9  ARG 9  9  9  ARG ARG C . n 
C 1 10 THR 10 10 10 THR THR C . n 
C 1 11 LEU 11 11 11 LEU LEU C . n 
C 1 12 ASP 12 12 12 ASP ASP C . n 
C 1 13 LEU 13 13 13 LEU LEU C . n 
C 1 14 LEU 14 14 14 LEU LEU C . n 
C 1 15 PHE 15 15 15 PHE PHE C . n 
C 1 16 LEU 16 16 16 LEU LEU C . n 
C 1 17 PHE 17 17 17 PHE PHE C . n 
C 1 18 ASP 18 18 18 ASP ASP C . n 
C 1 19 ARG 19 19 19 ARG ARG C . n 
C 1 20 ARG 20 20 20 ARG ARG C . n 
C 1 21 MSE 21 21 21 MSE MSE C . n 
C 1 22 THR 22 22 22 THR THR C . n 
C 1 23 GLU 23 23 23 GLU GLU C . n 
C 1 24 GLU 24 24 24 GLU GLU C . n 
C 1 25 ARG 25 25 25 ARG ARG C . n 
C 1 26 ARG 26 26 26 ARG ARG C . n 
C 1 27 ARG 27 27 27 ARG ARG C . n 
C 1 28 TRP 28 28 28 TRP TRP C . n 
C 1 29 LEU 29 29 29 LEU LEU C . n 
C 1 30 SER 30 30 30 SER SER C . n 
C 1 31 GLN 31 31 31 GLN GLN C . n 
C 1 32 ARG 32 32 32 ARG ARG C . n 
C 1 33 LEU 33 33 33 LEU LEU C . n 
C 1 34 GLY 34 34 34 GLY GLY C . n 
C 1 35 LEU 35 35 35 LEU LEU C . n 
C 1 36 ASN 36 36 36 ASN ASN C . n 
C 1 37 GLU 37 37 37 GLU GLU C . n 
C 1 38 GLU 38 38 38 GLU GLU C . n 
C 1 39 GLN 39 39 39 GLN GLN C . n 
C 1 40 ILE 40 40 40 ILE ILE C . n 
C 1 41 GLU 41 41 41 GLU GLU C . n 
C 1 42 ARG 42 42 42 ARG ARG C . n 
C 1 43 TRP 43 43 43 TRP TRP C . n 
C 1 44 PHE 44 44 44 PHE PHE C . n 
C 1 45 ARG 45 45 45 ARG ARG C . n 
C 1 46 ARG 46 46 46 ARG ARG C . n 
C 1 47 LYS 47 47 47 LYS LYS C . n 
C 1 48 GLU 48 48 48 GLU GLU C . n 
C 1 49 GLN 49 49 ?  ?   ?   C . n 
C 1 50 GLN 50 50 ?  ?   ?   C . n 
C 1 51 ILE 51 51 ?  ?   ?   C . n 
D 1 1  THR 1  1  ?  ?   ?   D . n 
D 1 2  GLU 2  2  2  GLU GLU D . n 
D 1 3  PHE 3  3  3  PHE PHE D . n 
D 1 4  SER 4  4  4  SER SER D . n 
D 1 5  GLU 5  5  5  GLU GLU D . n 
D 1 6  GLU 6  6  6  GLU GLU D . n 
D 1 7  GLN 7  7  7  GLN GLN D . n 
D 1 8  LYS 8  8  8  LYS LYS D . n 
D 1 9  ARG 9  9  9  ARG ARG D . n 
D 1 10 THR 10 10 10 THR THR D . n 
D 1 11 LEU 11 11 11 LEU LEU D . n 
D 1 12 ASP 12 12 12 ASP ASP D . n 
D 1 13 LEU 13 13 13 LEU LEU D . n 
D 1 14 LEU 14 14 14 LEU LEU D . n 
D 1 15 PHE 15 15 15 PHE PHE D . n 
D 1 16 LEU 16 16 16 LEU LEU D . n 
D 1 17 PHE 17 17 17 PHE PHE D . n 
D 1 18 ASP 18 18 18 ASP ASP D . n 
D 1 19 ARG 19 19 19 ARG ARG D . n 
D 1 20 ARG 20 20 20 ARG ARG D . n 
D 1 21 MSE 21 21 21 MSE MSE D . n 
D 1 22 THR 22 22 22 THR THR D . n 
D 1 23 GLU 23 23 23 GLU GLU D . n 
D 1 24 GLU 24 24 24 GLU GLU D . n 
D 1 25 ARG 25 25 25 ARG ARG D . n 
D 1 26 ARG 26 26 26 ARG ARG D . n 
D 1 27 ARG 27 27 27 ARG ARG D . n 
D 1 28 TRP 28 28 28 TRP TRP D . n 
D 1 29 LEU 29 29 29 LEU LEU D . n 
D 1 30 SER 30 30 30 SER SER D . n 
D 1 31 GLN 31 31 31 GLN GLN D . n 
D 1 32 ARG 32 32 32 ARG ARG D . n 
D 1 33 LEU 33 33 33 LEU LEU D . n 
D 1 34 GLY 34 34 34 GLY GLY D . n 
D 1 35 LEU 35 35 35 LEU LEU D . n 
D 1 36 ASN 36 36 36 ASN ASN D . n 
D 1 37 GLU 37 37 37 GLU GLU D . n 
D 1 38 GLU 38 38 38 GLU GLU D . n 
D 1 39 GLN 39 39 39 GLN GLN D . n 
D 1 40 ILE 40 40 40 ILE ILE D . n 
D 1 41 GLU 41 41 41 GLU GLU D . n 
D 1 42 ARG 42 42 42 ARG ARG D . n 
D 1 43 TRP 43 43 43 TRP TRP D . n 
D 1 44 PHE 44 44 44 PHE PHE D . n 
D 1 45 ARG 45 45 45 ARG ARG D . n 
D 1 46 ARG 46 46 46 ARG ARG D . n 
D 1 47 LYS 47 47 47 LYS LYS D . n 
D 1 48 GLU 48 48 ?  ?   ?   D . n 
D 1 49 GLN 49 49 ?  ?   ?   D . n 
D 1 50 GLN 50 50 ?  ?   ?   D . n 
D 1 51 ILE 51 51 ?  ?   ?   D . n 
# 
loop_
_pdbx_nonpoly_scheme.asym_id 
_pdbx_nonpoly_scheme.entity_id 
_pdbx_nonpoly_scheme.mon_id 
_pdbx_nonpoly_scheme.ndb_seq_num 
_pdbx_nonpoly_scheme.pdb_seq_num 
_pdbx_nonpoly_scheme.auth_seq_num 
_pdbx_nonpoly_scheme.pdb_mon_id 
_pdbx_nonpoly_scheme.auth_mon_id 
_pdbx_nonpoly_scheme.pdb_strand_id 
_pdbx_nonpoly_scheme.pdb_ins_code 
E 2 K 1 101 2 K K A . 
F 2 K 1 101 1 K K C . 
G 2 K 1 102 4 K K C . 
H 2 K 1 101 3 K K D . 
# 
loop_
_pdbx_unobs_or_zero_occ_atoms.id 
_pdbx_unobs_or_zero_occ_atoms.PDB_model_num 
_pdbx_unobs_or_zero_occ_atoms.polymer_flag 
_pdbx_unobs_or_zero_occ_atoms.occupancy_flag 
_pdbx_unobs_or_zero_occ_atoms.auth_asym_id 
_pdbx_unobs_or_zero_occ_atoms.auth_comp_id 
_pdbx_unobs_or_zero_occ_atoms.auth_seq_id 
_pdbx_unobs_or_zero_occ_atoms.PDB_ins_code 
_pdbx_unobs_or_zero_occ_atoms.auth_atom_id 
_pdbx_unobs_or_zero_occ_atoms.label_alt_id 
_pdbx_unobs_or_zero_occ_atoms.label_asym_id 
_pdbx_unobs_or_zero_occ_atoms.label_comp_id 
_pdbx_unobs_or_zero_occ_atoms.label_seq_id 
_pdbx_unobs_or_zero_occ_atoms.label_atom_id 
1 1 Y 1 A THR 1 ? OG1 ? A THR 1 OG1 
2 1 Y 1 A THR 1 ? CG2 ? A THR 1 CG2 
# 
loop_
_software.citation_id 
_software.classification 
_software.compiler_name 
_software.compiler_version 
_software.contact_author 
_software.contact_author_email 
_software.date 
_software.description 
_software.dependencies 
_software.hardware 
_software.language 
_software.location 
_software.mods 
_software.name 
_software.os 
_software.os_version 
_software.type 
_software.version 
_software.pdbx_ordinal 
? refinement       ? ? ? ? ? ? ? ? ? ? ? PHENIX    ? ? ? 1.9_1692 1 
? 'data reduction' ? ? ? ? ? ? ? ? ? ? ? DENZO     ? ? ? 1.97.7   2 
? 'data scaling'   ? ? ? ? ? ? ? ? ? ? ? SCALEPACK ? ? ? 1.97.7   3 
? phasing          ? ? ? ? ? ? ? ? ? ? ? SOLVE     ? ? ? .        4 
# 
_cell.angle_alpha                  90.00 
_cell.angle_alpha_esd              ? 
_cell.angle_beta                   90.00 
_cell.angle_beta_esd               ? 
_cell.angle_gamma                  90.00 
_cell.angle_gamma_esd              ? 
_cell.entry_id                     4ZN8 
_cell.details                      ? 
_cell.formula_units_Z              ? 
_cell.length_a                     51.456 
_cell.length_a_esd                 ? 
_cell.length_b                     62.682 
_cell.length_b_esd                 ? 
_cell.length_c                     76.698 
_cell.length_c_esd                 ? 
_cell.volume                       ? 
_cell.volume_esd                   ? 
_cell.Z_PDB                        16 
_cell.reciprocal_angle_alpha       ? 
_cell.reciprocal_angle_beta        ? 
_cell.reciprocal_angle_gamma       ? 
_cell.reciprocal_angle_alpha_esd   ? 
_cell.reciprocal_angle_beta_esd    ? 
_cell.reciprocal_angle_gamma_esd   ? 
_cell.reciprocal_length_a          ? 
_cell.reciprocal_length_b          ? 
_cell.reciprocal_length_c          ? 
_cell.reciprocal_length_a_esd      ? 
_cell.reciprocal_length_b_esd      ? 
_cell.reciprocal_length_c_esd      ? 
_cell.pdbx_unique_axis             ? 
# 
_symmetry.entry_id                         4ZN8 
_symmetry.cell_setting                     ? 
_symmetry.Int_Tables_number                19 
_symmetry.space_group_name_Hall            ? 
_symmetry.space_group_name_H-M             'P 21 21 21' 
_symmetry.pdbx_full_space_group_name_H-M   ? 
# 
_exptl.absorpt_coefficient_mu     ? 
_exptl.absorpt_correction_T_max   ? 
_exptl.absorpt_correction_T_min   ? 
_exptl.absorpt_correction_type    ? 
_exptl.absorpt_process_details    ? 
_exptl.entry_id                   4ZN8 
_exptl.crystals_number            ? 
_exptl.details                    ? 
_exptl.method                     'X-RAY DIFFRACTION' 
_exptl.method_details             ? 
# 
_exptl_crystal.colour                      ? 
_exptl_crystal.density_diffrn              ? 
_exptl_crystal.density_Matthews            2.44 
_exptl_crystal.density_method              ? 
_exptl_crystal.density_percent_sol         49.67 
_exptl_crystal.description                 ? 
_exptl_crystal.F_000                       ? 
_exptl_crystal.id                          1 
_exptl_crystal.preparation                 ? 
_exptl_crystal.size_max                    ? 
_exptl_crystal.size_mid                    ? 
_exptl_crystal.size_min                    ? 
_exptl_crystal.size_rad                    ? 
_exptl_crystal.colour_lustre               ? 
_exptl_crystal.colour_modifier             ? 
_exptl_crystal.colour_primary              ? 
_exptl_crystal.density_meas                ? 
_exptl_crystal.density_meas_esd            ? 
_exptl_crystal.density_meas_gt             ? 
_exptl_crystal.density_meas_lt             ? 
_exptl_crystal.density_meas_temp           ? 
_exptl_crystal.density_meas_temp_esd       ? 
_exptl_crystal.density_meas_temp_gt        ? 
_exptl_crystal.density_meas_temp_lt        ? 
_exptl_crystal.pdbx_crystal_image_url      ? 
_exptl_crystal.pdbx_crystal_image_format   ? 
_exptl_crystal.pdbx_mosaicity              ? 
_exptl_crystal.pdbx_mosaicity_esd          ? 
# 
_exptl_crystal_grow.apparatus       ? 
_exptl_crystal_grow.atmosphere      ? 
_exptl_crystal_grow.crystal_id      1 
_exptl_crystal_grow.details         ? 
_exptl_crystal_grow.method          'VAPOR DIFFUSION, HANGING DROP' 
_exptl_crystal_grow.method_ref      ? 
_exptl_crystal_grow.pH              7.0 
_exptl_crystal_grow.pressure        ? 
_exptl_crystal_grow.pressure_esd    ? 
_exptl_crystal_grow.seeding         ? 
_exptl_crystal_grow.seeding_ref     ? 
_exptl_crystal_grow.temp            296 
_exptl_crystal_grow.temp_details    ? 
_exptl_crystal_grow.temp_esd        ? 
_exptl_crystal_grow.time            ? 
_exptl_crystal_grow.pdbx_details    '14% PEG3350, 0.2 M potassium phosphate, 0.1 M Tris, pH 7.0' 
_exptl_crystal_grow.pdbx_pH_range   7.0 
# 
_diffrn.ambient_environment    ? 
_diffrn.ambient_temp           100 
_diffrn.ambient_temp_details   ? 
_diffrn.ambient_temp_esd       ? 
_diffrn.crystal_id             1 
_diffrn.crystal_support        ? 
_diffrn.crystal_treatment      ? 
_diffrn.details                ? 
_diffrn.id                     1 
_diffrn.ambient_pressure       ? 
_diffrn.ambient_pressure_esd   ? 
_diffrn.ambient_pressure_gt    ? 
_diffrn.ambient_pressure_lt    ? 
_diffrn.ambient_temp_gt        ? 
_diffrn.ambient_temp_lt        ? 
# 
_diffrn_detector.details                      ? 
_diffrn_detector.detector                     CCD 
_diffrn_detector.diffrn_id                    1 
_diffrn_detector.type                         'ADSC QUANTUM 210' 
_diffrn_detector.area_resol_mean              ? 
_diffrn_detector.dtime                        ? 
_diffrn_detector.pdbx_frames_total            ? 
_diffrn_detector.pdbx_collection_time_total   ? 
_diffrn_detector.pdbx_collection_date         2004-12-04 
# 
_diffrn_radiation.collimation                      ? 
_diffrn_radiation.diffrn_id                        1 
_diffrn_radiation.filter_edge                      ? 
_diffrn_radiation.inhomogeneity                    ? 
_diffrn_radiation.monochromator                    'double crystal Si(111)' 
_diffrn_radiation.polarisn_norm                    ? 
_diffrn_radiation.polarisn_ratio                   ? 
_diffrn_radiation.probe                            ? 
_diffrn_radiation.type                             ? 
_diffrn_radiation.xray_symbol                      ? 
_diffrn_radiation.wavelength_id                    1 
_diffrn_radiation.pdbx_monochromatic_or_laue_m_l   M 
_diffrn_radiation.pdbx_wavelength_list             ? 
_diffrn_radiation.pdbx_wavelength                  ? 
_diffrn_radiation.pdbx_diffrn_protocol             MAD 
_diffrn_radiation.pdbx_analyzer                    ? 
_diffrn_radiation.pdbx_scattering_type             x-ray 
# 
_diffrn_radiation_wavelength.id           1 
_diffrn_radiation_wavelength.wavelength   0.9794 
_diffrn_radiation_wavelength.wt           1.0 
# 
_diffrn_source.current                     ? 
_diffrn_source.details                     ? 
_diffrn_source.diffrn_id                   1 
_diffrn_source.power                       ? 
_diffrn_source.size                        ? 
_diffrn_source.source                      SYNCHROTRON 
_diffrn_source.target                      ? 
_diffrn_source.type                        'ALS BEAMLINE 8.2.1' 
_diffrn_source.voltage                     ? 
_diffrn_source.take-off_angle              ? 
_diffrn_source.pdbx_wavelength_list        0.9794 
_diffrn_source.pdbx_wavelength             ? 
_diffrn_source.pdbx_synchrotron_beamline   8.2.1 
_diffrn_source.pdbx_synchrotron_site       ALS 
# 
_reflns.B_iso_Wilson_estimate            ? 
_reflns.entry_id                         4ZN8 
_reflns.data_reduction_details           ? 
_reflns.data_reduction_method            ? 
_reflns.d_resolution_high                3.00 
_reflns.d_resolution_low                 39.778 
_reflns.details                          ? 
_reflns.limit_h_max                      ? 
_reflns.limit_h_min                      ? 
_reflns.limit_k_max                      ? 
_reflns.limit_k_min                      ? 
_reflns.limit_l_max                      ? 
_reflns.limit_l_min                      ? 
_reflns.number_all                       5289 
_reflns.number_obs                       5197 
_reflns.observed_criterion               ? 
_reflns.observed_criterion_F_max         ? 
_reflns.observed_criterion_F_min         ? 
_reflns.observed_criterion_I_max         ? 
_reflns.observed_criterion_I_min         ? 
_reflns.observed_criterion_sigma_F       2 
_reflns.observed_criterion_sigma_I       2 
_reflns.percent_possible_obs             98.2 
_reflns.R_free_details                   ? 
_reflns.Rmerge_F_all                     ? 
_reflns.Rmerge_F_obs                     ? 
_reflns.Friedel_coverage                 ? 
_reflns.number_gt                        ? 
_reflns.threshold_expression             ? 
_reflns.pdbx_redundancy                  7 
_reflns.pdbx_Rmerge_I_obs                0.2 
_reflns.pdbx_Rmerge_I_all                ? 
_reflns.pdbx_Rsym_value                  ? 
_reflns.pdbx_netI_over_av_sigmaI         ? 
_reflns.pdbx_netI_over_sigmaI            7.9 
_reflns.pdbx_res_netI_over_av_sigmaI_2   ? 
_reflns.pdbx_res_netI_over_sigmaI_2      ? 
_reflns.pdbx_chi_squared                 ? 
_reflns.pdbx_scaling_rejects             ? 
_reflns.pdbx_d_res_high_opt              ? 
_reflns.pdbx_d_res_low_opt               ? 
_reflns.pdbx_d_res_opt_method            ? 
_reflns.phase_calculation_details        ? 
_reflns.pdbx_Rrim_I_all                  ? 
_reflns.pdbx_Rpim_I_all                  ? 
_reflns.pdbx_d_opt                       ? 
_reflns.pdbx_number_measured_all         ? 
_reflns.pdbx_diffrn_id                   1 
_reflns.pdbx_ordinal                     1 
_reflns.pdbx_CC_half                     ? 
_reflns.pdbx_R_split                     ? 
# 
_refine.aniso_B[1][1]                            ? 
_refine.aniso_B[1][2]                            ? 
_refine.aniso_B[1][3]                            ? 
_refine.aniso_B[2][2]                            ? 
_refine.aniso_B[2][3]                            ? 
_refine.aniso_B[3][3]                            ? 
_refine.B_iso_max                                ? 
_refine.B_iso_mean                               ? 
_refine.B_iso_min                                ? 
_refine.correlation_coeff_Fo_to_Fc               ? 
_refine.correlation_coeff_Fo_to_Fc_free          ? 
_refine.details                                  ? 
_refine.diff_density_max                         ? 
_refine.diff_density_max_esd                     ? 
_refine.diff_density_min                         ? 
_refine.diff_density_min_esd                     ? 
_refine.diff_density_rms                         ? 
_refine.diff_density_rms_esd                     ? 
_refine.entry_id                                 4ZN8 
_refine.pdbx_refine_id                           'X-RAY DIFFRACTION' 
_refine.ls_abs_structure_details                 ? 
_refine.ls_abs_structure_Flack                   ? 
_refine.ls_abs_structure_Flack_esd               ? 
_refine.ls_abs_structure_Rogers                  ? 
_refine.ls_abs_structure_Rogers_esd              ? 
_refine.ls_d_res_high                            3.000 
_refine.ls_d_res_low                             39 
_refine.ls_extinction_coef                       ? 
_refine.ls_extinction_coef_esd                   ? 
_refine.ls_extinction_expression                 ? 
_refine.ls_extinction_method                     ? 
_refine.ls_goodness_of_fit_all                   ? 
_refine.ls_goodness_of_fit_all_esd               ? 
_refine.ls_goodness_of_fit_obs                   ? 
_refine.ls_goodness_of_fit_obs_esd               ? 
_refine.ls_hydrogen_treatment                    ? 
_refine.ls_matrix_type                           ? 
_refine.ls_number_constraints                    ? 
_refine.ls_number_parameters                     ? 
_refine.ls_number_reflns_all                     ? 
_refine.ls_number_reflns_obs                     5192 
_refine.ls_number_reflns_R_free                  251 
_refine.ls_number_reflns_R_work                  ? 
_refine.ls_number_restraints                     ? 
_refine.ls_percent_reflns_obs                    98.17 
_refine.ls_percent_reflns_R_free                 4.83 
_refine.ls_R_factor_all                          ? 
_refine.ls_R_factor_obs                          0.2527 
_refine.ls_R_factor_R_free                       0.3121 
_refine.ls_R_factor_R_free_error                 ? 
_refine.ls_R_factor_R_free_error_details         ? 
_refine.ls_R_factor_R_work                       0.2495 
_refine.ls_R_Fsqd_factor_obs                     ? 
_refine.ls_R_I_factor_obs                        ? 
_refine.ls_redundancy_reflns_all                 ? 
_refine.ls_redundancy_reflns_obs                 ? 
_refine.ls_restrained_S_all                      ? 
_refine.ls_restrained_S_obs                      ? 
_refine.ls_shift_over_esd_max                    ? 
_refine.ls_shift_over_esd_mean                   ? 
_refine.ls_structure_factor_coef                 ? 
_refine.ls_weighting_details                     ? 
_refine.ls_weighting_scheme                      ? 
_refine.ls_wR_factor_all                         ? 
_refine.ls_wR_factor_obs                         ? 
_refine.ls_wR_factor_R_free                      ? 
_refine.ls_wR_factor_R_work                      ? 
_refine.occupancy_max                            ? 
_refine.occupancy_min                            ? 
_refine.solvent_model_details                    'FLAT BULK SOLVENT MODEL' 
_refine.solvent_model_param_bsol                 ? 
_refine.solvent_model_param_ksol                 ? 
_refine.ls_R_factor_gt                           ? 
_refine.ls_goodness_of_fit_gt                    ? 
_refine.ls_goodness_of_fit_ref                   ? 
_refine.ls_shift_over_su_max                     ? 
_refine.ls_shift_over_su_max_lt                  ? 
_refine.ls_shift_over_su_mean                    ? 
_refine.ls_shift_over_su_mean_lt                 ? 
_refine.pdbx_ls_sigma_I                          ? 
_refine.pdbx_ls_sigma_F                          1.88 
_refine.pdbx_ls_sigma_Fsqd                       ? 
_refine.pdbx_data_cutoff_high_absF               ? 
_refine.pdbx_data_cutoff_high_rms_absF           ? 
_refine.pdbx_data_cutoff_low_absF                ? 
_refine.pdbx_isotropic_thermal_model             ? 
_refine.pdbx_ls_cross_valid_method               'FREE R-VALUE' 
_refine.pdbx_method_to_determine_struct          MAD 
_refine.pdbx_starting_model                      ? 
_refine.pdbx_stereochemistry_target_values       ML 
_refine.pdbx_R_Free_selection_details            RANDOM 
_refine.pdbx_stereochem_target_val_spec_case     ? 
_refine.pdbx_overall_ESU_R                       ? 
_refine.pdbx_overall_ESU_R_Free                  ? 
_refine.pdbx_solvent_vdw_probe_radii             1.11 
_refine.pdbx_solvent_ion_probe_radii             ? 
_refine.pdbx_solvent_shrinkage_radii             0.90 
_refine.pdbx_real_space_R                        ? 
_refine.pdbx_density_correlation                 ? 
_refine.pdbx_pd_number_of_powder_patterns        ? 
_refine.pdbx_pd_number_of_points                 ? 
_refine.pdbx_pd_meas_number_of_points            ? 
_refine.pdbx_pd_proc_ls_prof_R_factor            ? 
_refine.pdbx_pd_proc_ls_prof_wR_factor           ? 
_refine.pdbx_pd_Marquardt_correlation_coeff      ? 
_refine.pdbx_pd_Fsqrd_R_factor                   ? 
_refine.pdbx_pd_ls_matrix_band_width             ? 
_refine.pdbx_overall_phase_error                 29.60 
_refine.pdbx_overall_SU_R_free_Cruickshank_DPI   ? 
_refine.pdbx_overall_SU_R_free_Blow_DPI          ? 
_refine.pdbx_overall_SU_R_Blow_DPI               ? 
_refine.pdbx_TLS_residual_ADP_flag               ? 
_refine.pdbx_diffrn_id                           1 
_refine.overall_SU_B                             ? 
_refine.overall_SU_ML                            0.33 
_refine.overall_SU_R_Cruickshank_DPI             ? 
_refine.overall_SU_R_free                        ? 
_refine.overall_FOM_free_R_set                   ? 
_refine.overall_FOM_work_R_set                   ? 
_refine.pdbx_average_fsc_overall                 ? 
_refine.pdbx_average_fsc_work                    ? 
_refine.pdbx_average_fsc_free                    ? 
# 
_refine_hist.pdbx_refine_id                   'X-RAY DIFFRACTION' 
_refine_hist.cycle_id                         LAST 
_refine_hist.pdbx_number_atoms_protein        1767 
_refine_hist.pdbx_number_atoms_nucleic_acid   0 
_refine_hist.pdbx_number_atoms_ligand         4 
_refine_hist.number_atoms_solvent             0 
_refine_hist.number_atoms_total               1771 
_refine_hist.d_res_high                       3.000 
_refine_hist.d_res_low                        39 
# 
loop_
_refine_ls_restr.pdbx_refine_id 
_refine_ls_restr.criterion 
_refine_ls_restr.dev_ideal 
_refine_ls_restr.dev_ideal_target 
_refine_ls_restr.number 
_refine_ls_restr.rejects 
_refine_ls_restr.type 
_refine_ls_restr.weight 
_refine_ls_restr.pdbx_restraint_function 
'X-RAY DIFFRACTION' ? 0.003  ? 1795 ? f_bond_d           ? ? 
'X-RAY DIFFRACTION' ? 0.628  ? 2382 ? f_angle_d          ? ? 
'X-RAY DIFFRACTION' ? 15.571 ? 736  ? f_dihedral_angle_d ? ? 
'X-RAY DIFFRACTION' ? 0.022  ? 229  ? f_chiral_restr     ? ? 
'X-RAY DIFFRACTION' ? 0.002  ? 314  ? f_plane_restr      ? ? 
# 
loop_
_refine_ls_shell.pdbx_refine_id 
_refine_ls_shell.d_res_high 
_refine_ls_shell.d_res_low 
_refine_ls_shell.number_reflns_all 
_refine_ls_shell.number_reflns_obs 
_refine_ls_shell.number_reflns_R_free 
_refine_ls_shell.number_reflns_R_work 
_refine_ls_shell.percent_reflns_obs 
_refine_ls_shell.percent_reflns_R_free 
_refine_ls_shell.R_factor_all 
_refine_ls_shell.R_factor_obs 
_refine_ls_shell.R_factor_R_free 
_refine_ls_shell.R_factor_R_free_error 
_refine_ls_shell.R_factor_R_work 
_refine_ls_shell.redundancy_reflns_all 
_refine_ls_shell.redundancy_reflns_obs 
_refine_ls_shell.wR_factor_all 
_refine_ls_shell.wR_factor_obs 
_refine_ls_shell.wR_factor_R_free 
_refine_ls_shell.wR_factor_R_work 
_refine_ls_shell.pdbx_total_number_of_bins_used 
_refine_ls_shell.pdbx_phase_error 
_refine_ls_shell.pdbx_fsc_work 
_refine_ls_shell.pdbx_fsc_free 
'X-RAY DIFFRACTION' 3.0000 3.7792  . . 113 2405 98.00 . . . 0.2995 . 0.2557 . . . . . . . . . . 
'X-RAY DIFFRACTION' 3.7792 39.7751 . . 138 2536 98.00 . . . 0.3189 . 0.2454 . . . . . . . . . . 
# 
_struct.entry_id                     4ZN8 
_struct.title                        
'Using molecular dynamics simulations to predict domain swapping of computationally designed protein variants' 
_struct.pdbx_model_details           ? 
_struct.pdbx_formula_weight          ? 
_struct.pdbx_formula_weight_method   ? 
_struct.pdbx_model_type_details      ? 
_struct.pdbx_CASP_flag               ? 
# 
_struct_keywords.entry_id        4ZN8 
_struct_keywords.text            'computational protein design, domain-swapped dimer, DE NOVO PROTEIN' 
_struct_keywords.pdbx_keywords   'DE NOVO PROTEIN' 
# 
loop_
_struct_asym.id 
_struct_asym.pdbx_blank_PDB_chainid_flag 
_struct_asym.pdbx_modified 
_struct_asym.entity_id 
_struct_asym.details 
A N N 1 ? 
B N N 1 ? 
C N N 1 ? 
D N N 1 ? 
E N N 2 ? 
F N N 2 ? 
G N N 2 ? 
H N N 2 ? 
# 
_struct_ref.id                         1 
_struct_ref.db_name                    PDB 
_struct_ref.db_code                    4ZN8 
_struct_ref.pdbx_db_accession          4ZN8 
_struct_ref.pdbx_db_isoform            ? 
_struct_ref.entity_id                  1 
_struct_ref.pdbx_seq_one_letter_code   ? 
_struct_ref.pdbx_align_begin           1 
# 
loop_
_struct_ref_seq.align_id 
_struct_ref_seq.ref_id 
_struct_ref_seq.pdbx_PDB_id_code 
_struct_ref_seq.pdbx_strand_id 
_struct_ref_seq.seq_align_beg 
_struct_ref_seq.pdbx_seq_align_beg_ins_code 
_struct_ref_seq.seq_align_end 
_struct_ref_seq.pdbx_seq_align_end_ins_code 
_struct_ref_seq.pdbx_db_accession 
_struct_ref_seq.db_align_beg 
_struct_ref_seq.pdbx_db_align_beg_ins_code 
_struct_ref_seq.db_align_end 
_struct_ref_seq.pdbx_db_align_end_ins_code 
_struct_ref_seq.pdbx_auth_seq_align_beg 
_struct_ref_seq.pdbx_auth_seq_align_end 
1 1 4ZN8 A 1 ? 51 ? 4ZN8 1 ? 51 ? 1 51 
2 1 4ZN8 B 1 ? 51 ? 4ZN8 1 ? 51 ? 1 51 
3 1 4ZN8 C 1 ? 51 ? 4ZN8 1 ? 51 ? 1 51 
4 1 4ZN8 D 1 ? 51 ? 4ZN8 1 ? 51 ? 1 51 
# 
_pdbx_struct_assembly.id                   1 
_pdbx_struct_assembly.details              author_and_software_defined_assembly 
_pdbx_struct_assembly.method_details       PISA 
_pdbx_struct_assembly.oligomeric_details   tetrameric 
_pdbx_struct_assembly.oligomeric_count     4 
# 
loop_
_pdbx_struct_assembly_prop.biol_id 
_pdbx_struct_assembly_prop.type 
_pdbx_struct_assembly_prop.value 
_pdbx_struct_assembly_prop.details 
1 'ABSA (A^2)' 8160  ? 
1 MORE         -55   ? 
1 'SSA (A^2)'  12110 ? 
# 
_pdbx_struct_assembly_gen.assembly_id       1 
_pdbx_struct_assembly_gen.oper_expression   1 
_pdbx_struct_assembly_gen.asym_id_list      A,B,C,D,E,F,G,H 
# 
_pdbx_struct_oper_list.id                   1 
_pdbx_struct_oper_list.type                 'identity operation' 
_pdbx_struct_oper_list.name                 1_555 
_pdbx_struct_oper_list.symmetry_operation   x,y,z 
_pdbx_struct_oper_list.matrix[1][1]         1.0000000000 
_pdbx_struct_oper_list.matrix[1][2]         0.0000000000 
_pdbx_struct_oper_list.matrix[1][3]         0.0000000000 
_pdbx_struct_oper_list.vector[1]            0.0000000000 
_pdbx_struct_oper_list.matrix[2][1]         0.0000000000 
_pdbx_struct_oper_list.matrix[2][2]         1.0000000000 
_pdbx_struct_oper_list.matrix[2][3]         0.0000000000 
_pdbx_struct_oper_list.vector[2]            0.0000000000 
_pdbx_struct_oper_list.matrix[3][1]         0.0000000000 
_pdbx_struct_oper_list.matrix[3][2]         0.0000000000 
_pdbx_struct_oper_list.matrix[3][3]         1.0000000000 
_pdbx_struct_oper_list.vector[3]            0.0000000000 
# 
loop_
_struct_conf.conf_type_id 
_struct_conf.id 
_struct_conf.pdbx_PDB_helix_id 
_struct_conf.beg_label_comp_id 
_struct_conf.beg_label_asym_id 
_struct_conf.beg_label_seq_id 
_struct_conf.pdbx_beg_PDB_ins_code 
_struct_conf.end_label_comp_id 
_struct_conf.end_label_asym_id 
_struct_conf.end_label_seq_id 
_struct_conf.pdbx_end_PDB_ins_code 
_struct_conf.beg_auth_comp_id 
_struct_conf.beg_auth_asym_id 
_struct_conf.beg_auth_seq_id 
_struct_conf.end_auth_comp_id 
_struct_conf.end_auth_asym_id 
_struct_conf.end_auth_seq_id 
_struct_conf.pdbx_PDB_helix_class 
_struct_conf.details 
_struct_conf.pdbx_PDB_helix_length 
HELX_P HELX_P1 AA1 SER A 4  ? GLN A 31 ? SER A 4  GLN A 31 1 ? 28 
HELX_P HELX_P2 AA2 GLU A 38 ? GLN A 49 ? GLU A 38 GLN A 49 1 ? 12 
HELX_P HELX_P3 AA3 SER B 4  ? GLY B 34 ? SER B 4  GLY B 34 1 ? 31 
HELX_P HELX_P4 AA4 ASN B 36 ? PHE B 44 ? ASN B 36 PHE B 44 1 ? 9  
HELX_P HELX_P5 AA5 GLU C 6  ? LEU C 33 ? GLU C 6  LEU C 33 1 ? 28 
HELX_P HELX_P6 AA6 ASN C 36 ? ARG C 46 ? ASN C 36 ARG C 46 1 ? 11 
HELX_P HELX_P7 AA7 GLU D 6  ? GLY D 34 ? GLU D 6  GLY D 34 1 ? 29 
HELX_P HELX_P8 AA8 ASN D 36 ? LYS D 47 ? ASN D 36 LYS D 47 1 ? 12 
# 
_struct_conf_type.id          HELX_P 
_struct_conf_type.criteria    ? 
_struct_conf_type.reference   ? 
# 
loop_
_struct_conn.id 
_struct_conn.conn_type_id 
_struct_conn.pdbx_leaving_atom_flag 
_struct_conn.pdbx_PDB_id 
_struct_conn.ptnr1_label_asym_id 
_struct_conn.ptnr1_label_comp_id 
_struct_conn.ptnr1_label_seq_id 
_struct_conn.ptnr1_label_atom_id 
_struct_conn.pdbx_ptnr1_label_alt_id 
_struct_conn.pdbx_ptnr1_PDB_ins_code 
_struct_conn.pdbx_ptnr1_standard_comp_id 
_struct_conn.ptnr1_symmetry 
_struct_conn.ptnr2_label_asym_id 
_struct_conn.ptnr2_label_comp_id 
_struct_conn.ptnr2_label_seq_id 
_struct_conn.ptnr2_label_atom_id 
_struct_conn.pdbx_ptnr2_label_alt_id 
_struct_conn.pdbx_ptnr2_PDB_ins_code 
_struct_conn.ptnr1_auth_asym_id 
_struct_conn.ptnr1_auth_comp_id 
_struct_conn.ptnr1_auth_seq_id 
_struct_conn.ptnr2_auth_asym_id 
_struct_conn.ptnr2_auth_comp_id 
_struct_conn.ptnr2_auth_seq_id 
_struct_conn.ptnr2_symmetry 
_struct_conn.pdbx_ptnr3_label_atom_id 
_struct_conn.pdbx_ptnr3_label_seq_id 
_struct_conn.pdbx_ptnr3_label_comp_id 
_struct_conn.pdbx_ptnr3_label_asym_id 
_struct_conn.pdbx_ptnr3_label_alt_id 
_struct_conn.pdbx_ptnr3_PDB_ins_code 
_struct_conn.details 
_struct_conn.pdbx_dist_value 
_struct_conn.pdbx_value_order 
_struct_conn.pdbx_role 
covale1 covale both ? A ARG 20 C   ? ? ? 1_555 A MSE 21 N ? ? A ARG 20  A MSE 21  1_555 ? ? ? ? ? ? ? 1.330 ? ? 
covale2 covale both ? A MSE 21 C   ? ? ? 1_555 A THR 22 N ? ? A MSE 21  A THR 22  1_555 ? ? ? ? ? ? ? 1.330 ? ? 
covale3 covale both ? B ARG 20 C   ? ? ? 1_555 B MSE 21 N ? ? B ARG 20  B MSE 21  1_555 ? ? ? ? ? ? ? 1.330 ? ? 
covale4 covale both ? B MSE 21 C   ? ? ? 1_555 B THR 22 N ? ? B MSE 21  B THR 22  1_555 ? ? ? ? ? ? ? 1.328 ? ? 
covale5 covale both ? C ARG 20 C   ? ? ? 1_555 C MSE 21 N ? ? C ARG 20  C MSE 21  1_555 ? ? ? ? ? ? ? 1.330 ? ? 
covale6 covale both ? C MSE 21 C   ? ? ? 1_555 C THR 22 N ? ? C MSE 21  C THR 22  1_555 ? ? ? ? ? ? ? 1.330 ? ? 
covale7 covale both ? D ARG 20 C   ? ? ? 1_555 D MSE 21 N ? ? D ARG 20  D MSE 21  1_555 ? ? ? ? ? ? ? 1.329 ? ? 
covale8 covale both ? D MSE 21 C   ? ? ? 1_555 D THR 22 N ? ? D MSE 21  D THR 22  1_555 ? ? ? ? ? ? ? 1.330 ? ? 
metalc1 metalc ?    ? C GLN 31 OE1 ? ? ? 1_555 F K   .  K ? ? C GLN 31  C K   101 1_555 ? ? ? ? ? ? ? 3.152 ? ? 
metalc2 metalc ?    ? F K   .  K   ? ? ? 3_655 D ARG 27 O ? ? C K   101 D ARG 27  1_555 ? ? ? ? ? ? ? 3.360 ? ? 
metalc3 metalc ?    ? D ARG 46 O   ? ? ? 1_555 H K   .  K ? ? D ARG 46  D K   101 1_555 ? ? ? ? ? ? ? 3.447 ? ? 
# 
loop_
_struct_conn_type.id 
_struct_conn_type.criteria 
_struct_conn_type.reference 
covale ? ? 
metalc ? ? 
# 
_pdbx_struct_conn_angle.id                    1 
_pdbx_struct_conn_angle.ptnr1_label_atom_id   OE1 
_pdbx_struct_conn_angle.ptnr1_label_alt_id    ? 
_pdbx_struct_conn_angle.ptnr1_label_asym_id   C 
_pdbx_struct_conn_angle.ptnr1_label_comp_id   GLN 
_pdbx_struct_conn_angle.ptnr1_label_seq_id    31 
_pdbx_struct_conn_angle.ptnr1_auth_atom_id    ? 
_pdbx_struct_conn_angle.ptnr1_auth_asym_id    C 
_pdbx_struct_conn_angle.ptnr1_auth_comp_id    GLN 
_pdbx_struct_conn_angle.ptnr1_auth_seq_id     31 
_pdbx_struct_conn_angle.ptnr1_PDB_ins_code    ? 
_pdbx_struct_conn_angle.ptnr1_symmetry        1_555 
_pdbx_struct_conn_angle.ptnr2_label_atom_id   K 
_pdbx_struct_conn_angle.ptnr2_label_alt_id    ? 
_pdbx_struct_conn_angle.ptnr2_label_asym_id   F 
_pdbx_struct_conn_angle.ptnr2_label_comp_id   K 
_pdbx_struct_conn_angle.ptnr2_label_seq_id    . 
_pdbx_struct_conn_angle.ptnr2_auth_atom_id    ? 
_pdbx_struct_conn_angle.ptnr2_auth_asym_id    C 
_pdbx_struct_conn_angle.ptnr2_auth_comp_id    K 
_pdbx_struct_conn_angle.ptnr2_auth_seq_id     101 
_pdbx_struct_conn_angle.ptnr2_PDB_ins_code    ? 
_pdbx_struct_conn_angle.ptnr2_symmetry        1_555 
_pdbx_struct_conn_angle.ptnr3_label_atom_id   O 
_pdbx_struct_conn_angle.ptnr3_label_alt_id    ? 
_pdbx_struct_conn_angle.ptnr3_label_asym_id   D 
_pdbx_struct_conn_angle.ptnr3_label_comp_id   ARG 
_pdbx_struct_conn_angle.ptnr3_label_seq_id    27 
_pdbx_struct_conn_angle.ptnr3_auth_atom_id    ? 
_pdbx_struct_conn_angle.ptnr3_auth_asym_id    D 
_pdbx_struct_conn_angle.ptnr3_auth_comp_id    ARG 
_pdbx_struct_conn_angle.ptnr3_auth_seq_id     27 
_pdbx_struct_conn_angle.ptnr3_PDB_ins_code    ? 
_pdbx_struct_conn_angle.ptnr3_symmetry        1_555 
_pdbx_struct_conn_angle.value                 68.1 
_pdbx_struct_conn_angle.value_esd             ? 
# 
loop_
_pdbx_modification_feature.ordinal 
_pdbx_modification_feature.label_comp_id 
_pdbx_modification_feature.label_asym_id 
_pdbx_modification_feature.label_seq_id 
_pdbx_modification_feature.label_alt_id 
_pdbx_modification_feature.modified_residue_label_comp_id 
_pdbx_modification_feature.modified_residue_label_asym_id 
_pdbx_modification_feature.modified_residue_label_seq_id 
_pdbx_modification_feature.modified_residue_label_alt_id 
_pdbx_modification_feature.auth_comp_id 
_pdbx_modification_feature.auth_asym_id 
_pdbx_modification_feature.auth_seq_id 
_pdbx_modification_feature.PDB_ins_code 
_pdbx_modification_feature.symmetry 
_pdbx_modification_feature.modified_residue_auth_comp_id 
_pdbx_modification_feature.modified_residue_auth_asym_id 
_pdbx_modification_feature.modified_residue_auth_seq_id 
_pdbx_modification_feature.modified_residue_PDB_ins_code 
_pdbx_modification_feature.modified_residue_symmetry 
_pdbx_modification_feature.comp_id_linking_atom 
_pdbx_modification_feature.modified_residue_id_linking_atom 
_pdbx_modification_feature.modified_residue_id 
_pdbx_modification_feature.ref_pcm_id 
_pdbx_modification_feature.ref_comp_id 
_pdbx_modification_feature.type 
_pdbx_modification_feature.category 
1 MSE A 21 ? . . . . MSE A 21 ? 1_555 . . . . . . . MET 1 MSE Selenomethionine 'Named protein modification' 
2 MSE B 21 ? . . . . MSE B 21 ? 1_555 . . . . . . . MET 1 MSE Selenomethionine 'Named protein modification' 
3 MSE C 21 ? . . . . MSE C 21 ? 1_555 . . . . . . . MET 1 MSE Selenomethionine 'Named protein modification' 
4 MSE D 21 ? . . . . MSE D 21 ? 1_555 . . . . . . . MET 1 MSE Selenomethionine 'Named protein modification' 
# 
loop_
_struct_site.id 
_struct_site.pdbx_evidence_code 
_struct_site.pdbx_auth_asym_id 
_struct_site.pdbx_auth_comp_id 
_struct_site.pdbx_auth_seq_id 
_struct_site.pdbx_auth_ins_code 
_struct_site.pdbx_num_residues 
_struct_site.details 
AC1 Software A K 101 ? 1 'binding site for residue K A 101' 
AC2 Software C K 101 ? 3 'binding site for residue K C 101' 
AC3 Software D K 101 ? 2 'binding site for residue K D 101' 
# 
loop_
_struct_site_gen.id 
_struct_site_gen.site_id 
_struct_site_gen.pdbx_num_res 
_struct_site_gen.label_comp_id 
_struct_site_gen.label_asym_id 
_struct_site_gen.label_seq_id 
_struct_site_gen.pdbx_auth_ins_code 
_struct_site_gen.auth_comp_id 
_struct_site_gen.auth_asym_id 
_struct_site_gen.auth_seq_id 
_struct_site_gen.label_atom_id 
_struct_site_gen.label_alt_id 
_struct_site_gen.symmetry 
_struct_site_gen.details 
1 AC1 1 ARG B 27 ? ARG B 27 . ? 3_655 ? 
2 AC2 3 ARG B 20 ? ARG B 20 . ? 1_555 ? 
3 AC2 3 GLN C 31 ? GLN C 31 . ? 1_555 ? 
4 AC2 3 ARG D 27 ? ARG D 27 . ? 3_645 ? 
5 AC3 2 ARG D 46 ? ARG D 46 . ? 1_555 ? 
6 AC3 2 LYS D 47 ? LYS D 47 . ? 1_555 ? 
# 
_pdbx_entry_details.entry_id                   4ZN8 
_pdbx_entry_details.compound_details           ? 
_pdbx_entry_details.source_details             ? 
_pdbx_entry_details.nonpolymer_details         ? 
_pdbx_entry_details.sequence_details           ? 
_pdbx_entry_details.has_ligand_of_interest     ? 
_pdbx_entry_details.has_protein_modification   Y 
# 
_pdbx_validate_close_contact.id               1 
_pdbx_validate_close_contact.PDB_model_num    1 
_pdbx_validate_close_contact.auth_atom_id_1   OE2 
_pdbx_validate_close_contact.auth_asym_id_1   C 
_pdbx_validate_close_contact.auth_comp_id_1   GLU 
_pdbx_validate_close_contact.auth_seq_id_1    6 
_pdbx_validate_close_contact.PDB_ins_code_1   ? 
_pdbx_validate_close_contact.label_alt_id_1   ? 
_pdbx_validate_close_contact.auth_atom_id_2   NH2 
_pdbx_validate_close_contact.auth_asym_id_2   C 
_pdbx_validate_close_contact.auth_comp_id_2   ARG 
_pdbx_validate_close_contact.auth_seq_id_2    9 
_pdbx_validate_close_contact.PDB_ins_code_2   ? 
_pdbx_validate_close_contact.label_alt_id_2   ? 
_pdbx_validate_close_contact.dist             2.18 
# 
loop_
_pdbx_validate_torsion.id 
_pdbx_validate_torsion.PDB_model_num 
_pdbx_validate_torsion.auth_comp_id 
_pdbx_validate_torsion.auth_asym_id 
_pdbx_validate_torsion.auth_seq_id 
_pdbx_validate_torsion.PDB_ins_code 
_pdbx_validate_torsion.label_alt_id 
_pdbx_validate_torsion.phi 
_pdbx_validate_torsion.psi 
1 1 ARG A 32 ? ? -140.36 -24.63  
2 1 GLN A 49 ? ? -86.24  36.18   
3 1 GLN A 50 ? ? 70.80   127.58  
4 1 PHE B 3  ? ? -105.92 -132.84 
5 1 ARG B 45 ? ? 59.29   2.48    
# 
loop_
_pdbx_unobs_or_zero_occ_residues.id 
_pdbx_unobs_or_zero_occ_residues.PDB_model_num 
_pdbx_unobs_or_zero_occ_residues.polymer_flag 
_pdbx_unobs_or_zero_occ_residues.occupancy_flag 
_pdbx_unobs_or_zero_occ_residues.auth_asym_id 
_pdbx_unobs_or_zero_occ_residues.auth_comp_id 
_pdbx_unobs_or_zero_occ_residues.auth_seq_id 
_pdbx_unobs_or_zero_occ_residues.PDB_ins_code 
_pdbx_unobs_or_zero_occ_residues.label_asym_id 
_pdbx_unobs_or_zero_occ_residues.label_comp_id 
_pdbx_unobs_or_zero_occ_residues.label_seq_id 
1  1 Y 1 B THR 1  ? B THR 1  
2  1 Y 1 B ILE 51 ? B ILE 51 
3  1 Y 1 C THR 1  ? C THR 1  
4  1 Y 1 C GLU 2  ? C GLU 2  
5  1 Y 1 C GLN 49 ? C GLN 49 
6  1 Y 1 C GLN 50 ? C GLN 50 
7  1 Y 1 C ILE 51 ? C ILE 51 
8  1 Y 1 D THR 1  ? D THR 1  
9  1 Y 1 D GLU 48 ? D GLU 48 
10 1 Y 1 D GLN 49 ? D GLN 49 
11 1 Y 1 D GLN 50 ? D GLN 50 
12 1 Y 1 D ILE 51 ? D ILE 51 
# 
loop_
_chem_comp_atom.comp_id 
_chem_comp_atom.atom_id 
_chem_comp_atom.type_symbol 
_chem_comp_atom.pdbx_aromatic_flag 
_chem_comp_atom.pdbx_stereo_config 
_chem_comp_atom.pdbx_ordinal 
ARG N    N  N N 1   
ARG CA   C  N S 2   
ARG C    C  N N 3   
ARG O    O  N N 4   
ARG CB   C  N N 5   
ARG CG   C  N N 6   
ARG CD   C  N N 7   
ARG NE   N  N N 8   
ARG CZ   C  N N 9   
ARG NH1  N  N N 10  
ARG NH2  N  N N 11  
ARG OXT  O  N N 12  
ARG H    H  N N 13  
ARG H2   H  N N 14  
ARG HA   H  N N 15  
ARG HB2  H  N N 16  
ARG HB3  H  N N 17  
ARG HG2  H  N N 18  
ARG HG3  H  N N 19  
ARG HD2  H  N N 20  
ARG HD3  H  N N 21  
ARG HE   H  N N 22  
ARG HH11 H  N N 23  
ARG HH12 H  N N 24  
ARG HH21 H  N N 25  
ARG HH22 H  N N 26  
ARG HXT  H  N N 27  
ASN N    N  N N 28  
ASN CA   C  N S 29  
ASN C    C  N N 30  
ASN O    O  N N 31  
ASN CB   C  N N 32  
ASN CG   C  N N 33  
ASN OD1  O  N N 34  
ASN ND2  N  N N 35  
ASN OXT  O  N N 36  
ASN H    H  N N 37  
ASN H2   H  N N 38  
ASN HA   H  N N 39  
ASN HB2  H  N N 40  
ASN HB3  H  N N 41  
ASN HD21 H  N N 42  
ASN HD22 H  N N 43  
ASN HXT  H  N N 44  
ASP N    N  N N 45  
ASP CA   C  N S 46  
ASP C    C  N N 47  
ASP O    O  N N 48  
ASP CB   C  N N 49  
ASP CG   C  N N 50  
ASP OD1  O  N N 51  
ASP OD2  O  N N 52  
ASP OXT  O  N N 53  
ASP H    H  N N 54  
ASP H2   H  N N 55  
ASP HA   H  N N 56  
ASP HB2  H  N N 57  
ASP HB3  H  N N 58  
ASP HD2  H  N N 59  
ASP HXT  H  N N 60  
GLN N    N  N N 61  
GLN CA   C  N S 62  
GLN C    C  N N 63  
GLN O    O  N N 64  
GLN CB   C  N N 65  
GLN CG   C  N N 66  
GLN CD   C  N N 67  
GLN OE1  O  N N 68  
GLN NE2  N  N N 69  
GLN OXT  O  N N 70  
GLN H    H  N N 71  
GLN H2   H  N N 72  
GLN HA   H  N N 73  
GLN HB2  H  N N 74  
GLN HB3  H  N N 75  
GLN HG2  H  N N 76  
GLN HG3  H  N N 77  
GLN HE21 H  N N 78  
GLN HE22 H  N N 79  
GLN HXT  H  N N 80  
GLU N    N  N N 81  
GLU CA   C  N S 82  
GLU C    C  N N 83  
GLU O    O  N N 84  
GLU CB   C  N N 85  
GLU CG   C  N N 86  
GLU CD   C  N N 87  
GLU OE1  O  N N 88  
GLU OE2  O  N N 89  
GLU OXT  O  N N 90  
GLU H    H  N N 91  
GLU H2   H  N N 92  
GLU HA   H  N N 93  
GLU HB2  H  N N 94  
GLU HB3  H  N N 95  
GLU HG2  H  N N 96  
GLU HG3  H  N N 97  
GLU HE2  H  N N 98  
GLU HXT  H  N N 99  
GLY N    N  N N 100 
GLY CA   C  N N 101 
GLY C    C  N N 102 
GLY O    O  N N 103 
GLY OXT  O  N N 104 
GLY H    H  N N 105 
GLY H2   H  N N 106 
GLY HA2  H  N N 107 
GLY HA3  H  N N 108 
GLY HXT  H  N N 109 
ILE N    N  N N 110 
ILE CA   C  N S 111 
ILE C    C  N N 112 
ILE O    O  N N 113 
ILE CB   C  N S 114 
ILE CG1  C  N N 115 
ILE CG2  C  N N 116 
ILE CD1  C  N N 117 
ILE OXT  O  N N 118 
ILE H    H  N N 119 
ILE H2   H  N N 120 
ILE HA   H  N N 121 
ILE HB   H  N N 122 
ILE HG12 H  N N 123 
ILE HG13 H  N N 124 
ILE HG21 H  N N 125 
ILE HG22 H  N N 126 
ILE HG23 H  N N 127 
ILE HD11 H  N N 128 
ILE HD12 H  N N 129 
ILE HD13 H  N N 130 
ILE HXT  H  N N 131 
K   K    K  N N 132 
LEU N    N  N N 133 
LEU CA   C  N S 134 
LEU C    C  N N 135 
LEU O    O  N N 136 
LEU CB   C  N N 137 
LEU CG   C  N N 138 
LEU CD1  C  N N 139 
LEU CD2  C  N N 140 
LEU OXT  O  N N 141 
LEU H    H  N N 142 
LEU H2   H  N N 143 
LEU HA   H  N N 144 
LEU HB2  H  N N 145 
LEU HB3  H  N N 146 
LEU HG   H  N N 147 
LEU HD11 H  N N 148 
LEU HD12 H  N N 149 
LEU HD13 H  N N 150 
LEU HD21 H  N N 151 
LEU HD22 H  N N 152 
LEU HD23 H  N N 153 
LEU HXT  H  N N 154 
LYS N    N  N N 155 
LYS CA   C  N S 156 
LYS C    C  N N 157 
LYS O    O  N N 158 
LYS CB   C  N N 159 
LYS CG   C  N N 160 
LYS CD   C  N N 161 
LYS CE   C  N N 162 
LYS NZ   N  N N 163 
LYS OXT  O  N N 164 
LYS H    H  N N 165 
LYS H2   H  N N 166 
LYS HA   H  N N 167 
LYS HB2  H  N N 168 
LYS HB3  H  N N 169 
LYS HG2  H  N N 170 
LYS HG3  H  N N 171 
LYS HD2  H  N N 172 
LYS HD3  H  N N 173 
LYS HE2  H  N N 174 
LYS HE3  H  N N 175 
LYS HZ1  H  N N 176 
LYS HZ2  H  N N 177 
LYS HZ3  H  N N 178 
LYS HXT  H  N N 179 
MSE N    N  N N 180 
MSE CA   C  N S 181 
MSE C    C  N N 182 
MSE O    O  N N 183 
MSE OXT  O  N N 184 
MSE CB   C  N N 185 
MSE CG   C  N N 186 
MSE SE   SE N N 187 
MSE CE   C  N N 188 
MSE H    H  N N 189 
MSE H2   H  N N 190 
MSE HA   H  N N 191 
MSE HXT  H  N N 192 
MSE HB2  H  N N 193 
MSE HB3  H  N N 194 
MSE HG2  H  N N 195 
MSE HG3  H  N N 196 
MSE HE1  H  N N 197 
MSE HE2  H  N N 198 
MSE HE3  H  N N 199 
PHE N    N  N N 200 
PHE CA   C  N S 201 
PHE C    C  N N 202 
PHE O    O  N N 203 
PHE CB   C  N N 204 
PHE CG   C  Y N 205 
PHE CD1  C  Y N 206 
PHE CD2  C  Y N 207 
PHE CE1  C  Y N 208 
PHE CE2  C  Y N 209 
PHE CZ   C  Y N 210 
PHE OXT  O  N N 211 
PHE H    H  N N 212 
PHE H2   H  N N 213 
PHE HA   H  N N 214 
PHE HB2  H  N N 215 
PHE HB3  H  N N 216 
PHE HD1  H  N N 217 
PHE HD2  H  N N 218 
PHE HE1  H  N N 219 
PHE HE2  H  N N 220 
PHE HZ   H  N N 221 
PHE HXT  H  N N 222 
SER N    N  N N 223 
SER CA   C  N S 224 
SER C    C  N N 225 
SER O    O  N N 226 
SER CB   C  N N 227 
SER OG   O  N N 228 
SER OXT  O  N N 229 
SER H    H  N N 230 
SER H2   H  N N 231 
SER HA   H  N N 232 
SER HB2  H  N N 233 
SER HB3  H  N N 234 
SER HG   H  N N 235 
SER HXT  H  N N 236 
THR N    N  N N 237 
THR CA   C  N S 238 
THR C    C  N N 239 
THR O    O  N N 240 
THR CB   C  N R 241 
THR OG1  O  N N 242 
THR CG2  C  N N 243 
THR OXT  O  N N 244 
THR H    H  N N 245 
THR H2   H  N N 246 
THR HA   H  N N 247 
THR HB   H  N N 248 
THR HG1  H  N N 249 
THR HG21 H  N N 250 
THR HG22 H  N N 251 
THR HG23 H  N N 252 
THR HXT  H  N N 253 
TRP N    N  N N 254 
TRP CA   C  N S 255 
TRP C    C  N N 256 
TRP O    O  N N 257 
TRP CB   C  N N 258 
TRP CG   C  Y N 259 
TRP CD1  C  Y N 260 
TRP CD2  C  Y N 261 
TRP NE1  N  Y N 262 
TRP CE2  C  Y N 263 
TRP CE3  C  Y N 264 
TRP CZ2  C  Y N 265 
TRP CZ3  C  Y N 266 
TRP CH2  C  Y N 267 
TRP OXT  O  N N 268 
TRP H    H  N N 269 
TRP H2   H  N N 270 
TRP HA   H  N N 271 
TRP HB2  H  N N 272 
TRP HB3  H  N N 273 
TRP HD1  H  N N 274 
TRP HE1  H  N N 275 
TRP HE3  H  N N 276 
TRP HZ2  H  N N 277 
TRP HZ3  H  N N 278 
TRP HH2  H  N N 279 
TRP HXT  H  N N 280 
# 
loop_
_chem_comp_bond.comp_id 
_chem_comp_bond.atom_id_1 
_chem_comp_bond.atom_id_2 
_chem_comp_bond.value_order 
_chem_comp_bond.pdbx_aromatic_flag 
_chem_comp_bond.pdbx_stereo_config 
_chem_comp_bond.pdbx_ordinal 
ARG N   CA   sing N N 1   
ARG N   H    sing N N 2   
ARG N   H2   sing N N 3   
ARG CA  C    sing N N 4   
ARG CA  CB   sing N N 5   
ARG CA  HA   sing N N 6   
ARG C   O    doub N N 7   
ARG C   OXT  sing N N 8   
ARG CB  CG   sing N N 9   
ARG CB  HB2  sing N N 10  
ARG CB  HB3  sing N N 11  
ARG CG  CD   sing N N 12  
ARG CG  HG2  sing N N 13  
ARG CG  HG3  sing N N 14  
ARG CD  NE   sing N N 15  
ARG CD  HD2  sing N N 16  
ARG CD  HD3  sing N N 17  
ARG NE  CZ   sing N N 18  
ARG NE  HE   sing N N 19  
ARG CZ  NH1  sing N N 20  
ARG CZ  NH2  doub N N 21  
ARG NH1 HH11 sing N N 22  
ARG NH1 HH12 sing N N 23  
ARG NH2 HH21 sing N N 24  
ARG NH2 HH22 sing N N 25  
ARG OXT HXT  sing N N 26  
ASN N   CA   sing N N 27  
ASN N   H    sing N N 28  
ASN N   H2   sing N N 29  
ASN CA  C    sing N N 30  
ASN CA  CB   sing N N 31  
ASN CA  HA   sing N N 32  
ASN C   O    doub N N 33  
ASN C   OXT  sing N N 34  
ASN CB  CG   sing N N 35  
ASN CB  HB2  sing N N 36  
ASN CB  HB3  sing N N 37  
ASN CG  OD1  doub N N 38  
ASN CG  ND2  sing N N 39  
ASN ND2 HD21 sing N N 40  
ASN ND2 HD22 sing N N 41  
ASN OXT HXT  sing N N 42  
ASP N   CA   sing N N 43  
ASP N   H    sing N N 44  
ASP N   H2   sing N N 45  
ASP CA  C    sing N N 46  
ASP CA  CB   sing N N 47  
ASP CA  HA   sing N N 48  
ASP C   O    doub N N 49  
ASP C   OXT  sing N N 50  
ASP CB  CG   sing N N 51  
ASP CB  HB2  sing N N 52  
ASP CB  HB3  sing N N 53  
ASP CG  OD1  doub N N 54  
ASP CG  OD2  sing N N 55  
ASP OD2 HD2  sing N N 56  
ASP OXT HXT  sing N N 57  
GLN N   CA   sing N N 58  
GLN N   H    sing N N 59  
GLN N   H2   sing N N 60  
GLN CA  C    sing N N 61  
GLN CA  CB   sing N N 62  
GLN CA  HA   sing N N 63  
GLN C   O    doub N N 64  
GLN C   OXT  sing N N 65  
GLN CB  CG   sing N N 66  
GLN CB  HB2  sing N N 67  
GLN CB  HB3  sing N N 68  
GLN CG  CD   sing N N 69  
GLN CG  HG2  sing N N 70  
GLN CG  HG3  sing N N 71  
GLN CD  OE1  doub N N 72  
GLN CD  NE2  sing N N 73  
GLN NE2 HE21 sing N N 74  
GLN NE2 HE22 sing N N 75  
GLN OXT HXT  sing N N 76  
GLU N   CA   sing N N 77  
GLU N   H    sing N N 78  
GLU N   H2   sing N N 79  
GLU CA  C    sing N N 80  
GLU CA  CB   sing N N 81  
GLU CA  HA   sing N N 82  
GLU C   O    doub N N 83  
GLU C   OXT  sing N N 84  
GLU CB  CG   sing N N 85  
GLU CB  HB2  sing N N 86  
GLU CB  HB3  sing N N 87  
GLU CG  CD   sing N N 88  
GLU CG  HG2  sing N N 89  
GLU CG  HG3  sing N N 90  
GLU CD  OE1  doub N N 91  
GLU CD  OE2  sing N N 92  
GLU OE2 HE2  sing N N 93  
GLU OXT HXT  sing N N 94  
GLY N   CA   sing N N 95  
GLY N   H    sing N N 96  
GLY N   H2   sing N N 97  
GLY CA  C    sing N N 98  
GLY CA  HA2  sing N N 99  
GLY CA  HA3  sing N N 100 
GLY C   O    doub N N 101 
GLY C   OXT  sing N N 102 
GLY OXT HXT  sing N N 103 
ILE N   CA   sing N N 104 
ILE N   H    sing N N 105 
ILE N   H2   sing N N 106 
ILE CA  C    sing N N 107 
ILE CA  CB   sing N N 108 
ILE CA  HA   sing N N 109 
ILE C   O    doub N N 110 
ILE C   OXT  sing N N 111 
ILE CB  CG1  sing N N 112 
ILE CB  CG2  sing N N 113 
ILE CB  HB   sing N N 114 
ILE CG1 CD1  sing N N 115 
ILE CG1 HG12 sing N N 116 
ILE CG1 HG13 sing N N 117 
ILE CG2 HG21 sing N N 118 
ILE CG2 HG22 sing N N 119 
ILE CG2 HG23 sing N N 120 
ILE CD1 HD11 sing N N 121 
ILE CD1 HD12 sing N N 122 
ILE CD1 HD13 sing N N 123 
ILE OXT HXT  sing N N 124 
LEU N   CA   sing N N 125 
LEU N   H    sing N N 126 
LEU N   H2   sing N N 127 
LEU CA  C    sing N N 128 
LEU CA  CB   sing N N 129 
LEU CA  HA   sing N N 130 
LEU C   O    doub N N 131 
LEU C   OXT  sing N N 132 
LEU CB  CG   sing N N 133 
LEU CB  HB2  sing N N 134 
LEU CB  HB3  sing N N 135 
LEU CG  CD1  sing N N 136 
LEU CG  CD2  sing N N 137 
LEU CG  HG   sing N N 138 
LEU CD1 HD11 sing N N 139 
LEU CD1 HD12 sing N N 140 
LEU CD1 HD13 sing N N 141 
LEU CD2 HD21 sing N N 142 
LEU CD2 HD22 sing N N 143 
LEU CD2 HD23 sing N N 144 
LEU OXT HXT  sing N N 145 
LYS N   CA   sing N N 146 
LYS N   H    sing N N 147 
LYS N   H2   sing N N 148 
LYS CA  C    sing N N 149 
LYS CA  CB   sing N N 150 
LYS CA  HA   sing N N 151 
LYS C   O    doub N N 152 
LYS C   OXT  sing N N 153 
LYS CB  CG   sing N N 154 
LYS CB  HB2  sing N N 155 
LYS CB  HB3  sing N N 156 
LYS CG  CD   sing N N 157 
LYS CG  HG2  sing N N 158 
LYS CG  HG3  sing N N 159 
LYS CD  CE   sing N N 160 
LYS CD  HD2  sing N N 161 
LYS CD  HD3  sing N N 162 
LYS CE  NZ   sing N N 163 
LYS CE  HE2  sing N N 164 
LYS CE  HE3  sing N N 165 
LYS NZ  HZ1  sing N N 166 
LYS NZ  HZ2  sing N N 167 
LYS NZ  HZ3  sing N N 168 
LYS OXT HXT  sing N N 169 
MSE N   CA   sing N N 170 
MSE N   H    sing N N 171 
MSE N   H2   sing N N 172 
MSE CA  C    sing N N 173 
MSE CA  CB   sing N N 174 
MSE CA  HA   sing N N 175 
MSE C   O    doub N N 176 
MSE C   OXT  sing N N 177 
MSE OXT HXT  sing N N 178 
MSE CB  CG   sing N N 179 
MSE CB  HB2  sing N N 180 
MSE CB  HB3  sing N N 181 
MSE CG  SE   sing N N 182 
MSE CG  HG2  sing N N 183 
MSE CG  HG3  sing N N 184 
MSE SE  CE   sing N N 185 
MSE CE  HE1  sing N N 186 
MSE CE  HE2  sing N N 187 
MSE CE  HE3  sing N N 188 
PHE N   CA   sing N N 189 
PHE N   H    sing N N 190 
PHE N   H2   sing N N 191 
PHE CA  C    sing N N 192 
PHE CA  CB   sing N N 193 
PHE CA  HA   sing N N 194 
PHE C   O    doub N N 195 
PHE C   OXT  sing N N 196 
PHE CB  CG   sing N N 197 
PHE CB  HB2  sing N N 198 
PHE CB  HB3  sing N N 199 
PHE CG  CD1  doub Y N 200 
PHE CG  CD2  sing Y N 201 
PHE CD1 CE1  sing Y N 202 
PHE CD1 HD1  sing N N 203 
PHE CD2 CE2  doub Y N 204 
PHE CD2 HD2  sing N N 205 
PHE CE1 CZ   doub Y N 206 
PHE CE1 HE1  sing N N 207 
PHE CE2 CZ   sing Y N 208 
PHE CE2 HE2  sing N N 209 
PHE CZ  HZ   sing N N 210 
PHE OXT HXT  sing N N 211 
SER N   CA   sing N N 212 
SER N   H    sing N N 213 
SER N   H2   sing N N 214 
SER CA  C    sing N N 215 
SER CA  CB   sing N N 216 
SER CA  HA   sing N N 217 
SER C   O    doub N N 218 
SER C   OXT  sing N N 219 
SER CB  OG   sing N N 220 
SER CB  HB2  sing N N 221 
SER CB  HB3  sing N N 222 
SER OG  HG   sing N N 223 
SER OXT HXT  sing N N 224 
THR N   CA   sing N N 225 
THR N   H    sing N N 226 
THR N   H2   sing N N 227 
THR CA  C    sing N N 228 
THR CA  CB   sing N N 229 
THR CA  HA   sing N N 230 
THR C   O    doub N N 231 
THR C   OXT  sing N N 232 
THR CB  OG1  sing N N 233 
THR CB  CG2  sing N N 234 
THR CB  HB   sing N N 235 
THR OG1 HG1  sing N N 236 
THR CG2 HG21 sing N N 237 
THR CG2 HG22 sing N N 238 
THR CG2 HG23 sing N N 239 
THR OXT HXT  sing N N 240 
TRP N   CA   sing N N 241 
TRP N   H    sing N N 242 
TRP N   H2   sing N N 243 
TRP CA  C    sing N N 244 
TRP CA  CB   sing N N 245 
TRP CA  HA   sing N N 246 
TRP C   O    doub N N 247 
TRP C   OXT  sing N N 248 
TRP CB  CG   sing N N 249 
TRP CB  HB2  sing N N 250 
TRP CB  HB3  sing N N 251 
TRP CG  CD1  doub Y N 252 
TRP CG  CD2  sing Y N 253 
TRP CD1 NE1  sing Y N 254 
TRP CD1 HD1  sing N N 255 
TRP CD2 CE2  doub Y N 256 
TRP CD2 CE3  sing Y N 257 
TRP NE1 CE2  sing Y N 258 
TRP NE1 HE1  sing N N 259 
TRP CE2 CZ2  sing Y N 260 
TRP CE3 CZ3  doub Y N 261 
TRP CE3 HE3  sing N N 262 
TRP CZ2 CH2  doub Y N 263 
TRP CZ2 HZ2  sing N N 264 
TRP CZ3 CH2  sing Y N 265 
TRP CZ3 HZ3  sing N N 266 
TRP CH2 HH2  sing N N 267 
TRP OXT HXT  sing N N 268 
# 
_atom_sites.entry_id                    4ZN8 
_atom_sites.fract_transf_matrix[1][1]   0.01775671 
_atom_sites.fract_transf_matrix[1][2]   0.00615496 
_atom_sites.fract_transf_matrix[1][3]   -0.00494933 
_atom_sites.fract_transf_matrix[2][1]   -0.00240799 
_atom_sites.fract_transf_matrix[2][2]   0.01350147 
_atom_sites.fract_transf_matrix[2][3]   0.00815119 
_atom_sites.fract_transf_matrix[3][1]   0.00491973 
_atom_sites.fract_transf_matrix[3][2]   -0.00558527 
_atom_sites.fract_transf_matrix[3][3]   0.01070469 
_atom_sites.fract_transf_vector[1]      0.525001 
_atom_sites.fract_transf_vector[2]      0.611573 
_atom_sites.fract_transf_vector[3]      0.259684 
# 
loop_
_atom_type.symbol 
C  
K  
N  
O  
SE 
# 
loop_
_atom_site.group_PDB 
_atom_site.id 
_atom_site.type_symbol 
_atom_site.label_atom_id 
_atom_site.label_alt_id 
_atom_site.label_comp_id 
_atom_site.label_asym_id 
_atom_site.label_entity_id 
_atom_site.label_seq_id 
_atom_site.pdbx_PDB_ins_code 
_atom_site.Cartn_x 
_atom_site.Cartn_y 
_atom_site.Cartn_z 
_atom_site.occupancy 
_atom_site.B_iso_or_equiv 
_atom_site.pdbx_formal_charge 
_atom_site.auth_seq_id 
_atom_site.auth_comp_id 
_atom_site.auth_asym_id 
_atom_site.auth_atom_id 
_atom_site.pdbx_PDB_model_num 
ATOM   1    N  N   . THR A 1 1  ? 28.456  -3.837  -4.925  1.00 60.51 ? 1   THR A N   1 
ATOM   2    C  CA  . THR A 1 1  ? 28.426  -5.231  -4.500  1.00 59.23 ? 1   THR A CA  1 
ATOM   3    C  C   . THR A 1 1  ? 27.367  -6.014  -5.267  1.00 65.25 ? 1   THR A C   1 
ATOM   4    O  O   . THR A 1 1  ? 27.415  -6.107  -6.493  1.00 62.18 ? 1   THR A O   1 
ATOM   5    C  CB  . THR A 1 1  ? 28.173  -5.323  -3.002  1.00 45.46 ? 1   THR A CB  1 
ATOM   6    N  N   . GLU A 1 2  ? 26.410  -6.574  -4.533  1.00 71.53 ? 2   GLU A N   1 
ATOM   7    C  CA  . GLU A 1 2  ? 25.324  -7.334  -5.137  1.00 65.33 ? 2   GLU A CA  1 
ATOM   8    C  C   . GLU A 1 2  ? 24.242  -6.399  -5.664  1.00 65.13 ? 2   GLU A C   1 
ATOM   9    O  O   . GLU A 1 2  ? 23.671  -6.629  -6.731  1.00 57.23 ? 2   GLU A O   1 
ATOM   10   C  CB  . GLU A 1 2  ? 24.730  -8.315  -4.125  1.00 52.23 ? 2   GLU A CB  1 
ATOM   11   C  CG  . GLU A 1 2  ? 23.590  -9.160  -4.671  1.00 52.67 ? 2   GLU A CG  1 
ATOM   12   C  CD  . GLU A 1 2  ? 22.973  -10.056 -3.613  1.00 61.36 ? 2   GLU A CD  1 
ATOM   13   O  OE1 . GLU A 1 2  ? 22.052  -10.829 -3.951  1.00 54.02 ? 2   GLU A OE1 1 
ATOM   14   O  OE2 . GLU A 1 2  ? 23.408  -9.983  -2.444  1.00 57.84 ? 2   GLU A OE2 1 
ATOM   15   N  N   . PHE A 1 3  ? 23.970  -5.339  -4.909  1.00 72.09 ? 3   PHE A N   1 
ATOM   16   C  CA  . PHE A 1 3  ? 22.936  -4.381  -5.276  1.00 61.35 ? 3   PHE A CA  1 
ATOM   17   C  C   . PHE A 1 3  ? 23.540  -3.112  -5.865  1.00 54.53 ? 3   PHE A C   1 
ATOM   18   O  O   . PHE A 1 3  ? 24.590  -2.647  -5.422  1.00 48.12 ? 3   PHE A O   1 
ATOM   19   C  CB  . PHE A 1 3  ? 22.075  -4.033  -4.061  1.00 60.40 ? 3   PHE A CB  1 
ATOM   20   C  CG  . PHE A 1 3  ? 21.509  -5.231  -3.357  1.00 59.24 ? 3   PHE A CG  1 
ATOM   21   C  CD1 . PHE A 1 3  ? 22.109  -5.724  -2.209  1.00 54.77 ? 3   PHE A CD1 1 
ATOM   22   C  CD2 . PHE A 1 3  ? 20.381  -5.868  -3.845  1.00 59.96 ? 3   PHE A CD2 1 
ATOM   23   C  CE1 . PHE A 1 3  ? 21.592  -6.826  -1.559  1.00 55.12 ? 3   PHE A CE1 1 
ATOM   24   C  CE2 . PHE A 1 3  ? 19.858  -6.974  -3.200  1.00 58.36 ? 3   PHE A CE2 1 
ATOM   25   C  CZ  . PHE A 1 3  ? 20.465  -7.452  -2.055  1.00 55.21 ? 3   PHE A CZ  1 
ATOM   26   N  N   . SER A 1 4  ? 22.868  -2.557  -6.867  1.00 56.38 ? 4   SER A N   1 
ATOM   27   C  CA  . SER A 1 4  ? 23.321  -1.327  -7.503  1.00 57.21 ? 4   SER A CA  1 
ATOM   28   C  C   . SER A 1 4  ? 22.886  -0.107  -6.703  1.00 64.01 ? 4   SER A C   1 
ATOM   29   O  O   . SER A 1 4  ? 21.908  -0.159  -5.956  1.00 65.04 ? 4   SER A O   1 
ATOM   30   C  CB  . SER A 1 4  ? 22.787  -1.235  -8.934  1.00 47.86 ? 4   SER A CB  1 
ATOM   31   O  OG  . SER A 1 4  ? 23.037  0.043   -9.493  1.00 45.57 ? 4   SER A OG  1 
ATOM   32   N  N   . GLU A 1 5  ? 23.621  0.988   -6.859  1.00 59.86 ? 5   GLU A N   1 
ATOM   33   C  CA  . GLU A 1 5  ? 23.261  2.243   -6.219  1.00 58.15 ? 5   GLU A CA  1 
ATOM   34   C  C   . GLU A 1 5  ? 21.914  2.733   -6.734  1.00 65.11 ? 5   GLU A C   1 
ATOM   35   O  O   . GLU A 1 5  ? 21.084  3.222   -5.969  1.00 74.08 ? 5   GLU A O   1 
ATOM   36   C  CB  . GLU A 1 5  ? 24.331  3.305   -6.466  1.00 64.35 ? 5   GLU A CB  1 
ATOM   37   C  CG  . GLU A 1 5  ? 23.932  4.690   -5.990  1.00 76.28 ? 5   GLU A CG  1 
ATOM   38   C  CD  . GLU A 1 5  ? 24.581  5.789   -6.799  1.00 74.91 ? 5   GLU A CD  1 
ATOM   39   O  OE1 . GLU A 1 5  ? 25.629  5.529   -7.427  1.00 75.26 ? 5   GLU A OE1 1 
ATOM   40   O  OE2 . GLU A 1 5  ? 24.038  6.915   -6.816  1.00 81.15 ? 5   GLU A OE2 1 
ATOM   41   N  N   . GLU A 1 6  ? 21.704  2.586   -8.038  1.00 63.28 ? 6   GLU A N   1 
ATOM   42   C  CA  . GLU A 1 6  ? 20.471  3.032   -8.674  1.00 70.02 ? 6   GLU A CA  1 
ATOM   43   C  C   . GLU A 1 6  ? 19.300  2.127   -8.300  1.00 66.01 ? 6   GLU A C   1 
ATOM   44   O  O   . GLU A 1 6  ? 18.138  2.511   -8.441  1.00 67.41 ? 6   GLU A O   1 
ATOM   45   C  CB  . GLU A 1 6  ? 20.646  3.081   -10.193 1.00 70.55 ? 6   GLU A CB  1 
ATOM   46   C  CG  . GLU A 1 6  ? 19.846  4.177   -10.876 1.00 79.13 ? 6   GLU A CG  1 
ATOM   47   C  CD  . GLU A 1 6  ? 20.180  4.308   -12.349 1.00 85.59 ? 6   GLU A CD  1 
ATOM   48   O  OE1 . GLU A 1 6  ? 20.149  3.282   -13.061 1.00 81.94 ? 6   GLU A OE1 1 
ATOM   49   O  OE2 . GLU A 1 6  ? 20.478  5.436   -12.793 1.00 83.78 ? 6   GLU A OE2 1 
ATOM   50   N  N   . GLN A 1 7  ? 19.613  0.925   -7.824  1.00 59.66 ? 7   GLN A N   1 
ATOM   51   C  CA  . GLN A 1 7  ? 18.595  -0.004  -7.346  1.00 55.34 ? 7   GLN A CA  1 
ATOM   52   C  C   . GLN A 1 7  ? 18.296  0.239   -5.874  1.00 54.03 ? 7   GLN A C   1 
ATOM   53   O  O   . GLN A 1 7  ? 17.137  0.344   -5.473  1.00 56.22 ? 7   GLN A O   1 
ATOM   54   C  CB  . GLN A 1 7  ? 19.038  -1.451  -7.553  1.00 58.16 ? 7   GLN A CB  1 
ATOM   55   C  CG  . GLN A 1 7  ? 19.220  -1.852  -9.002  1.00 58.13 ? 7   GLN A CG  1 
ATOM   56   C  CD  . GLN A 1 7  ? 19.844  -3.224  -9.146  1.00 58.55 ? 7   GLN A CD  1 
ATOM   57   O  OE1 . GLN A 1 7  ? 20.394  -3.771  -8.190  1.00 66.13 ? 7   GLN A OE1 1 
ATOM   58   N  NE2 . GLN A 1 7  ? 19.758  -3.790  -10.344 1.00 57.95 ? 7   GLN A NE2 1 
ATOM   59   N  N   . LYS A 1 8  ? 19.357  0.321   -5.076  1.00 52.61 ? 8   LYS A N   1 
ATOM   60   C  CA  . LYS A 1 8  ? 19.242  0.609   -3.650  1.00 60.32 ? 8   LYS A CA  1 
ATOM   61   C  C   . LYS A 1 8  ? 18.551  1.952   -3.420  1.00 59.06 ? 8   LYS A C   1 
ATOM   62   O  O   . LYS A 1 8  ? 17.895  2.160   -2.397  1.00 51.85 ? 8   LYS A O   1 
ATOM   63   C  CB  . LYS A 1 8  ? 20.627  0.591   -2.994  1.00 55.69 ? 8   LYS A CB  1 
ATOM   64   C  CG  . LYS A 1 8  ? 20.659  1.055   -1.545  1.00 63.81 ? 8   LYS A CG  1 
ATOM   65   C  CD  . LYS A 1 8  ? 21.006  -0.079  -0.593  1.00 63.35 ? 8   LYS A CD  1 
ATOM   66   C  CE  . LYS A 1 8  ? 21.036  0.405   0.851   1.00 62.81 ? 8   LYS A CE  1 
ATOM   67   N  NZ  . LYS A 1 8  ? 21.290  -0.702  1.814   1.00 64.01 ? 8   LYS A NZ  1 
ATOM   68   N  N   . ARG A 1 9  ? 18.686  2.856   -4.385  1.00 55.01 ? 9   ARG A N   1 
ATOM   69   C  CA  . ARG A 1 9  ? 18.005  4.143   -4.308  1.00 55.24 ? 9   ARG A CA  1 
ATOM   70   C  C   . ARG A 1 9  ? 16.504  4.027   -4.517  1.00 49.26 ? 9   ARG A C   1 
ATOM   71   O  O   . ARG A 1 9  ? 15.749  4.925   -4.142  1.00 47.62 ? 9   ARG A O   1 
ATOM   72   C  CB  . ARG A 1 9  ? 18.603  5.105   -5.317  1.00 63.15 ? 9   ARG A CB  1 
ATOM   73   C  CG  . ARG A 1 9  ? 18.832  6.500   -4.794  1.00 64.85 ? 9   ARG A CG  1 
ATOM   74   C  CD  . ARG A 1 9  ? 19.425  7.361   -5.906  1.00 72.18 ? 9   ARG A CD  1 
ATOM   75   N  NE  . ARG A 1 9  ? 18.567  7.415   -7.086  1.00 83.04 ? 9   ARG A NE  1 
ATOM   76   C  CZ  . ARG A 1 9  ? 19.027  7.590   -8.322  1.00 84.72 ? 9   ARG A CZ  1 
ATOM   77   N  NH1 . ARG A 1 9  ? 20.323  7.730   -8.552  1.00 70.41 ? 9   ARG A NH1 1 
ATOM   78   N  NH2 . ARG A 1 9  ? 18.203  7.629   -9.342  1.00 86.41 ? 9   ARG A NH2 1 
ATOM   79   N  N   . THR A 1 10 ? 16.073  2.908   -5.084  1.00 47.93 ? 10  THR A N   1 
ATOM   80   C  CA  . THR A 1 10 ? 14.651  2.620   -5.210  1.00 45.47 ? 10  THR A CA  1 
ATOM   81   C  C   . THR A 1 10 ? 14.168  1.827   -4.001  1.00 42.59 ? 10  THR A C   1 
ATOM   82   O  O   . THR A 1 10 ? 13.107  2.107   -3.441  1.00 42.40 ? 10  THR A O   1 
ATOM   83   C  CB  . THR A 1 10 ? 14.340  1.835   -6.498  1.00 39.30 ? 10  THR A CB  1 
ATOM   84   O  OG1 . THR A 1 10 ? 14.649  2.643   -7.639  1.00 43.70 ? 10  THR A OG1 1 
ATOM   85   C  CG2 . THR A 1 10 ? 12.871  1.441   -6.546  1.00 37.94 ? 10  THR A CG2 1 
ATOM   86   N  N   . LEU A 1 11 ? 14.964  0.841   -3.601  1.00 41.80 ? 11  LEU A N   1 
ATOM   87   C  CA  . LEU A 1 11 ? 14.617  -0.040  -2.493  1.00 41.69 ? 11  LEU A CA  1 
ATOM   88   C  C   . LEU A 1 11 ? 14.515  0.708   -1.166  1.00 43.73 ? 11  LEU A C   1 
ATOM   89   O  O   . LEU A 1 11 ? 13.615  0.445   -0.368  1.00 45.24 ? 11  LEU A O   1 
ATOM   90   C  CB  . LEU A 1 11 ? 15.641  -1.170  -2.383  1.00 52.45 ? 11  LEU A CB  1 
ATOM   91   C  CG  . LEU A 1 11 ? 15.701  -2.106  -3.591  1.00 46.82 ? 11  LEU A CG  1 
ATOM   92   C  CD1 . LEU A 1 11 ? 16.841  -3.101  -3.451  1.00 53.65 ? 11  LEU A CD1 1 
ATOM   93   C  CD2 . LEU A 1 11 ? 14.376  -2.828  -3.758  1.00 46.24 ? 11  LEU A CD2 1 
ATOM   94   N  N   . ASP A 1 12 ? 15.439  1.637   -0.930  1.00 52.10 ? 12  ASP A N   1 
ATOM   95   C  CA  . ASP A 1 12 ? 15.406  2.450   0.283   1.00 55.75 ? 12  ASP A CA  1 
ATOM   96   C  C   . ASP A 1 12 ? 14.148  3.307   0.334   1.00 48.20 ? 12  ASP A C   1 
ATOM   97   O  O   . ASP A 1 12 ? 13.534  3.467   1.390   1.00 42.73 ? 12  ASP A O   1 
ATOM   98   C  CB  . ASP A 1 12 ? 16.642  3.347   0.376   1.00 51.29 ? 12  ASP A CB  1 
ATOM   99   C  CG  . ASP A 1 12 ? 17.915  2.567   0.629   1.00 58.51 ? 12  ASP A CG  1 
ATOM   100  O  OD1 . ASP A 1 12 ? 17.833  1.459   1.200   1.00 65.06 ? 12  ASP A OD1 1 
ATOM   101  O  OD2 . ASP A 1 12 ? 19.000  3.068   0.267   1.00 58.26 ? 12  ASP A OD2 1 
ATOM   102  N  N   . LEU A 1 13 ? 13.778  3.853   -0.819  1.00 46.74 ? 13  LEU A N   1 
ATOM   103  C  CA  . LEU A 1 13 ? 12.622  4.733   -0.935  1.00 41.12 ? 13  LEU A CA  1 
ATOM   104  C  C   . LEU A 1 13 ? 11.338  4.017   -0.532  1.00 44.06 ? 13  LEU A C   1 
ATOM   105  O  O   . LEU A 1 13 ? 10.559  4.524   0.275   1.00 36.54 ? 13  LEU A O   1 
ATOM   106  C  CB  . LEU A 1 13 ? 12.505  5.258   -2.370  1.00 38.53 ? 13  LEU A CB  1 
ATOM   107  C  CG  . LEU A 1 13 ? 11.853  6.618   -2.636  1.00 43.57 ? 13  LEU A CG  1 
ATOM   108  C  CD1 . LEU A 1 13 ? 12.082  7.012   -4.086  1.00 52.56 ? 13  LEU A CD1 1 
ATOM   109  C  CD2 . LEU A 1 13 ? 10.364  6.620   -2.317  1.00 45.81 ? 13  LEU A CD2 1 
ATOM   110  N  N   . LEU A 1 14 ? 11.128  2.833   -1.097  1.00 42.22 ? 14  LEU A N   1 
ATOM   111  C  CA  . LEU A 1 14 ? 9.890   2.094   -0.885  1.00 33.67 ? 14  LEU A CA  1 
ATOM   112  C  C   . LEU A 1 14 ? 9.819   1.484   0.510   1.00 32.93 ? 14  LEU A C   1 
ATOM   113  O  O   . LEU A 1 14 ? 8.741   1.119   0.976   1.00 37.10 ? 14  LEU A O   1 
ATOM   114  C  CB  . LEU A 1 14 ? 9.737   1.007   -1.948  1.00 30.24 ? 14  LEU A CB  1 
ATOM   115  C  CG  . LEU A 1 14 ? 9.796   1.517   -3.390  1.00 29.71 ? 14  LEU A CG  1 
ATOM   116  C  CD1 . LEU A 1 14 ? 9.532   0.390   -4.376  1.00 34.80 ? 14  LEU A CD1 1 
ATOM   117  C  CD2 . LEU A 1 14 ? 8.814   2.660   -3.599  1.00 26.56 ? 14  LEU A CD2 1 
ATOM   118  N  N   . PHE A 1 15 ? 10.965  1.374   1.176   1.00 36.85 ? 15  PHE A N   1 
ATOM   119  C  CA  . PHE A 1 15 ? 10.993  0.897   2.553   1.00 43.73 ? 15  PHE A CA  1 
ATOM   120  C  C   . PHE A 1 15 ? 10.471  1.980   3.491   1.00 36.93 ? 15  PHE A C   1 
ATOM   121  O  O   . PHE A 1 15 ? 9.698   1.701   4.407   1.00 29.75 ? 15  PHE A O   1 
ATOM   122  C  CB  . PHE A 1 15 ? 12.408  0.476   2.960   1.00 45.72 ? 15  PHE A CB  1 
ATOM   123  C  CG  . PHE A 1 15 ? 12.511  -0.011  4.380   1.00 47.95 ? 15  PHE A CG  1 
ATOM   124  C  CD1 . PHE A 1 15 ? 12.136  -1.302  4.714   1.00 48.64 ? 15  PHE A CD1 1 
ATOM   125  C  CD2 . PHE A 1 15 ? 12.988  0.823   5.380   1.00 46.61 ? 15  PHE A CD2 1 
ATOM   126  C  CE1 . PHE A 1 15 ? 12.229  -1.751  6.019   1.00 59.50 ? 15  PHE A CE1 1 
ATOM   127  C  CE2 . PHE A 1 15 ? 13.085  0.379   6.686   1.00 44.45 ? 15  PHE A CE2 1 
ATOM   128  C  CZ  . PHE A 1 15 ? 12.704  -0.910  7.006   1.00 54.91 ? 15  PHE A CZ  1 
ATOM   129  N  N   . LEU A 1 16 ? 10.902  3.215   3.254   1.00 37.86 ? 16  LEU A N   1 
ATOM   130  C  CA  . LEU A 1 16 ? 10.446  4.356   4.037   1.00 32.67 ? 16  LEU A CA  1 
ATOM   131  C  C   . LEU A 1 16 ? 8.980   4.650   3.749   1.00 30.86 ? 16  LEU A C   1 
ATOM   132  O  O   . LEU A 1 16 ? 8.218   5.011   4.645   1.00 32.52 ? 16  LEU A O   1 
ATOM   133  C  CB  . LEU A 1 16 ? 11.302  5.587   3.740   1.00 36.69 ? 16  LEU A CB  1 
ATOM   134  C  CG  . LEU A 1 16 ? 12.793  5.452   4.046   1.00 36.42 ? 16  LEU A CG  1 
ATOM   135  C  CD1 . LEU A 1 16 ? 13.554  6.669   3.547   1.00 39.66 ? 16  LEU A CD1 1 
ATOM   136  C  CD2 . LEU A 1 16 ? 13.016  5.254   5.537   1.00 26.24 ? 16  LEU A CD2 1 
ATOM   137  N  N   . PHE A 1 17 ? 8.599   4.494   2.484   1.00 33.41 ? 17  PHE A N   1 
ATOM   138  C  CA  . PHE A 1 17 ? 7.219   4.692   2.064   1.00 28.25 ? 17  PHE A CA  1 
ATOM   139  C  C   . PHE A 1 17 ? 6.309   3.662   2.725   1.00 27.27 ? 17  PHE A C   1 
ATOM   140  O  O   . PHE A 1 17 ? 5.278   4.011   3.295   1.00 26.62 ? 17  PHE A O   1 
ATOM   141  C  CB  . PHE A 1 17 ? 7.111   4.610   0.539   1.00 28.22 ? 17  PHE A CB  1 
ATOM   142  C  CG  . PHE A 1 17 ? 5.729   4.866   0.010   1.00 29.28 ? 17  PHE A CG  1 
ATOM   143  C  CD1 . PHE A 1 17 ? 5.072   6.053   0.294   1.00 28.18 ? 17  PHE A CD1 1 
ATOM   144  C  CD2 . PHE A 1 17 ? 5.094   3.930   -0.790  1.00 14.67 ? 17  PHE A CD2 1 
ATOM   145  C  CE1 . PHE A 1 17 ? 3.803   6.293   -0.196  1.00 21.49 ? 17  PHE A CE1 1 
ATOM   146  C  CE2 . PHE A 1 17 ? 3.826   4.166   -1.285  1.00 13.94 ? 17  PHE A CE2 1 
ATOM   147  C  CZ  . PHE A 1 17 ? 3.179   5.348   -0.988  1.00 16.75 ? 17  PHE A CZ  1 
ATOM   148  N  N   . ASP A 1 18 ? 6.708   2.395   2.658   1.00 25.49 ? 18  ASP A N   1 
ATOM   149  C  CA  . ASP A 1 18 ? 5.940   1.313   3.266   1.00 27.96 ? 18  ASP A CA  1 
ATOM   150  C  C   . ASP A 1 18 ? 5.891   1.439   4.785   1.00 24.64 ? 18  ASP A C   1 
ATOM   151  O  O   . ASP A 1 18 ? 4.869   1.143   5.405   1.00 24.44 ? 18  ASP A O   1 
ATOM   152  C  CB  . ASP A 1 18 ? 6.528   -0.044  2.877   1.00 26.80 ? 18  ASP A CB  1 
ATOM   153  C  CG  . ASP A 1 18 ? 5.856   -1.198  3.594   1.00 25.05 ? 18  ASP A CG  1 
ATOM   154  O  OD1 . ASP A 1 18 ? 4.612   -1.190  3.703   1.00 28.26 ? 18  ASP A OD1 1 
ATOM   155  O  OD2 . ASP A 1 18 ? 6.573   -2.111  4.052   1.00 40.28 ? 18  ASP A OD2 1 
ATOM   156  N  N   . ARG A 1 19 ? 6.996   1.876   5.379   1.00 30.43 ? 19  ARG A N   1 
ATOM   157  C  CA  . ARG A 1 19 ? 7.065   2.031   6.825   1.00 29.79 ? 19  ARG A CA  1 
ATOM   158  C  C   . ARG A 1 19 ? 6.134   3.148   7.276   1.00 25.43 ? 19  ARG A C   1 
ATOM   159  O  O   . ARG A 1 19 ? 5.507   3.057   8.329   1.00 31.78 ? 19  ARG A O   1 
ATOM   160  C  CB  . ARG A 1 19 ? 8.496   2.324   7.279   1.00 35.47 ? 19  ARG A CB  1 
ATOM   161  C  CG  . ARG A 1 19 ? 8.846   1.734   8.635   1.00 49.16 ? 19  ARG A CG  1 
ATOM   162  C  CD  . ARG A 1 19 ? 9.992   2.480   9.296   1.00 49.61 ? 19  ARG A CD  1 
ATOM   163  N  NE  . ARG A 1 19 ? 9.513   3.612   10.085  1.00 55.29 ? 19  ARG A NE  1 
ATOM   164  C  CZ  . ARG A 1 19 ? 10.301  4.428   10.778  1.00 53.90 ? 19  ARG A CZ  1 
ATOM   165  N  NH1 . ARG A 1 19 ? 11.613  4.243   10.779  1.00 56.91 ? 19  ARG A NH1 1 
ATOM   166  N  NH2 . ARG A 1 19 ? 9.775   5.431   11.469  1.00 50.79 ? 19  ARG A NH2 1 
ATOM   167  N  N   . ARG A 1 20 ? 6.049   4.197   6.466   1.00 25.09 ? 20  ARG A N   1 
ATOM   168  C  CA  . ARG A 1 20 ? 5.197   5.341   6.769   1.00 22.71 ? 20  ARG A CA  1 
ATOM   169  C  C   . ARG A 1 20 ? 3.720   4.998   6.587   1.00 23.05 ? 20  ARG A C   1 
ATOM   170  O  O   . ARG A 1 20 ? 2.880   5.397   7.393   1.00 20.41 ? 20  ARG A O   1 
ATOM   171  C  CB  . ARG A 1 20 ? 5.578   6.531   5.887   1.00 24.26 ? 20  ARG A CB  1 
ATOM   172  C  CG  . ARG A 1 20 ? 4.677   7.741   6.047   1.00 26.55 ? 20  ARG A CG  1 
ATOM   173  C  CD  . ARG A 1 20 ? 4.721   8.297   7.460   1.00 27.96 ? 20  ARG A CD  1 
ATOM   174  N  NE  . ARG A 1 20 ? 3.785   9.404   7.618   1.00 31.23 ? 20  ARG A NE  1 
ATOM   175  C  CZ  . ARG A 1 20 ? 4.069   10.670  7.328   1.00 38.30 ? 20  ARG A CZ  1 
ATOM   176  N  NH1 . ARG A 1 20 ? 5.269   10.995  6.868   1.00 28.83 ? 20  ARG A NH1 1 
ATOM   177  N  NH2 . ARG A 1 20 ? 3.152   11.610  7.501   1.00 54.07 ? 20  ARG A NH2 1 
HETATM 178  N  N   . MSE A 1 21 ? 3.410   4.255   5.529   1.00 25.90 ? 21  MSE A N   1 
HETATM 179  C  CA  . MSE A 1 21 ? 2.036   3.841   5.266   1.00 21.14 ? 21  MSE A CA  1 
HETATM 180  C  C   . MSE A 1 21 ? 1.547   2.865   6.332   1.00 18.63 ? 21  MSE A C   1 
HETATM 181  O  O   . MSE A 1 21 ? 0.359   2.821   6.646   1.00 16.68 ? 21  MSE A O   1 
HETATM 182  C  CB  . MSE A 1 21 ? 1.915   3.204   3.879   1.00 15.92 ? 21  MSE A CB  1 
HETATM 183  C  CG  . MSE A 1 21 ? 2.216   4.142   2.718   1.00 22.38 ? 21  MSE A CG  1 
HETATM 184  SE SE  . MSE A 1 21 ? 1.092   5.736   2.667   1.00 47.16 ? 21  MSE A SE  1 
HETATM 185  C  CE  . MSE A 1 21 ? 2.361   7.034   3.375   1.00 13.18 ? 21  MSE A CE  1 
ATOM   186  N  N   . THR A 1 22 ? 2.472   2.085   6.884   1.00 20.41 ? 22  THR A N   1 
ATOM   187  C  CA  . THR A 1 22 ? 2.139   1.126   7.930   1.00 20.84 ? 22  THR A CA  1 
ATOM   188  C  C   . THR A 1 22 ? 1.793   1.851   9.226   1.00 22.45 ? 22  THR A C   1 
ATOM   189  O  O   . THR A 1 22 ? 0.897   1.432   9.962   1.00 16.93 ? 22  THR A O   1 
ATOM   190  C  CB  . THR A 1 22 ? 3.294   0.139   8.181   1.00 23.70 ? 22  THR A CB  1 
ATOM   191  O  OG1 . THR A 1 22 ? 3.716   -0.433  6.936   1.00 37.66 ? 22  THR A OG1 1 
ATOM   192  C  CG2 . THR A 1 22 ? 2.853   -0.975  9.121   1.00 21.66 ? 22  THR A CG2 1 
ATOM   193  N  N   . GLU A 1 23 ? 2.508   2.940   9.497   1.00 24.52 ? 23  GLU A N   1 
ATOM   194  C  CA  . GLU A 1 23 ? 2.201   3.793   10.640  1.00 19.61 ? 23  GLU A CA  1 
ATOM   195  C  C   . GLU A 1 23 ? 0.796   4.363   10.511  1.00 20.92 ? 23  GLU A C   1 
ATOM   196  O  O   . GLU A 1 23 ? -0.027  4.235   11.417  1.00 19.95 ? 23  GLU A O   1 
ATOM   197  C  CB  . GLU A 1 23 ? 3.208   4.938   10.757  1.00 25.11 ? 23  GLU A CB  1 
ATOM   198  C  CG  . GLU A 1 23 ? 4.646   4.515   10.980  1.00 27.82 ? 23  GLU A CG  1 
ATOM   199  C  CD  . GLU A 1 23 ? 5.610   5.682   10.864  1.00 39.69 ? 23  GLU A CD  1 
ATOM   200  O  OE1 . GLU A 1 23 ? 5.143   6.841   10.871  1.00 44.08 ? 23  GLU A OE1 1 
ATOM   201  O  OE2 . GLU A 1 23 ? 6.831   5.442   10.760  1.00 34.60 ? 23  GLU A OE2 1 
ATOM   202  N  N   . GLU A 1 24 ? 0.535   4.990   9.369   1.00 17.26 ? 24  GLU A N   1 
ATOM   203  C  CA  . GLU A 1 24 ? -0.725  5.681   9.135   1.00 17.47 ? 24  GLU A CA  1 
ATOM   204  C  C   . GLU A 1 24 ? -1.902  4.722   9.004   1.00 21.41 ? 24  GLU A C   1 
ATOM   205  O  O   . GLU A 1 24 ? -3.035  5.082   9.320   1.00 25.71 ? 24  GLU A O   1 
ATOM   206  C  CB  . GLU A 1 24 ? -0.620  6.557   7.885   1.00 22.98 ? 24  GLU A CB  1 
ATOM   207  C  CG  . GLU A 1 24 ? 0.475   7.611   7.965   1.00 26.16 ? 24  GLU A CG  1 
ATOM   208  C  CD  . GLU A 1 24 ? 0.245   8.616   9.080   1.00 31.24 ? 24  GLU A CD  1 
ATOM   209  O  OE1 . GLU A 1 24 ? -0.926  8.839   9.456   1.00 32.01 ? 24  GLU A OE1 1 
ATOM   210  O  OE2 . GLU A 1 24 ? 1.239   9.182   9.582   1.00 31.48 ? 24  GLU A OE2 1 
ATOM   211  N  N   . ARG A 1 25 ? -1.640  3.506   8.534   1.00 17.73 ? 25  ARG A N   1 
ATOM   212  C  CA  . ARG A 1 25 ? -2.682  2.488   8.480   1.00 17.86 ? 25  ARG A CA  1 
ATOM   213  C  C   . ARG A 1 25 ? -3.107  2.114   9.891   1.00 18.74 ? 25  ARG A C   1 
ATOM   214  O  O   . ARG A 1 25 ? -4.294  1.945   10.171  1.00 27.21 ? 25  ARG A O   1 
ATOM   215  C  CB  . ARG A 1 25 ? -2.208  1.241   7.731   1.00 16.24 ? 25  ARG A CB  1 
ATOM   216  C  CG  . ARG A 1 25 ? -3.250  0.132   7.696   1.00 12.91 ? 25  ARG A CG  1 
ATOM   217  C  CD  . ARG A 1 25 ? -2.717  -1.132  7.055   1.00 14.19 ? 25  ARG A CD  1 
ATOM   218  N  NE  . ARG A 1 25 ? -1.748  -1.812  7.908   1.00 17.57 ? 25  ARG A NE  1 
ATOM   219  C  CZ  . ARG A 1 25 ? -1.229  -3.005  7.639   1.00 19.43 ? 25  ARG A CZ  1 
ATOM   220  N  NH1 . ARG A 1 25 ? -1.591  -3.651  6.539   1.00 20.46 ? 25  ARG A NH1 1 
ATOM   221  N  NH2 . ARG A 1 25 ? -0.353  -3.554  8.469   1.00 22.66 ? 25  ARG A NH2 1 
ATOM   222  N  N   . ARG A 1 26 ? -2.122  1.989   10.772  1.00 18.14 ? 26  ARG A N   1 
ATOM   223  C  CA  . ARG A 1 26 ? -2.371  1.657   12.167  1.00 29.85 ? 26  ARG A CA  1 
ATOM   224  C  C   . ARG A 1 26 ? -3.195  2.744   12.846  1.00 30.49 ? 26  ARG A C   1 
ATOM   225  O  O   . ARG A 1 26 ? -4.154  2.455   13.560  1.00 29.79 ? 26  ARG A O   1 
ATOM   226  C  CB  . ARG A 1 26 ? -1.052  1.452   12.908  1.00 33.21 ? 26  ARG A CB  1 
ATOM   227  C  CG  . ARG A 1 26 ? -1.214  1.000   14.344  1.00 30.47 ? 26  ARG A CG  1 
ATOM   228  C  CD  . ARG A 1 26 ? 0.134   0.772   15.000  1.00 33.78 ? 26  ARG A CD  1 
ATOM   229  N  NE  . ARG A 1 26 ? 0.908   2.003   15.122  1.00 33.68 ? 26  ARG A NE  1 
ATOM   230  C  CZ  . ARG A 1 26 ? 2.047   2.235   14.481  1.00 38.58 ? 26  ARG A CZ  1 
ATOM   231  N  NH1 . ARG A 1 26 ? 2.553   1.314   13.671  1.00 32.81 ? 26  ARG A NH1 1 
ATOM   232  N  NH2 . ARG A 1 26 ? 2.686   3.385   14.652  1.00 22.33 ? 26  ARG A NH2 1 
ATOM   233  N  N   . ARG A 1 27 ? -2.810  3.995   12.614  1.00 28.01 ? 27  ARG A N   1 
ATOM   234  C  CA  . ARG A 1 27 ? -3.552  5.136   13.136  1.00 28.44 ? 27  ARG A CA  1 
ATOM   235  C  C   . ARG A 1 27 ? -4.975  5.166   12.595  1.00 30.06 ? 27  ARG A C   1 
ATOM   236  O  O   . ARG A 1 27 ? -5.930  5.366   13.345  1.00 33.81 ? 27  ARG A O   1 
ATOM   237  C  CB  . ARG A 1 27 ? -2.841  6.442   12.789  1.00 27.35 ? 27  ARG A CB  1 
ATOM   238  C  CG  . ARG A 1 27 ? -3.760  7.648   12.793  1.00 35.56 ? 27  ARG A CG  1 
ATOM   239  C  CD  . ARG A 1 27 ? -2.994  8.917   12.506  1.00 46.36 ? 27  ARG A CD  1 
ATOM   240  N  NE  . ARG A 1 27 ? -1.979  9.159   13.522  1.00 54.48 ? 27  ARG A NE  1 
ATOM   241  C  CZ  . ARG A 1 27 ? -1.091  10.143  13.465  1.00 54.31 ? 27  ARG A CZ  1 
ATOM   242  N  NH1 . ARG A 1 27 ? -1.095  10.978  12.435  1.00 48.07 ? 27  ARG A NH1 1 
ATOM   243  N  NH2 . ARG A 1 27 ? -0.201  10.289  14.437  1.00 57.86 ? 27  ARG A NH2 1 
ATOM   244  N  N   . TRP A 1 28 ? -5.108  4.965   11.288  1.00 24.31 ? 28  TRP A N   1 
ATOM   245  C  CA  . TRP A 1 28 ? -6.411  4.973   10.636  1.00 21.93 ? 28  TRP A CA  1 
ATOM   246  C  C   . TRP A 1 28 ? -7.295  3.848   11.167  1.00 32.00 ? 28  TRP A C   1 
ATOM   247  O  O   . TRP A 1 28 ? -8.520  3.962   11.177  1.00 34.92 ? 28  TRP A O   1 
ATOM   248  C  CB  . TRP A 1 28 ? -6.251  4.856   9.118   1.00 21.92 ? 28  TRP A CB  1 
ATOM   249  C  CG  . TRP A 1 28 ? -7.548  4.864   8.375   1.00 19.64 ? 28  TRP A CG  1 
ATOM   250  C  CD1 . TRP A 1 28 ? -8.297  5.957   8.051   1.00 21.12 ? 28  TRP A CD1 1 
ATOM   251  C  CD2 . TRP A 1 28 ? -8.250  3.731   7.854   1.00 19.46 ? 28  TRP A CD2 1 
ATOM   252  N  NE1 . TRP A 1 28 ? -9.423  5.574   7.366   1.00 19.11 ? 28  TRP A NE1 1 
ATOM   253  C  CE2 . TRP A 1 28 ? -9.417  4.211   7.231   1.00 22.20 ? 28  TRP A CE2 1 
ATOM   254  C  CE3 . TRP A 1 28 ? -8.001  2.353   7.857   1.00 23.09 ? 28  TRP A CE3 1 
ATOM   255  C  CZ2 . TRP A 1 28 ? -10.338 3.364   6.615   1.00 20.36 ? 28  TRP A CZ2 1 
ATOM   256  C  CZ3 . TRP A 1 28 ? -8.916  1.515   7.244   1.00 28.01 ? 28  TRP A CZ3 1 
ATOM   257  C  CH2 . TRP A 1 28 ? -10.070 2.023   6.632   1.00 22.14 ? 28  TRP A CH2 1 
ATOM   258  N  N   . LEU A 1 29 ? -6.664  2.765   11.610  1.00 26.00 ? 29  LEU A N   1 
ATOM   259  C  CA  . LEU A 1 29 ? -7.386  1.655   12.220  1.00 30.86 ? 29  LEU A CA  1 
ATOM   260  C  C   . LEU A 1 29 ? -7.646  1.926   13.697  1.00 38.30 ? 29  LEU A C   1 
ATOM   261  O  O   . LEU A 1 29 ? -8.694  1.561   14.230  1.00 37.54 ? 29  LEU A O   1 
ATOM   262  C  CB  . LEU A 1 29 ? -6.608  0.349   12.052  1.00 36.60 ? 29  LEU A CB  1 
ATOM   263  C  CG  . LEU A 1 29 ? -6.683  -0.300  10.669  1.00 32.16 ? 29  LEU A CG  1 
ATOM   264  C  CD1 . LEU A 1 29 ? -5.755  -1.501  10.595  1.00 25.51 ? 29  LEU A CD1 1 
ATOM   265  C  CD2 . LEU A 1 29 ? -8.114  -0.705  10.352  1.00 30.74 ? 29  LEU A CD2 1 
ATOM   266  N  N   . SER A 1 30 ? -6.687  2.574   14.351  1.00 39.58 ? 30  SER A N   1 
ATOM   267  C  CA  . SER A 1 30 ? -6.826  2.942   15.755  1.00 38.00 ? 30  SER A CA  1 
ATOM   268  C  C   . SER A 1 30 ? -7.914  3.993   15.936  1.00 33.40 ? 30  SER A C   1 
ATOM   269  O  O   . SER A 1 30 ? -8.418  4.196   17.040  1.00 50.51 ? 30  SER A O   1 
ATOM   270  C  CB  . SER A 1 30 ? -5.496  3.459   16.311  1.00 40.44 ? 30  SER A CB  1 
ATOM   271  O  OG  . SER A 1 30 ? -5.641  3.916   17.644  1.00 45.80 ? 30  SER A OG  1 
ATOM   272  N  N   . GLN A 1 31 ? -8.270  4.659   14.842  1.00 30.96 ? 31  GLN A N   1 
ATOM   273  C  CA  . GLN A 1 31 ? -9.293  5.695   14.870  1.00 38.57 ? 31  GLN A CA  1 
ATOM   274  C  C   . GLN A 1 31 ? -10.549 5.257   14.124  1.00 39.30 ? 31  GLN A C   1 
ATOM   275  O  O   . GLN A 1 31 ? -11.358 6.090   13.716  1.00 45.49 ? 31  GLN A O   1 
ATOM   276  C  CB  . GLN A 1 31 ? -8.751  6.992   14.267  1.00 40.64 ? 31  GLN A CB  1 
ATOM   277  C  CG  . GLN A 1 31 ? -7.558  7.574   15.009  1.00 46.91 ? 31  GLN A CG  1 
ATOM   278  C  CD  . GLN A 1 31 ? -6.842  8.645   14.210  1.00 51.94 ? 31  GLN A CD  1 
ATOM   279  O  OE1 . GLN A 1 31 ? -7.144  8.867   13.037  1.00 48.48 ? 31  GLN A OE1 1 
ATOM   280  N  NE2 . GLN A 1 31 ? -5.884  9.315   14.841  1.00 42.39 ? 31  GLN A NE2 1 
ATOM   281  N  N   . ARG A 1 32 ? -10.709 3.949   13.946  1.00 37.93 ? 32  ARG A N   1 
ATOM   282  C  CA  . ARG A 1 32 ? -11.876 3.419   13.250  1.00 47.20 ? 32  ARG A CA  1 
ATOM   283  C  C   . ARG A 1 32 ? -12.391 2.147   13.916  1.00 48.56 ? 32  ARG A C   1 
ATOM   284  O  O   . ARG A 1 32 ? -13.567 1.804   13.794  1.00 48.91 ? 32  ARG A O   1 
ATOM   285  C  CB  . ARG A 1 32 ? -11.547 3.150   11.779  1.00 38.99 ? 32  ARG A CB  1 
ATOM   286  C  CG  . ARG A 1 32 ? -12.765 2.857   10.917  1.00 38.78 ? 32  ARG A CG  1 
ATOM   287  C  CD  . ARG A 1 32 ? -12.378 2.607   9.472   1.00 38.96 ? 32  ARG A CD  1 
ATOM   288  N  NE  . ARG A 1 32 ? -13.547 2.344   8.637   1.00 48.10 ? 32  ARG A NE  1 
ATOM   289  C  CZ  . ARG A 1 32 ? -14.105 1.147   8.487   1.00 44.72 ? 32  ARG A CZ  1 
ATOM   290  N  NH1 . ARG A 1 32 ? -13.601 0.093   9.115   1.00 33.79 ? 32  ARG A NH1 1 
ATOM   291  N  NH2 . ARG A 1 32 ? -15.167 1.002   7.706   1.00 37.72 ? 32  ARG A NH2 1 
ATOM   292  N  N   . LEU A 1 33 ? -11.508 1.451   14.624  1.00 49.13 ? 33  LEU A N   1 
ATOM   293  C  CA  . LEU A 1 33 ? -11.894 0.237   15.334  1.00 50.56 ? 33  LEU A CA  1 
ATOM   294  C  C   . LEU A 1 33 ? -11.975 0.482   16.838  1.00 53.61 ? 33  LEU A C   1 
ATOM   295  O  O   . LEU A 1 33 ? -12.373 -0.398  17.599  1.00 59.52 ? 33  LEU A O   1 
ATOM   296  C  CB  . LEU A 1 33 ? -10.913 -0.898  15.033  1.00 48.11 ? 33  LEU A CB  1 
ATOM   297  C  CG  . LEU A 1 33 ? -10.851 -1.355  13.574  1.00 43.02 ? 33  LEU A CG  1 
ATOM   298  C  CD1 . LEU A 1 33 ? -9.868  -2.504  13.408  1.00 41.31 ? 33  LEU A CD1 1 
ATOM   299  C  CD2 . LEU A 1 33 ? -12.234 -1.751  13.073  1.00 36.65 ? 33  LEU A CD2 1 
ATOM   300  N  N   . GLY A 1 34 ? -11.590 1.685   17.258  1.00 45.85 ? 34  GLY A N   1 
ATOM   301  C  CA  . GLY A 1 34 ? -11.664 2.065   18.657  1.00 48.99 ? 34  GLY A CA  1 
ATOM   302  C  C   . GLY A 1 34 ? -10.485 1.583   19.480  1.00 49.94 ? 34  GLY A C   1 
ATOM   303  O  O   . GLY A 1 34 ? -10.269 2.040   20.602  1.00 63.51 ? 34  GLY A O   1 
ATOM   304  N  N   . LEU A 1 35 ? -9.720  0.653   18.919  1.00 44.20 ? 35  LEU A N   1 
ATOM   305  C  CA  . LEU A 1 35 ? -8.557  0.094   19.595  1.00 48.81 ? 35  LEU A CA  1 
ATOM   306  C  C   . LEU A 1 35 ? -7.382  1.062   19.493  1.00 37.11 ? 35  LEU A C   1 
ATOM   307  O  O   . LEU A 1 35 ? -7.508  2.128   18.891  1.00 35.63 ? 35  LEU A O   1 
ATOM   308  C  CB  . LEU A 1 35 ? -8.202  -1.265  18.992  1.00 56.86 ? 35  LEU A CB  1 
ATOM   309  C  CG  . LEU A 1 35 ? -9.422  -2.141  18.690  1.00 55.30 ? 35  LEU A CG  1 
ATOM   310  C  CD1 . LEU A 1 35 ? -9.019  -3.394  17.932  1.00 55.86 ? 35  LEU A CD1 1 
ATOM   311  C  CD2 . LEU A 1 35 ? -10.171 -2.498  19.967  1.00 61.54 ? 35  LEU A CD2 1 
ATOM   312  N  N   . ASN A 1 36 ? -6.242  0.703   20.076  1.00 35.11 ? 36  ASN A N   1 
ATOM   313  C  CA  . ASN A 1 36 ? -5.092  1.604   20.066  1.00 47.15 ? 36  ASN A CA  1 
ATOM   314  C  C   . ASN A 1 36 ? -3.914  1.065   19.253  1.00 48.92 ? 36  ASN A C   1 
ATOM   315  O  O   . ASN A 1 36 ? -3.927  -0.080  18.803  1.00 44.30 ? 36  ASN A O   1 
ATOM   316  C  CB  . ASN A 1 36 ? -4.649  1.918   21.500  1.00 54.34 ? 36  ASN A CB  1 
ATOM   317  C  CG  . ASN A 1 36 ? -4.346  0.674   22.312  1.00 56.26 ? 36  ASN A CG  1 
ATOM   318  O  OD1 . ASN A 1 36 ? -3.585  -0.193  21.886  1.00 54.55 ? 36  ASN A OD1 1 
ATOM   319  N  ND2 . ASN A 1 36 ? -4.943  0.583   23.495  1.00 62.58 ? 36  ASN A ND2 1 
ATOM   320  N  N   . GLU A 1 37 ? -2.895  1.901   19.080  1.00 57.44 ? 37  GLU A N   1 
ATOM   321  C  CA  . GLU A 1 37 ? -1.786  1.594   18.181  1.00 50.15 ? 37  GLU A CA  1 
ATOM   322  C  C   . GLU A 1 37 ? -0.833  0.535   18.731  1.00 51.19 ? 37  GLU A C   1 
ATOM   323  O  O   . GLU A 1 37 ? 0.085   0.104   18.035  1.00 46.41 ? 37  GLU A O   1 
ATOM   324  C  CB  . GLU A 1 37 ? -1.008  2.869   17.851  1.00 46.27 ? 37  GLU A CB  1 
ATOM   325  C  CG  . GLU A 1 37 ? -1.812  3.894   17.065  1.00 33.47 ? 37  GLU A CG  1 
ATOM   326  C  CD  . GLU A 1 37 ? -0.933  4.847   16.280  1.00 34.02 ? 37  GLU A CD  1 
ATOM   327  O  OE1 . GLU A 1 37 ? 0.212   4.469   15.957  1.00 34.36 ? 37  GLU A OE1 1 
ATOM   328  O  OE2 . GLU A 1 37 ? -1.387  5.972   15.986  1.00 45.79 ? 37  GLU A OE2 1 
ATOM   329  N  N   . GLU A 1 38 ? -1.033  0.124   19.978  1.00 61.09 ? 38  GLU A N   1 
ATOM   330  C  CA  . GLU A 1 38 ? -0.289  -1.016  20.503  1.00 53.32 ? 38  GLU A CA  1 
ATOM   331  C  C   . GLU A 1 38 ? -1.171  -2.256  20.478  1.00 52.07 ? 38  GLU A C   1 
ATOM   332  O  O   . GLU A 1 38 ? -0.672  -3.374  20.528  1.00 52.53 ? 38  GLU A O   1 
ATOM   333  C  CB  . GLU A 1 38 ? 0.228   -0.753  21.920  1.00 54.02 ? 38  GLU A CB  1 
ATOM   334  C  CG  . GLU A 1 38 ? 0.815   0.635   22.135  1.00 66.55 ? 38  GLU A CG  1 
ATOM   335  C  CD  . GLU A 1 38 ? -0.223  1.651   22.562  1.00 68.16 ? 38  GLU A CD  1 
ATOM   336  O  OE1 . GLU A 1 38 ? -1.402  1.273   22.707  1.00 70.15 ? 38  GLU A OE1 1 
ATOM   337  O  OE2 . GLU A 1 38 ? 0.142   2.830   22.753  1.00 61.73 ? 38  GLU A OE2 1 
ATOM   338  N  N   . GLN A 1 39 ? -2.483  -2.048  20.401  1.00 49.75 ? 39  GLN A N   1 
ATOM   339  C  CA  . GLN A 1 39 ? -3.422  -3.142  20.181  1.00 43.33 ? 39  GLN A CA  1 
ATOM   340  C  C   . GLN A 1 39 ? -3.371  -3.586  18.727  1.00 47.76 ? 39  GLN A C   1 
ATOM   341  O  O   . GLN A 1 39 ? -3.188  -4.767  18.431  1.00 58.81 ? 39  GLN A O   1 
ATOM   342  C  CB  . GLN A 1 39 ? -4.851  -2.728  20.539  1.00 53.37 ? 39  GLN A CB  1 
ATOM   343  C  CG  . GLN A 1 39 ? -5.219  -2.884  22.002  1.00 45.60 ? 39  GLN A CG  1 
ATOM   344  C  CD  . GLN A 1 39 ? -6.651  -2.471  22.277  1.00 43.77 ? 39  GLN A CD  1 
ATOM   345  O  OE1 . GLN A 1 39 ? -7.003  -1.298  22.164  1.00 42.00 ? 39  GLN A OE1 1 
ATOM   346  N  NE2 . GLN A 1 39 ? -7.489  -3.440  22.634  1.00 56.14 ? 39  GLN A NE2 1 
ATOM   347  N  N   . ILE A 1 40 ? -3.542  -2.622  17.826  1.00 47.38 ? 40  ILE A N   1 
ATOM   348  C  CA  . ILE A 1 40 ? -3.541  -2.881  16.391  1.00 40.01 ? 40  ILE A CA  1 
ATOM   349  C  C   . ILE A 1 40 ? -2.220  -3.489  15.933  1.00 41.24 ? 40  ILE A C   1 
ATOM   350  O  O   . ILE A 1 40 ? -2.204  -4.475  15.197  1.00 43.65 ? 40  ILE A O   1 
ATOM   351  C  CB  . ILE A 1 40 ? -3.806  -1.591  15.589  1.00 37.53 ? 40  ILE A CB  1 
ATOM   352  C  CG1 . ILE A 1 40 ? -5.160  -0.990  15.971  1.00 40.61 ? 40  ILE A CG1 1 
ATOM   353  C  CG2 . ILE A 1 40 ? -3.753  -1.870  14.095  1.00 35.54 ? 40  ILE A CG2 1 
ATOM   354  C  CD1 . ILE A 1 40 ? -6.337  -1.885  15.653  1.00 43.03 ? 40  ILE A CD1 1 
ATOM   355  N  N   . GLU A 1 41 ? -1.114  -2.901  16.378  1.00 42.47 ? 41  GLU A N   1 
ATOM   356  C  CA  . GLU A 1 41 ? 0.208   -3.380  15.992  1.00 42.90 ? 41  GLU A CA  1 
ATOM   357  C  C   . GLU A 1 41 ? 0.498   -4.740  16.617  1.00 46.71 ? 41  GLU A C   1 
ATOM   358  O  O   . GLU A 1 41 ? 1.277   -5.524  16.076  1.00 47.96 ? 41  GLU A O   1 
ATOM   359  C  CB  . GLU A 1 41 ? 1.285   -2.371  16.392  1.00 43.22 ? 41  GLU A CB  1 
ATOM   360  C  CG  . GLU A 1 41 ? 2.648   -2.648  15.779  1.00 45.86 ? 41  GLU A CG  1 
ATOM   361  C  CD  . GLU A 1 41 ? 3.651   -1.545  16.059  1.00 56.24 ? 41  GLU A CD  1 
ATOM   362  O  OE1 . GLU A 1 41 ? 3.412   -0.743  16.987  1.00 51.13 ? 41  GLU A OE1 1 
ATOM   363  O  OE2 . GLU A 1 41 ? 4.675   -1.479  15.349  1.00 55.84 ? 41  GLU A OE2 1 
ATOM   364  N  N   . ARG A 1 42 ? -0.129  -5.017  17.756  1.00 48.30 ? 42  ARG A N   1 
ATOM   365  C  CA  . ARG A 1 42 ? 0.009   -6.320  18.391  1.00 54.32 ? 42  ARG A CA  1 
ATOM   366  C  C   . ARG A 1 42 ? -0.680  -7.379  17.545  1.00 55.27 ? 42  ARG A C   1 
ATOM   367  O  O   . ARG A 1 42 ? -0.121  -8.443  17.298  1.00 52.80 ? 42  ARG A O   1 
ATOM   368  C  CB  . ARG A 1 42 ? -0.572  -6.308  19.806  1.00 52.16 ? 42  ARG A CB  1 
ATOM   369  C  CG  . ARG A 1 42 ? -0.481  -7.637  20.537  1.00 50.29 ? 42  ARG A CG  1 
ATOM   370  C  CD  . ARG A 1 42 ? -0.742  -7.466  22.026  1.00 41.66 ? 42  ARG A CD  1 
ATOM   371  N  NE  . ARG A 1 42 ? 0.156   -6.482  22.626  1.00 51.13 ? 42  ARG A NE  1 
ATOM   372  C  CZ  . ARG A 1 42 ? -0.230  -5.297  23.087  1.00 44.07 ? 42  ARG A CZ  1 
ATOM   373  N  NH1 . ARG A 1 42 ? -1.507  -4.943  23.026  1.00 49.00 ? 42  ARG A NH1 1 
ATOM   374  N  NH2 . ARG A 1 42 ? 0.658   -4.465  23.614  1.00 33.65 ? 42  ARG A NH2 1 
ATOM   375  N  N   . TRP A 1 43 ? -1.893  -7.070  17.095  1.00 54.78 ? 43  TRP A N   1 
ATOM   376  C  CA  . TRP A 1 43 ? -2.663  -7.995  16.273  1.00 56.24 ? 43  TRP A CA  1 
ATOM   377  C  C   . TRP A 1 43 ? -1.925  -8.328  14.980  1.00 51.08 ? 43  TRP A C   1 
ATOM   378  O  O   . TRP A 1 43 ? -1.904  -9.481  14.549  1.00 45.94 ? 43  TRP A O   1 
ATOM   379  C  CB  . TRP A 1 43 ? -4.042  -7.410  15.954  1.00 46.98 ? 43  TRP A CB  1 
ATOM   380  C  CG  . TRP A 1 43 ? -4.972  -8.398  15.324  1.00 51.85 ? 43  TRP A CG  1 
ATOM   381  C  CD1 . TRP A 1 43 ? -5.924  -9.142  15.956  1.00 58.53 ? 43  TRP A CD1 1 
ATOM   382  C  CD2 . TRP A 1 43 ? -5.036  -8.759  13.938  1.00 51.54 ? 43  TRP A CD2 1 
ATOM   383  N  NE1 . TRP A 1 43 ? -6.580  -9.941  15.051  1.00 57.70 ? 43  TRP A NE1 1 
ATOM   384  C  CE2 . TRP A 1 43 ? -6.053  -9.726  13.806  1.00 55.52 ? 43  TRP A CE2 1 
ATOM   385  C  CE3 . TRP A 1 43 ? -4.334  -8.358  12.798  1.00 41.06 ? 43  TRP A CE3 1 
ATOM   386  C  CZ2 . TRP A 1 43 ? -6.384  -10.296 12.579  1.00 51.84 ? 43  TRP A CZ2 1 
ATOM   387  C  CZ3 . TRP A 1 43 ? -4.663  -8.926  11.583  1.00 42.45 ? 43  TRP A CZ3 1 
ATOM   388  C  CH2 . TRP A 1 43 ? -5.679  -9.885  11.483  1.00 46.28 ? 43  TRP A CH2 1 
ATOM   389  N  N   . PHE A 1 44 ? -1.320  -7.317  14.366  1.00 49.41 ? 44  PHE A N   1 
ATOM   390  C  CA  . PHE A 1 44 ? -0.592  -7.512  13.118  1.00 46.03 ? 44  PHE A CA  1 
ATOM   391  C  C   . PHE A 1 44 ? 0.727   -8.245  13.344  1.00 50.37 ? 44  PHE A C   1 
ATOM   392  O  O   . PHE A 1 44 ? 1.233   -8.910  12.441  1.00 49.75 ? 44  PHE A O   1 
ATOM   393  C  CB  . PHE A 1 44 ? -0.334  -6.171  12.426  1.00 41.26 ? 44  PHE A CB  1 
ATOM   394  C  CG  . PHE A 1 44 ? -1.489  -5.690  11.594  1.00 30.22 ? 44  PHE A CG  1 
ATOM   395  C  CD1 . PHE A 1 44 ? -2.202  -4.560  11.957  1.00 32.75 ? 44  PHE A CD1 1 
ATOM   396  C  CD2 . PHE A 1 44 ? -1.867  -6.374  10.449  1.00 30.73 ? 44  PHE A CD2 1 
ATOM   397  C  CE1 . PHE A 1 44 ? -3.266  -4.118  11.193  1.00 32.47 ? 44  PHE A CE1 1 
ATOM   398  C  CE2 . PHE A 1 44 ? -2.929  -5.938  9.682   1.00 33.05 ? 44  PHE A CE2 1 
ATOM   399  C  CZ  . PHE A 1 44 ? -3.630  -4.808  10.054  1.00 25.65 ? 44  PHE A CZ  1 
ATOM   400  N  N   . ARG A 1 45 ? 1.282   -8.123  14.546  1.00 61.21 ? 45  ARG A N   1 
ATOM   401  C  CA  . ARG A 1 45 ? 2.509   -8.837  14.880  1.00 60.49 ? 45  ARG A CA  1 
ATOM   402  C  C   . ARG A 1 45 ? 2.186   -10.293 15.199  1.00 59.21 ? 45  ARG A C   1 
ATOM   403  O  O   . ARG A 1 45 ? 3.038   -11.173 15.073  1.00 56.47 ? 45  ARG A O   1 
ATOM   404  C  CB  . ARG A 1 45 ? 3.234   -8.174  16.059  1.00 56.74 ? 45  ARG A CB  1 
ATOM   405  C  CG  . ARG A 1 45 ? 3.044   -8.881  17.396  1.00 57.80 ? 45  ARG A CG  1 
ATOM   406  C  CD  . ARG A 1 45 ? 3.905   -8.282  18.501  1.00 56.43 ? 45  ARG A CD  1 
ATOM   407  N  NE  . ARG A 1 45 ? 3.530   -6.909  18.826  1.00 54.58 ? 45  ARG A NE  1 
ATOM   408  C  CZ  . ARG A 1 45 ? 4.245   -5.838  18.496  1.00 54.90 ? 45  ARG A CZ  1 
ATOM   409  N  NH1 . ARG A 1 45 ? 5.383   -5.977  17.830  1.00 51.26 ? 45  ARG A NH1 1 
ATOM   410  N  NH2 . ARG A 1 45 ? 3.824   -4.627  18.837  1.00 50.31 ? 45  ARG A NH2 1 
ATOM   411  N  N   . ARG A 1 46 ? 0.942   -10.539 15.604  1.00 57.16 ? 46  ARG A N   1 
ATOM   412  C  CA  . ARG A 1 46 ? 0.487   -11.884 15.931  1.00 56.85 ? 46  ARG A CA  1 
ATOM   413  C  C   . ARG A 1 46 ? 0.234   -12.705 14.673  1.00 59.98 ? 46  ARG A C   1 
ATOM   414  O  O   . ARG A 1 46 ? 0.745   -13.815 14.528  1.00 63.76 ? 46  ARG A O   1 
ATOM   415  C  CB  . ARG A 1 46 ? -0.788  -11.833 16.778  1.00 57.97 ? 46  ARG A CB  1 
ATOM   416  C  CG  . ARG A 1 46 ? -0.592  -11.333 18.200  1.00 60.98 ? 46  ARG A CG  1 
ATOM   417  C  CD  . ARG A 1 46 ? 0.436   -12.162 18.941  1.00 68.31 ? 46  ARG A CD  1 
ATOM   418  N  NE  . ARG A 1 46 ? 0.220   -13.590 18.732  1.00 75.80 ? 46  ARG A NE  1 
ATOM   419  C  CZ  . ARG A 1 46 ? 1.005   -14.543 19.223  1.00 70.39 ? 46  ARG A CZ  1 
ATOM   420  N  NH1 . ARG A 1 46 ? 2.057   -14.223 19.963  1.00 76.18 ? 46  ARG A NH1 1 
ATOM   421  N  NH2 . ARG A 1 46 ? 0.732   -15.815 18.975  1.00 62.60 ? 46  ARG A NH2 1 
ATOM   422  N  N   . LYS A 1 47 ? -0.562  -12.146 13.765  1.00 55.65 ? 47  LYS A N   1 
ATOM   423  C  CA  . LYS A 1 47 ? -0.906  -12.815 12.517  1.00 45.81 ? 47  LYS A CA  1 
ATOM   424  C  C   . LYS A 1 47 ? 0.325   -12.987 11.628  1.00 44.62 ? 47  LYS A C   1 
ATOM   425  O  O   . LYS A 1 47 ? 0.349   -13.849 10.749  1.00 40.64 ? 47  LYS A O   1 
ATOM   426  C  CB  . LYS A 1 47 ? -1.987  -12.026 11.772  1.00 39.86 ? 47  LYS A CB  1 
ATOM   427  C  CG  . LYS A 1 47 ? -2.839  -12.856 10.823  1.00 43.01 ? 47  LYS A CG  1 
ATOM   428  C  CD  . LYS A 1 47 ? -4.101  -13.361 11.503  1.00 50.36 ? 47  LYS A CD  1 
ATOM   429  C  CE  . LYS A 1 47 ? -4.917  -14.248 10.573  1.00 50.04 ? 47  LYS A CE  1 
ATOM   430  N  NZ  . LYS A 1 47 ? -6.124  -14.806 11.244  1.00 51.91 ? 47  LYS A NZ  1 
ATOM   431  N  N   . GLU A 1 48 ? 1.343   -12.163 11.867  1.00 49.12 ? 48  GLU A N   1 
ATOM   432  C  CA  . GLU A 1 48 ? 2.577   -12.203 11.089  1.00 49.97 ? 48  GLU A CA  1 
ATOM   433  C  C   . GLU A 1 48 ? 3.335   -13.512 11.300  1.00 63.34 ? 48  GLU A C   1 
ATOM   434  O  O   . GLU A 1 48 ? 3.810   -14.119 10.343  1.00 71.83 ? 48  GLU A O   1 
ATOM   435  C  CB  . GLU A 1 48 ? 3.468   -11.007 11.444  1.00 58.11 ? 48  GLU A CB  1 
ATOM   436  C  CG  . GLU A 1 48 ? 4.906   -11.084 10.931  1.00 66.35 ? 48  GLU A CG  1 
ATOM   437  C  CD  . GLU A 1 48 ? 5.020   -11.447 9.457   1.00 74.72 ? 48  GLU A CD  1 
ATOM   438  O  OE1 . GLU A 1 48 ? 4.153   -11.034 8.657   1.00 60.67 ? 48  GLU A OE1 1 
ATOM   439  O  OE2 . GLU A 1 48 ? 5.987   -12.154 9.100   1.00 70.84 ? 48  GLU A OE2 1 
ATOM   440  N  N   . GLN A 1 49 ? 3.443   -13.951 12.550  1.00 64.46 ? 49  GLN A N   1 
ATOM   441  C  CA  . GLN A 1 49 ? 4.065   -15.240 12.837  1.00 59.31 ? 49  GLN A CA  1 
ATOM   442  C  C   . GLN A 1 49 ? 3.032   -16.364 12.735  1.00 58.16 ? 49  GLN A C   1 
ATOM   443  O  O   . GLN A 1 49 ? 3.069   -17.333 13.498  1.00 65.23 ? 49  GLN A O   1 
ATOM   444  C  CB  . GLN A 1 49 ? 4.731   -15.227 14.215  1.00 56.46 ? 49  GLN A CB  1 
ATOM   445  C  CG  . GLN A 1 49 ? 3.785   -14.993 15.379  1.00 58.46 ? 49  GLN A CG  1 
ATOM   446  C  CD  . GLN A 1 49 ? 4.507   -14.982 16.709  1.00 70.36 ? 49  GLN A CD  1 
ATOM   447  O  OE1 . GLN A 1 49 ? 5.717   -14.764 16.771  1.00 78.28 ? 49  GLN A OE1 1 
ATOM   448  N  NE2 . GLN A 1 49 ? 3.769   -15.232 17.784  1.00 60.59 ? 49  GLN A NE2 1 
ATOM   449  N  N   . GLN A 1 50 ? 2.119   -16.203 11.776  1.00 57.52 ? 50  GLN A N   1 
ATOM   450  C  CA  . GLN A 1 50 ? 1.073   -17.172 11.443  1.00 56.97 ? 50  GLN A CA  1 
ATOM   451  C  C   . GLN A 1 50 ? -0.017  -17.274 12.506  1.00 54.94 ? 50  GLN A C   1 
ATOM   452  O  O   . GLN A 1 50 ? 0.262   -17.464 13.689  1.00 59.28 ? 50  GLN A O   1 
ATOM   453  C  CB  . GLN A 1 50 ? 1.676   -18.556 11.190  1.00 55.92 ? 50  GLN A CB  1 
ATOM   454  C  CG  . GLN A 1 50 ? 2.183   -18.762 9.776   1.00 54.14 ? 50  GLN A CG  1 
ATOM   455  C  CD  . GLN A 1 50 ? 2.998   -20.030 9.639   1.00 61.72 ? 50  GLN A CD  1 
ATOM   456  O  OE1 . GLN A 1 50 ? 3.254   -20.724 10.622  1.00 68.95 ? 50  GLN A OE1 1 
ATOM   457  N  NE2 . GLN A 1 50 ? 3.405   -20.342 8.415   1.00 67.13 ? 50  GLN A NE2 1 
ATOM   458  N  N   . ILE A 1 51 ? -1.263  -17.134 12.062  1.00 55.60 ? 51  ILE A N   1 
ATOM   459  C  CA  . ILE A 1 51 ? -2.431  -17.391 12.898  1.00 55.65 ? 51  ILE A CA  1 
ATOM   460  C  C   . ILE A 1 51 ? -3.506  -18.107 12.090  1.00 69.21 ? 51  ILE A C   1 
ATOM   461  O  O   . ILE A 1 51 ? -3.241  -18.622 11.003  1.00 63.44 ? 51  ILE A O   1 
ATOM   462  C  CB  . ILE A 1 51 ? -3.025  -16.098 13.489  1.00 49.46 ? 51  ILE A CB  1 
ATOM   463  C  CG1 . ILE A 1 51 ? -2.194  -15.615 14.678  1.00 60.42 ? 51  ILE A CG1 1 
ATOM   464  C  CG2 . ILE A 1 51 ? -4.466  -16.327 13.925  1.00 43.51 ? 51  ILE A CG2 1 
ATOM   465  C  CD1 . ILE A 1 51 ? -2.804  -14.434 15.396  1.00 54.90 ? 51  ILE A CD1 1 
ATOM   466  N  N   . GLU B 1 2  ? -10.136 -9.876  23.164  1.00 57.45 ? 2   GLU B N   1 
ATOM   467  C  CA  . GLU B 1 2  ? -9.662  -8.504  23.299  1.00 68.86 ? 2   GLU B CA  1 
ATOM   468  C  C   . GLU B 1 2  ? -10.297 -7.597  22.247  1.00 65.30 ? 2   GLU B C   1 
ATOM   469  O  O   . GLU B 1 2  ? -10.475 -6.398  22.467  1.00 46.60 ? 2   GLU B O   1 
ATOM   470  C  CB  . GLU B 1 2  ? -8.133  -8.455  23.190  1.00 66.46 ? 2   GLU B CB  1 
ATOM   471  C  CG  . GLU B 1 2  ? -7.534  -7.059  23.312  1.00 60.04 ? 2   GLU B CG  1 
ATOM   472  C  CD  . GLU B 1 2  ? -6.018  -7.060  23.221  1.00 51.34 ? 2   GLU B CD  1 
ATOM   473  O  OE1 . GLU B 1 2  ? -5.412  -8.145  23.343  1.00 42.53 ? 2   GLU B OE1 1 
ATOM   474  O  OE2 . GLU B 1 2  ? -5.434  -5.974  23.024  1.00 47.41 ? 2   GLU B OE2 1 
ATOM   475  N  N   . PHE B 1 3  ? -10.655 -8.182  21.108  1.00 67.68 ? 3   PHE B N   1 
ATOM   476  C  CA  . PHE B 1 3  ? -11.165 -7.411  19.980  1.00 63.19 ? 3   PHE B CA  1 
ATOM   477  C  C   . PHE B 1 3  ? -12.672 -7.579  19.800  1.00 64.68 ? 3   PHE B C   1 
ATOM   478  O  O   . PHE B 1 3  ? -13.442 -7.479  20.756  1.00 65.20 ? 3   PHE B O   1 
ATOM   479  C  CB  . PHE B 1 3  ? -10.437 -7.820  18.696  1.00 46.62 ? 3   PHE B CB  1 
ATOM   480  C  CG  . PHE B 1 3  ? -8.940  -7.849  18.833  1.00 53.44 ? 3   PHE B CG  1 
ATOM   481  C  CD1 . PHE B 1 3  ? -8.277  -9.035  19.103  1.00 58.12 ? 3   PHE B CD1 1 
ATOM   482  C  CD2 . PHE B 1 3  ? -8.197  -6.688  18.702  1.00 59.32 ? 3   PHE B CD2 1 
ATOM   483  C  CE1 . PHE B 1 3  ? -6.900  -9.062  19.234  1.00 53.97 ? 3   PHE B CE1 1 
ATOM   484  C  CE2 . PHE B 1 3  ? -6.822  -6.708  18.831  1.00 59.55 ? 3   PHE B CE2 1 
ATOM   485  C  CZ  . PHE B 1 3  ? -6.173  -7.896  19.098  1.00 57.07 ? 3   PHE B CZ  1 
ATOM   486  N  N   . SER B 1 4  ? -13.078 -7.825  18.560  1.00 58.22 ? 4   SER B N   1 
ATOM   487  C  CA  . SER B 1 4  ? -14.480 -8.024  18.212  1.00 57.50 ? 4   SER B CA  1 
ATOM   488  C  C   . SER B 1 4  ? -14.549 -8.865  16.948  1.00 60.29 ? 4   SER B C   1 
ATOM   489  O  O   . SER B 1 4  ? -13.516 -9.173  16.354  1.00 65.67 ? 4   SER B O   1 
ATOM   490  C  CB  . SER B 1 4  ? -15.191 -6.685  18.006  1.00 53.39 ? 4   SER B CB  1 
ATOM   491  O  OG  . SER B 1 4  ? -16.526 -6.869  17.565  1.00 59.01 ? 4   SER B OG  1 
ATOM   492  N  N   . GLU B 1 5  ? -15.759 -9.236  16.537  1.00 62.59 ? 5   GLU B N   1 
ATOM   493  C  CA  . GLU B 1 5  ? -15.924 -10.000 15.305  1.00 67.51 ? 5   GLU B CA  1 
ATOM   494  C  C   . GLU B 1 5  ? -16.092 -9.095  14.073  1.00 61.80 ? 5   GLU B C   1 
ATOM   495  O  O   . GLU B 1 5  ? -15.678 -9.480  12.985  1.00 62.81 ? 5   GLU B O   1 
ATOM   496  C  CB  . GLU B 1 5  ? -17.093 -10.986 15.425  1.00 70.24 ? 5   GLU B CB  1 
ATOM   497  C  CG  . GLU B 1 5  ? -18.421 -10.386 15.804  1.00 78.70 ? 5   GLU B CG  1 
ATOM   498  C  CD  . GLU B 1 5  ? -19.540 -11.400 15.713  1.00 83.09 ? 5   GLU B CD  1 
ATOM   499  O  OE1 . GLU B 1 5  ? -19.688 -12.013 14.632  1.00 66.73 ? 5   GLU B OE1 1 
ATOM   500  O  OE2 . GLU B 1 5  ? -20.290 -11.561 16.699  1.00 87.70 ? 5   GLU B OE2 1 
ATOM   501  N  N   . GLU B 1 6  ? -16.659 -7.897  14.228  1.00 62.66 ? 6   GLU B N   1 
ATOM   502  C  CA  . GLU B 1 6  ? -16.644 -6.918  13.129  1.00 57.47 ? 6   GLU B CA  1 
ATOM   503  C  C   . GLU B 1 6  ? -15.484 -5.934  13.259  1.00 55.88 ? 6   GLU B C   1 
ATOM   504  O  O   . GLU B 1 6  ? -15.582 -4.783  12.827  1.00 51.13 ? 6   GLU B O   1 
ATOM   505  C  CB  . GLU B 1 6  ? -17.947 -6.118  13.047  1.00 58.72 ? 6   GLU B CB  1 
ATOM   506  C  CG  . GLU B 1 6  ? -18.555 -5.777  14.386  1.00 74.05 ? 6   GLU B CG  1 
ATOM   507  C  CD  . GLU B 1 6  ? -19.383 -6.908  14.957  1.00 76.63 ? 6   GLU B CD  1 
ATOM   508  O  OE1 . GLU B 1 6  ? -19.357 -8.013  14.373  1.00 85.85 ? 6   GLU B OE1 1 
ATOM   509  O  OE2 . GLU B 1 6  ? -20.067 -6.676  15.976  1.00 71.93 ? 6   GLU B OE2 1 
ATOM   510  N  N   . GLN B 1 7  ? -14.394 -6.385  13.865  1.00 55.36 ? 7   GLN B N   1 
ATOM   511  C  CA  . GLN B 1 7  ? -13.176 -5.589  13.937  1.00 50.17 ? 7   GLN B CA  1 
ATOM   512  C  C   . GLN B 1 7  ? -12.001 -6.471  13.555  1.00 51.80 ? 7   GLN B C   1 
ATOM   513  O  O   . GLN B 1 7  ? -10.958 -5.986  13.121  1.00 47.56 ? 7   GLN B O   1 
ATOM   514  C  CB  . GLN B 1 7  ? -12.978 -4.994  15.335  1.00 45.14 ? 7   GLN B CB  1 
ATOM   515  C  CG  . GLN B 1 7  ? -14.014 -3.952  15.726  1.00 51.27 ? 7   GLN B CG  1 
ATOM   516  C  CD  . GLN B 1 7  ? -13.713 -3.315  17.065  1.00 58.55 ? 7   GLN B CD  1 
ATOM   517  O  OE1 . GLN B 1 7  ? -12.895 -3.818  17.833  1.00 60.49 ? 7   GLN B OE1 1 
ATOM   518  N  NE2 . GLN B 1 7  ? -14.368 -2.194  17.349  1.00 41.67 ? 7   GLN B NE2 1 
ATOM   519  N  N   . LYS B 1 8  ? -12.192 -7.777  13.706  1.00 55.25 ? 8   LYS B N   1 
ATOM   520  C  CA  . LYS B 1 8  ? -11.163 -8.750  13.373  1.00 54.36 ? 8   LYS B CA  1 
ATOM   521  C  C   . LYS B 1 8  ? -11.173 -9.028  11.875  1.00 43.94 ? 8   LYS B C   1 
ATOM   522  O  O   . LYS B 1 8  ? -10.119 -9.238  11.268  1.00 45.26 ? 8   LYS B O   1 
ATOM   523  C  CB  . LYS B 1 8  ? -11.363 -10.041 14.172  1.00 57.15 ? 8   LYS B CB  1 
ATOM   524  C  CG  . LYS B 1 8  ? -10.926 -11.309 13.458  1.00 59.42 ? 8   LYS B CG  1 
ATOM   525  C  CD  . LYS B 1 8  ? -11.685 -12.525 13.969  1.00 62.64 ? 8   LYS B CD  1 
ATOM   526  C  CE  . LYS B 1 8  ? -12.953 -12.760 13.168  1.00 60.02 ? 8   LYS B CE  1 
ATOM   527  N  NZ  . LYS B 1 8  ? -12.646 -13.071 11.746  1.00 62.57 ? 8   LYS B NZ  1 
ATOM   528  N  N   . ARG B 1 9  ? -12.364 -9.021  11.281  1.00 44.31 ? 9   ARG B N   1 
ATOM   529  C  CA  . ARG B 1 9  ? -12.482 -9.156  9.837   1.00 46.98 ? 9   ARG B CA  1 
ATOM   530  C  C   . ARG B 1 9  ? -11.728 -8.026  9.140   1.00 46.33 ? 9   ARG B C   1 
ATOM   531  O  O   . ARG B 1 9  ? -10.941 -8.266  8.226   1.00 47.48 ? 9   ARG B O   1 
ATOM   532  C  CB  . ARG B 1 9  ? -13.944 -9.140  9.402   1.00 43.67 ? 9   ARG B CB  1 
ATOM   533  C  CG  . ARG B 1 9  ? -14.881 -10.071 10.159  1.00 57.89 ? 9   ARG B CG  1 
ATOM   534  C  CD  . ARG B 1 9  ? -16.268 -9.852  9.608   1.00 64.82 ? 9   ARG B CD  1 
ATOM   535  N  NE  . ARG B 1 9  ? -16.306 -8.500  9.058   1.00 54.92 ? 9   ARG B NE  1 
ATOM   536  C  CZ  . ARG B 1 9  ? -17.400 -7.857  8.676   1.00 70.78 ? 9   ARG B CZ  1 
ATOM   537  N  NH1 . ARG B 1 9  ? -18.587 -8.442  8.764   1.00 66.27 ? 9   ARG B NH1 1 
ATOM   538  N  NH2 . ARG B 1 9  ? -17.297 -6.629  8.197   1.00 79.65 ? 9   ARG B NH2 1 
ATOM   539  N  N   . THR B 1 10 ? -11.992 -6.797  9.574   1.00 43.46 ? 10  THR B N   1 
ATOM   540  C  CA  . THR B 1 10 ? -11.326 -5.608  9.048   1.00 34.04 ? 10  THR B CA  1 
ATOM   541  C  C   . THR B 1 10 ? -9.805  -5.735  9.144   1.00 34.30 ? 10  THR B C   1 
ATOM   542  O  O   . THR B 1 10 ? -9.073  -5.316  8.244   1.00 31.30 ? 10  THR B O   1 
ATOM   543  C  CB  . THR B 1 10 ? -11.787 -4.341  9.800   1.00 44.69 ? 10  THR B CB  1 
ATOM   544  O  OG1 . THR B 1 10 ? -13.205 -4.190  9.653   1.00 42.34 ? 10  THR B OG1 1 
ATOM   545  C  CG2 . THR B 1 10 ? -11.094 -3.099  9.257   1.00 44.56 ? 10  THR B CG2 1 
ATOM   546  N  N   . LEU B 1 11 ? -9.337  -6.328  10.238  1.00 32.27 ? 11  LEU B N   1 
ATOM   547  C  CA  . LEU B 1 11 ? -7.913  -6.575  10.428  1.00 31.06 ? 11  LEU B CA  1 
ATOM   548  C  C   . LEU B 1 11 ? -7.439  -7.756  9.583   1.00 36.85 ? 11  LEU B C   1 
ATOM   549  O  O   . LEU B 1 11 ? -6.306  -7.769  9.103   1.00 41.44 ? 11  LEU B O   1 
ATOM   550  C  CB  . LEU B 1 11 ? -7.609  -6.826  11.907  1.00 41.36 ? 11  LEU B CB  1 
ATOM   551  C  CG  . LEU B 1 11 ? -7.798  -5.624  12.834  1.00 41.88 ? 11  LEU B CG  1 
ATOM   552  C  CD1 . LEU B 1 11 ? -7.775  -6.054  14.291  1.00 49.68 ? 11  LEU B CD1 1 
ATOM   553  C  CD2 . LEU B 1 11 ? -6.732  -4.572  12.566  1.00 46.22 ? 11  LEU B CD2 1 
ATOM   554  N  N   . ASP B 1 12 ? -8.309  -8.746  9.406   1.00 42.85 ? 12  ASP B N   1 
ATOM   555  C  CA  . ASP B 1 12 ? -7.993  -9.905  8.575   1.00 46.44 ? 12  ASP B CA  1 
ATOM   556  C  C   . ASP B 1 12 ? -7.884  -9.519  7.107   1.00 35.01 ? 12  ASP B C   1 
ATOM   557  O  O   . ASP B 1 12 ? -6.989  -9.978  6.397   1.00 31.20 ? 12  ASP B O   1 
ATOM   558  C  CB  . ASP B 1 12 ? -9.048  -11.001 8.743   1.00 44.64 ? 12  ASP B CB  1 
ATOM   559  C  CG  . ASP B 1 12 ? -8.822  -11.845 9.979   1.00 53.17 ? 12  ASP B CG  1 
ATOM   560  O  OD1 . ASP B 1 12 ? -7.648  -12.077 10.336  1.00 54.68 ? 12  ASP B OD1 1 
ATOM   561  O  OD2 . ASP B 1 12 ? -9.818  -12.284 10.591  1.00 61.66 ? 12  ASP B OD2 1 
ATOM   562  N  N   . LEU B 1 13 ? -8.808  -8.674  6.659   1.00 33.42 ? 13  LEU B N   1 
ATOM   563  C  CA  . LEU B 1 13 ? -8.846  -8.232  5.271   1.00 30.37 ? 13  LEU B CA  1 
ATOM   564  C  C   . LEU B 1 13 ? -7.573  -7.491  4.881   1.00 28.95 ? 13  LEU B C   1 
ATOM   565  O  O   . LEU B 1 13 ? -6.935  -7.822  3.881   1.00 32.40 ? 13  LEU B O   1 
ATOM   566  C  CB  . LEU B 1 13 ? -10.063 -7.339  5.033   1.00 21.39 ? 13  LEU B CB  1 
ATOM   567  C  CG  . LEU B 1 13 ? -10.286 -6.879  3.592   1.00 22.29 ? 13  LEU B CG  1 
ATOM   568  C  CD1 . LEU B 1 13 ? -10.794 -8.026  2.732   1.00 28.80 ? 13  LEU B CD1 1 
ATOM   569  C  CD2 . LEU B 1 13 ? -11.243 -5.699  3.551   1.00 32.62 ? 13  LEU B CD2 1 
ATOM   570  N  N   . LEU B 1 14 ? -7.204  -6.493  5.678   1.00 25.22 ? 14  LEU B N   1 
ATOM   571  C  CA  . LEU B 1 14 ? -6.023  -5.686  5.393   1.00 25.18 ? 14  LEU B CA  1 
ATOM   572  C  C   . LEU B 1 14 ? -4.733  -6.483  5.555   1.00 21.88 ? 14  LEU B C   1 
ATOM   573  O  O   . LEU B 1 14 ? -3.699  -6.115  5.001   1.00 20.44 ? 14  LEU B O   1 
ATOM   574  C  CB  . LEU B 1 14 ? -5.992  -4.449  6.292   1.00 31.96 ? 14  LEU B CB  1 
ATOM   575  C  CG  . LEU B 1 14 ? -7.060  -3.390  6.010   1.00 26.47 ? 14  LEU B CG  1 
ATOM   576  C  CD1 . LEU B 1 14 ? -6.847  -2.169  6.891   1.00 26.19 ? 14  LEU B CD1 1 
ATOM   577  C  CD2 . LEU B 1 14 ? -7.049  -2.999  4.540   1.00 16.96 ? 14  LEU B CD2 1 
ATOM   578  N  N   . PHE B 1 15 ? -4.793  -7.572  6.314   1.00 25.97 ? 15  PHE B N   1 
ATOM   579  C  CA  . PHE B 1 15 ? -3.627  -8.431  6.473   1.00 26.10 ? 15  PHE B CA  1 
ATOM   580  C  C   . PHE B 1 15 ? -3.409  -9.266  5.217   1.00 26.42 ? 15  PHE B C   1 
ATOM   581  O  O   . PHE B 1 15 ? -2.273  -9.478  4.798   1.00 21.99 ? 15  PHE B O   1 
ATOM   582  C  CB  . PHE B 1 15 ? -3.769  -9.343  7.692   1.00 26.84 ? 15  PHE B CB  1 
ATOM   583  C  CG  . PHE B 1 15 ? -2.548  -10.174 7.963   1.00 29.68 ? 15  PHE B CG  1 
ATOM   584  C  CD1 . PHE B 1 15 ? -1.479  -9.645  8.666   1.00 28.75 ? 15  PHE B CD1 1 
ATOM   585  C  CD2 . PHE B 1 15 ? -2.465  -11.479 7.506   1.00 28.41 ? 15  PHE B CD2 1 
ATOM   586  C  CE1 . PHE B 1 15 ? -0.350  -10.403 8.912   1.00 34.70 ? 15  PHE B CE1 1 
ATOM   587  C  CE2 . PHE B 1 15 ? -1.339  -12.242 7.748   1.00 26.40 ? 15  PHE B CE2 1 
ATOM   588  C  CZ  . PHE B 1 15 ? -0.281  -11.704 8.454   1.00 33.21 ? 15  PHE B CZ  1 
ATOM   589  N  N   . LEU B 1 16 ? -4.501  -9.742  4.625   1.00 23.55 ? 16  LEU B N   1 
ATOM   590  C  CA  . LEU B 1 16 ? -4.428  -10.470 3.364   1.00 21.33 ? 16  LEU B CA  1 
ATOM   591  C  C   . LEU B 1 16 ? -4.137  -9.511  2.217   1.00 21.92 ? 16  LEU B C   1 
ATOM   592  O  O   . LEU B 1 16 ? -3.619  -9.911  1.174   1.00 27.40 ? 16  LEU B O   1 
ATOM   593  C  CB  . LEU B 1 16 ? -5.728  -11.230 3.094   1.00 24.23 ? 16  LEU B CB  1 
ATOM   594  C  CG  . LEU B 1 16 ? -6.036  -12.450 3.965   1.00 17.57 ? 16  LEU B CG  1 
ATOM   595  C  CD1 . LEU B 1 16 ? -7.305  -13.135 3.481   1.00 15.97 ? 16  LEU B CD1 1 
ATOM   596  C  CD2 . LEU B 1 16 ? -4.866  -13.421 3.962   1.00 19.77 ? 16  LEU B CD2 1 
ATOM   597  N  N   . PHE B 1 17 ? -4.473  -8.241  2.421   1.00 22.44 ? 17  PHE B N   1 
ATOM   598  C  CA  . PHE B 1 17 ? -4.266  -7.221  1.402   1.00 18.46 ? 17  PHE B CA  1 
ATOM   599  C  C   . PHE B 1 17 ? -2.834  -6.698  1.434   1.00 16.51 ? 17  PHE B C   1 
ATOM   600  O  O   . PHE B 1 17 ? -2.239  -6.448  0.388   1.00 18.08 ? 17  PHE B O   1 
ATOM   601  C  CB  . PHE B 1 17 ? -5.261  -6.074  1.584   1.00 16.64 ? 17  PHE B CB  1 
ATOM   602  C  CG  . PHE B 1 17 ? -5.175  -5.020  0.518   1.00 16.81 ? 17  PHE B CG  1 
ATOM   603  C  CD1 . PHE B 1 17 ? -5.330  -5.354  -0.817  1.00 22.24 ? 17  PHE B CD1 1 
ATOM   604  C  CD2 . PHE B 1 17 ? -4.957  -3.695  0.854   1.00 8.90  ? 17  PHE B CD2 1 
ATOM   605  C  CE1 . PHE B 1 17 ? -5.254  -4.385  -1.800  1.00 17.00 ? 17  PHE B CE1 1 
ATOM   606  C  CE2 . PHE B 1 17 ? -4.883  -2.722  -0.125  1.00 10.51 ? 17  PHE B CE2 1 
ATOM   607  C  CZ  . PHE B 1 17 ? -5.031  -3.068  -1.453  1.00 9.48  ? 17  PHE B CZ  1 
ATOM   608  N  N   . ASP B 1 18 ? -2.279  -6.539  2.633   1.00 12.53 ? 18  ASP B N   1 
ATOM   609  C  CA  . ASP B 1 18 ? -0.876  -6.162  2.768   1.00 16.68 ? 18  ASP B CA  1 
ATOM   610  C  C   . ASP B 1 18 ? -0.003  -7.335  2.342   1.00 19.32 ? 18  ASP B C   1 
ATOM   611  O  O   . ASP B 1 18 ? 1.131   -7.159  1.893   1.00 15.03 ? 18  ASP B O   1 
ATOM   612  C  CB  . ASP B 1 18 ? -0.554  -5.742  4.203   1.00 18.26 ? 18  ASP B CB  1 
ATOM   613  C  CG  . ASP B 1 18 ? 0.890   -5.305  4.374   1.00 18.54 ? 18  ASP B CG  1 
ATOM   614  O  OD1 . ASP B 1 18 ? 1.175   -4.102  4.191   1.00 16.61 ? 18  ASP B OD1 1 
ATOM   615  O  OD2 . ASP B 1 18 ? 1.740   -6.163  4.694   1.00 20.16 ? 18  ASP B OD2 1 
ATOM   616  N  N   . ARG B 1 19 ? -0.553  -8.535  2.488   1.00 24.28 ? 19  ARG B N   1 
ATOM   617  C  CA  . ARG B 1 19 ? 0.114   -9.761  2.074   1.00 14.71 ? 19  ARG B CA  1 
ATOM   618  C  C   . ARG B 1 19 ? 0.257   -9.811  0.560   1.00 17.96 ? 19  ARG B C   1 
ATOM   619  O  O   . ARG B 1 19 ? 1.314   -10.168 0.038   1.00 19.30 ? 19  ARG B O   1 
ATOM   620  C  CB  . ARG B 1 19 ? -0.667  -10.977 2.575   1.00 20.14 ? 19  ARG B CB  1 
ATOM   621  C  CG  . ARG B 1 19 ? -0.046  -12.322 2.254   1.00 44.07 ? 19  ARG B CG  1 
ATOM   622  C  CD  . ARG B 1 19 ? -0.927  -13.448 2.775   1.00 47.17 ? 19  ARG B CD  1 
ATOM   623  N  NE  . ARG B 1 19 ? -0.420  -14.766 2.405   1.00 62.50 ? 19  ARG B NE  1 
ATOM   624  C  CZ  . ARG B 1 19 ? -0.711  -15.384 1.265   1.00 44.39 ? 19  ARG B CZ  1 
ATOM   625  N  NH1 . ARG B 1 19 ? -1.507  -14.803 0.378   1.00 46.28 ? 19  ARG B NH1 1 
ATOM   626  N  NH2 . ARG B 1 19 ? -0.206  -16.584 1.010   1.00 41.54 ? 19  ARG B NH2 1 
ATOM   627  N  N   . ARG B 1 20 ? -0.811  -9.443  -0.141  1.00 17.94 ? 20  ARG B N   1 
ATOM   628  C  CA  . ARG B 1 20 ? -0.824  -9.476  -1.599  1.00 14.41 ? 20  ARG B CA  1 
ATOM   629  C  C   . ARG B 1 20 ? -0.014  -8.330  -2.203  1.00 15.35 ? 20  ARG B C   1 
ATOM   630  O  O   . ARG B 1 20 ? 0.647   -8.503  -3.228  1.00 14.85 ? 20  ARG B O   1 
ATOM   631  C  CB  . ARG B 1 20 ? -2.265  -9.431  -2.116  1.00 11.49 ? 20  ARG B CB  1 
ATOM   632  C  CG  . ARG B 1 20 ? -2.386  -9.432  -3.632  1.00 12.44 ? 20  ARG B CG  1 
ATOM   633  C  CD  . ARG B 1 20 ? -1.735  -10.661 -4.243  1.00 15.18 ? 20  ARG B CD  1 
ATOM   634  N  NE  . ARG B 1 20 ? -2.488  -11.881 -3.959  1.00 14.12 ? 20  ARG B NE  1 
ATOM   635  C  CZ  . ARG B 1 20 ? -3.389  -12.410 -4.782  1.00 14.78 ? 20  ARG B CZ  1 
ATOM   636  N  NH1 . ARG B 1 20 ? -3.650  -11.826 -5.944  1.00 13.92 ? 20  ARG B NH1 1 
ATOM   637  N  NH2 . ARG B 1 20 ? -4.026  -13.523 -4.443  1.00 15.73 ? 20  ARG B NH2 1 
HETATM 638  N  N   . MSE B 1 21 ? -0.061  -7.163  -1.565  1.00 13.37 ? 21  MSE B N   1 
HETATM 639  C  CA  . MSE B 1 21 ? 0.645   -5.992  -2.077  1.00 12.00 ? 21  MSE B CA  1 
HETATM 640  C  C   . MSE B 1 21 ? 2.157   -6.125  -1.913  1.00 15.93 ? 21  MSE B C   1 
HETATM 641  O  O   . MSE B 1 21 ? 2.925   -5.551  -2.686  1.00 17.35 ? 21  MSE B O   1 
HETATM 642  C  CB  . MSE B 1 21 ? 0.156   -4.719  -1.382  1.00 14.41 ? 21  MSE B CB  1 
HETATM 643  C  CG  . MSE B 1 21 ? -1.287  -4.339  -1.692  1.00 13.77 ? 21  MSE B CG  1 
HETATM 644  SE SE  . MSE B 1 21 ? -1.646  -4.037  -3.587  1.00 33.05 ? 21  MSE B SE  1 
HETATM 645  C  CE  . MSE B 1 21 ? -2.386  -5.781  -4.053  1.00 11.51 ? 21  MSE B CE  1 
ATOM   646  N  N   . THR B 1 22 ? 2.581   -6.883  -0.907  1.00 16.68 ? 22  THR B N   1 
ATOM   647  C  CA  . THR B 1 22 ? 4.002   -7.110  -0.673  1.00 12.35 ? 22  THR B CA  1 
ATOM   648  C  C   . THR B 1 22 ? 4.569   -8.084  -1.702  1.00 15.32 ? 22  THR B C   1 
ATOM   649  O  O   . THR B 1 22 ? 5.693   -7.913  -2.180  1.00 17.01 ? 22  THR B O   1 
ATOM   650  C  CB  . THR B 1 22 ? 4.264   -7.657  0.741   1.00 14.43 ? 22  THR B CB  1 
ATOM   651  O  OG1 . THR B 1 22 ? 3.582   -6.843  1.705   1.00 17.93 ? 22  THR B OG1 1 
ATOM   652  C  CG2 . THR B 1 22 ? 5.755   -7.661  1.046   1.00 20.29 ? 22  THR B CG2 1 
ATOM   653  N  N   . GLU B 1 23 ? 3.784   -9.102  -2.041  1.00 15.87 ? 23  GLU B N   1 
ATOM   654  C  CA  . GLU B 1 23 ? 4.179   -10.077 -3.051  1.00 15.44 ? 23  GLU B CA  1 
ATOM   655  C  C   . GLU B 1 23 ? 4.347   -9.420  -4.415  1.00 16.36 ? 23  GLU B C   1 
ATOM   656  O  O   . GLU B 1 23 ? 5.373   -9.586  -5.074  1.00 17.65 ? 23  GLU B O   1 
ATOM   657  C  CB  . GLU B 1 23 ? 3.150   -11.207 -3.150  1.00 18.21 ? 23  GLU B CB  1 
ATOM   658  C  CG  . GLU B 1 23 ? 3.008   -12.048 -1.895  1.00 22.75 ? 23  GLU B CG  1 
ATOM   659  C  CD  . GLU B 1 23 ? 1.926   -13.103 -2.030  1.00 20.75 ? 23  GLU B CD  1 
ATOM   660  O  OE1 . GLU B 1 23 ? 1.547   -13.424 -3.176  1.00 21.65 ? 23  GLU B OE1 1 
ATOM   661  O  OE2 . GLU B 1 23 ? 1.452   -13.611 -0.990  1.00 18.90 ? 23  GLU B OE2 1 
ATOM   662  N  N   . GLU B 1 24 ? 3.328   -8.672  -4.830  1.00 15.49 ? 24  GLU B N   1 
ATOM   663  C  CA  . GLU B 1 24 ? 3.315   -8.050  -6.149  1.00 17.22 ? 24  GLU B CA  1 
ATOM   664  C  C   . GLU B 1 24 ? 4.385   -6.975  -6.293  1.00 19.05 ? 24  GLU B C   1 
ATOM   665  O  O   . GLU B 1 24 ? 4.931   -6.781  -7.380  1.00 19.89 ? 24  GLU B O   1 
ATOM   666  C  CB  . GLU B 1 24 ? 1.935   -7.460  -6.442  1.00 21.23 ? 24  GLU B CB  1 
ATOM   667  C  CG  . GLU B 1 24 ? 0.856   -8.512  -6.622  1.00 19.79 ? 24  GLU B CG  1 
ATOM   668  C  CD  . GLU B 1 24 ? 1.200   -9.508  -7.712  1.00 20.40 ? 24  GLU B CD  1 
ATOM   669  O  OE1 . GLU B 1 24 ? 1.591   -9.072  -8.817  1.00 24.40 ? 24  GLU B OE1 1 
ATOM   670  O  OE2 . GLU B 1 24 ? 1.092   -10.726 -7.462  1.00 14.85 ? 24  GLU B OE2 1 
ATOM   671  N  N   . ARG B 1 25 ? 4.676   -6.274  -5.200  1.00 19.19 ? 25  ARG B N   1 
ATOM   672  C  CA  . ARG B 1 25 ? 5.748   -5.287  -5.196  1.00 16.30 ? 25  ARG B CA  1 
ATOM   673  C  C   . ARG B 1 25 ? 7.073   -5.959  -5.526  1.00 22.57 ? 25  ARG B C   1 
ATOM   674  O  O   . ARG B 1 25 ? 7.850   -5.461  -6.340  1.00 26.19 ? 25  ARG B O   1 
ATOM   675  C  CB  . ARG B 1 25 ? 5.839   -4.582  -3.843  1.00 15.06 ? 25  ARG B CB  1 
ATOM   676  C  CG  . ARG B 1 25 ? 6.992   -3.596  -3.747  1.00 22.94 ? 25  ARG B CG  1 
ATOM   677  C  CD  . ARG B 1 25 ? 7.116   -3.012  -2.350  1.00 22.59 ? 25  ARG B CD  1 
ATOM   678  N  NE  . ARG B 1 25 ? 7.416   -4.036  -1.355  1.00 21.27 ? 25  ARG B NE  1 
ATOM   679  C  CZ  . ARG B 1 25 ? 7.607   -3.787  -0.064  1.00 25.19 ? 25  ARG B CZ  1 
ATOM   680  N  NH1 . ARG B 1 25 ? 7.534   -2.544  0.390   1.00 34.90 ? 25  ARG B NH1 1 
ATOM   681  N  NH2 . ARG B 1 25 ? 7.875   -4.780  0.773   1.00 25.37 ? 25  ARG B NH2 1 
ATOM   682  N  N   . ARG B 1 26 ? 7.313   -7.098  -4.886  1.00 23.67 ? 26  ARG B N   1 
ATOM   683  C  CA  . ARG B 1 26 ? 8.509   -7.891  -5.128  1.00 21.83 ? 26  ARG B CA  1 
ATOM   684  C  C   . ARG B 1 26 ? 8.594   -8.320  -6.590  1.00 25.22 ? 26  ARG B C   1 
ATOM   685  O  O   . ARG B 1 26 ? 9.669   -8.311  -7.189  1.00 32.27 ? 26  ARG B O   1 
ATOM   686  C  CB  . ARG B 1 26 ? 8.525   -9.117  -4.213  1.00 20.61 ? 26  ARG B CB  1 
ATOM   687  C  CG  . ARG B 1 26 ? 9.733   -10.012 -4.399  1.00 30.58 ? 26  ARG B CG  1 
ATOM   688  C  CD  . ARG B 1 26 ? 9.726   -11.172 -3.418  1.00 33.45 ? 26  ARG B CD  1 
ATOM   689  N  NE  . ARG B 1 26 ? 8.631   -12.108 -3.654  1.00 27.04 ? 26  ARG B NE  1 
ATOM   690  C  CZ  . ARG B 1 26 ? 7.624   -12.309 -2.810  1.00 23.05 ? 26  ARG B CZ  1 
ATOM   691  N  NH1 . ARG B 1 26 ? 7.571   -11.640 -1.667  1.00 23.51 ? 26  ARG B NH1 1 
ATOM   692  N  NH2 . ARG B 1 26 ? 6.672   -13.184 -3.107  1.00 16.89 ? 26  ARG B NH2 1 
ATOM   693  N  N   . ARG B 1 27 ? 7.450   -8.689  -7.158  1.00 19.58 ? 27  ARG B N   1 
ATOM   694  C  CA  . ARG B 1 27 ? 7.379   -9.066  -8.564  1.00 17.58 ? 27  ARG B CA  1 
ATOM   695  C  C   . ARG B 1 27 ? 7.675   -7.871  -9.462  1.00 22.52 ? 27  ARG B C   1 
ATOM   696  O  O   . ARG B 1 27 ? 8.316   -8.004  -10.503 1.00 29.98 ? 27  ARG B O   1 
ATOM   697  C  CB  . ARG B 1 27 ? 5.999   -9.636  -8.900  1.00 19.79 ? 27  ARG B CB  1 
ATOM   698  C  CG  . ARG B 1 27 ? 5.636   -10.908 -8.150  1.00 14.62 ? 27  ARG B CG  1 
ATOM   699  C  CD  . ARG B 1 27 ? 4.303   -11.450 -8.639  1.00 12.59 ? 27  ARG B CD  1 
ATOM   700  N  NE  . ARG B 1 27 ? 3.986   -12.752 -8.059  1.00 20.19 ? 27  ARG B NE  1 
ATOM   701  C  CZ  . ARG B 1 27 ? 2.988   -13.527 -8.471  1.00 17.61 ? 27  ARG B CZ  1 
ATOM   702  N  NH1 . ARG B 1 27 ? 2.209   -13.134 -9.469  1.00 13.51 ? 27  ARG B NH1 1 
ATOM   703  N  NH2 . ARG B 1 27 ? 2.769   -14.698 -7.886  1.00 16.59 ? 27  ARG B NH2 1 
ATOM   704  N  N   . TRP B 1 28 ? 7.200   -6.702  -9.045  1.00 24.62 ? 28  TRP B N   1 
ATOM   705  C  CA  . TRP B 1 28 ? 7.345   -5.480  -9.826  1.00 23.02 ? 28  TRP B CA  1 
ATOM   706  C  C   . TRP B 1 28 ? 8.766   -4.926  -9.750  1.00 26.12 ? 28  TRP B C   1 
ATOM   707  O  O   . TRP B 1 28 ? 9.251   -4.305  -10.696 1.00 25.09 ? 28  TRP B O   1 
ATOM   708  C  CB  . TRP B 1 28 ? 6.338   -4.431  -9.348  1.00 20.25 ? 28  TRP B CB  1 
ATOM   709  C  CG  . TRP B 1 28 ? 6.411   -3.129  -10.080 1.00 28.06 ? 28  TRP B CG  1 
ATOM   710  C  CD1 . TRP B 1 28 ? 5.855   -2.836  -11.289 1.00 29.01 ? 28  TRP B CD1 1 
ATOM   711  C  CD2 . TRP B 1 28 ? 7.065   -1.931  -9.641  1.00 28.25 ? 28  TRP B CD2 1 
ATOM   712  N  NE1 . TRP B 1 28 ? 6.128   -1.535  -11.636 1.00 23.85 ? 28  TRP B NE1 1 
ATOM   713  C  CE2 . TRP B 1 28 ? 6.869   -0.958  -10.639 1.00 21.01 ? 28  TRP B CE2 1 
ATOM   714  C  CE3 . TRP B 1 28 ? 7.800   -1.591  -8.500  1.00 28.76 ? 28  TRP B CE3 1 
ATOM   715  C  CZ2 . TRP B 1 28 ? 7.382   0.333   -10.535 1.00 29.78 ? 28  TRP B CZ2 1 
ATOM   716  C  CZ3 . TRP B 1 28 ? 8.307   -0.309  -8.399  1.00 25.82 ? 28  TRP B CZ3 1 
ATOM   717  C  CH2 . TRP B 1 28 ? 8.095   0.637   -9.408  1.00 31.64 ? 28  TRP B CH2 1 
ATOM   718  N  N   . LEU B 1 29 ? 9.429   -5.157  -8.622  1.00 25.26 ? 29  LEU B N   1 
ATOM   719  C  CA  . LEU B 1 29 ? 10.797  -4.691  -8.427  1.00 25.54 ? 29  LEU B CA  1 
ATOM   720  C  C   . LEU B 1 29 ? 11.788  -5.561  -9.189  1.00 32.16 ? 29  LEU B C   1 
ATOM   721  O  O   . LEU B 1 29 ? 12.762  -5.060  -9.752  1.00 38.62 ? 29  LEU B O   1 
ATOM   722  C  CB  . LEU B 1 29 ? 11.147  -4.668  -6.940  1.00 29.23 ? 29  LEU B CB  1 
ATOM   723  C  CG  . LEU B 1 29 ? 10.461  -3.562  -6.138  1.00 27.06 ? 29  LEU B CG  1 
ATOM   724  C  CD1 . LEU B 1 29 ? 10.771  -3.702  -4.660  1.00 38.15 ? 29  LEU B CD1 1 
ATOM   725  C  CD2 . LEU B 1 29 ? 10.883  -2.195  -6.653  1.00 31.48 ? 29  LEU B CD2 1 
ATOM   726  N  N   . SER B 1 30 ? 11.534  -6.866  -9.197  1.00 37.36 ? 30  SER B N   1 
ATOM   727  C  CA  . SER B 1 30 ? 12.337  -7.804  -9.972  1.00 35.36 ? 30  SER B CA  1 
ATOM   728  C  C   . SER B 1 30 ? 12.293  -7.443  -11.450 1.00 33.79 ? 30  SER B C   1 
ATOM   729  O  O   . SER B 1 30 ? 13.316  -7.431  -12.134 1.00 41.36 ? 30  SER B O   1 
ATOM   730  C  CB  . SER B 1 30 ? 11.840  -9.236  -9.763  1.00 40.37 ? 30  SER B CB  1 
ATOM   731  O  OG  . SER B 1 30 ? 12.479  -10.132 -10.656 1.00 54.57 ? 30  SER B OG  1 
ATOM   732  N  N   . GLN B 1 31 ? 11.091  -7.142  -11.927 1.00 29.16 ? 31  GLN B N   1 
ATOM   733  C  CA  . GLN B 1 31 ? 10.867  -6.758  -13.312 1.00 33.71 ? 31  GLN B CA  1 
ATOM   734  C  C   . GLN B 1 31 ? 11.578  -5.451  -13.656 1.00 38.48 ? 31  GLN B C   1 
ATOM   735  O  O   . GLN B 1 31 ? 12.007  -5.243  -14.791 1.00 43.83 ? 31  GLN B O   1 
ATOM   736  C  CB  . GLN B 1 31 ? 9.365   -6.628  -13.576 1.00 31.61 ? 31  GLN B CB  1 
ATOM   737  C  CG  . GLN B 1 31 ? 8.995   -6.162  -14.971 1.00 34.19 ? 31  GLN B CG  1 
ATOM   738  C  CD  . GLN B 1 31 ? 7.512   -5.878  -15.104 1.00 37.46 ? 31  GLN B CD  1 
ATOM   739  O  OE1 . GLN B 1 31 ? 6.767   -5.936  -14.126 1.00 41.39 ? 31  GLN B OE1 1 
ATOM   740  N  NE2 . GLN B 1 31 ? 7.075   -5.569  -16.319 1.00 30.91 ? 31  GLN B NE2 1 
ATOM   741  N  N   . ARG B 1 32 ? 11.711  -4.578  -12.663 1.00 42.01 ? 32  ARG B N   1 
ATOM   742  C  CA  . ARG B 1 32 ? 12.241  -3.239  -12.887 1.00 40.66 ? 32  ARG B CA  1 
ATOM   743  C  C   . ARG B 1 32 ? 13.737  -3.137  -12.600 1.00 37.79 ? 32  ARG B C   1 
ATOM   744  O  O   . ARG B 1 32 ? 14.500  -2.633  -13.423 1.00 42.03 ? 32  ARG B O   1 
ATOM   745  C  CB  . ARG B 1 32 ? 11.477  -2.228  -12.031 1.00 36.35 ? 32  ARG B CB  1 
ATOM   746  C  CG  . ARG B 1 32 ? 11.832  -0.781  -12.309 1.00 42.23 ? 32  ARG B CG  1 
ATOM   747  C  CD  . ARG B 1 32 ? 10.959  0.155   -11.492 1.00 40.96 ? 32  ARG B CD  1 
ATOM   748  N  NE  . ARG B 1 32 ? 11.054  1.535   -11.955 1.00 42.41 ? 32  ARG B NE  1 
ATOM   749  C  CZ  . ARG B 1 32 ? 10.328  2.039   -12.948 1.00 49.99 ? 32  ARG B CZ  1 
ATOM   750  N  NH1 . ARG B 1 32 ? 9.454   1.274   -13.588 1.00 41.63 ? 32  ARG B NH1 1 
ATOM   751  N  NH2 . ARG B 1 32 ? 10.477  3.309   -13.302 1.00 52.85 ? 32  ARG B NH2 1 
ATOM   752  N  N   . LEU B 1 33 ? 14.151  -3.613  -11.429 1.00 38.69 ? 33  LEU B N   1 
ATOM   753  C  CA  . LEU B 1 33 ? 15.546  -3.503  -11.014 1.00 46.02 ? 33  LEU B CA  1 
ATOM   754  C  C   . LEU B 1 33 ? 16.411  -4.610  -11.609 1.00 52.30 ? 33  LEU B C   1 
ATOM   755  O  O   . LEU B 1 33 ? 17.636  -4.583  -11.487 1.00 57.32 ? 33  LEU B O   1 
ATOM   756  C  CB  . LEU B 1 33 ? 15.651  -3.527  -9.489  1.00 43.32 ? 33  LEU B CB  1 
ATOM   757  C  CG  . LEU B 1 33 ? 14.864  -2.447  -8.747  1.00 35.70 ? 33  LEU B CG  1 
ATOM   758  C  CD1 . LEU B 1 33 ? 15.085  -2.572  -7.254  1.00 36.15 ? 33  LEU B CD1 1 
ATOM   759  C  CD2 . LEU B 1 33 ? 15.257  -1.061  -9.235  1.00 39.77 ? 33  LEU B CD2 1 
ATOM   760  N  N   . GLY B 1 34 ? 15.771  -5.581  -12.249 1.00 50.87 ? 34  GLY B N   1 
ATOM   761  C  CA  . GLY B 1 34 ? 16.484  -6.679  -12.876 1.00 43.32 ? 34  GLY B CA  1 
ATOM   762  C  C   . GLY B 1 34 ? 17.086  -7.654  -11.883 1.00 47.50 ? 34  GLY B C   1 
ATOM   763  O  O   . GLY B 1 34 ? 18.044  -8.360  -12.198 1.00 64.97 ? 34  GLY B O   1 
ATOM   764  N  N   . LEU B 1 35 ? 16.527  -7.691  -10.677 1.00 34.80 ? 35  LEU B N   1 
ATOM   765  C  CA  . LEU B 1 35 ? 16.968  -8.639  -9.661  1.00 43.92 ? 35  LEU B CA  1 
ATOM   766  C  C   . LEU B 1 35 ? 15.984  -9.799  -9.587  1.00 51.70 ? 35  LEU B C   1 
ATOM   767  O  O   . LEU B 1 35 ? 14.966  -9.795  -10.278 1.00 51.47 ? 35  LEU B O   1 
ATOM   768  C  CB  . LEU B 1 35 ? 17.094  -7.959  -8.296  1.00 52.18 ? 35  LEU B CB  1 
ATOM   769  C  CG  . LEU B 1 35 ? 17.958  -6.698  -8.221  1.00 56.75 ? 35  LEU B CG  1 
ATOM   770  C  CD1 . LEU B 1 35 ? 18.103  -6.236  -6.779  1.00 43.31 ? 35  LEU B CD1 1 
ATOM   771  C  CD2 . LEU B 1 35 ? 19.321  -6.938  -8.852  1.00 66.67 ? 35  LEU B CD2 1 
ATOM   772  N  N   . ASN B 1 36 ? 16.281  -10.797 -8.761  1.00 50.97 ? 36  ASN B N   1 
ATOM   773  C  CA  . ASN B 1 36 ? 15.339  -11.895 -8.584  1.00 48.55 ? 36  ASN B CA  1 
ATOM   774  C  C   . ASN B 1 36 ? 14.474  -11.661 -7.350  1.00 50.88 ? 36  ASN B C   1 
ATOM   775  O  O   . ASN B 1 36 ? 14.777  -10.792 -6.530  1.00 55.31 ? 36  ASN B O   1 
ATOM   776  C  CB  . ASN B 1 36 ? 16.082  -13.246 -8.538  1.00 57.45 ? 36  ASN B CB  1 
ATOM   777  C  CG  . ASN B 1 36 ? 16.861  -13.484 -7.237  1.00 61.41 ? 36  ASN B CG  1 
ATOM   778  O  OD1 . ASN B 1 36 ? 16.519  -12.980 -6.169  1.00 68.69 ? 36  ASN B OD1 1 
ATOM   779  N  ND2 . ASN B 1 36 ? 17.936  -14.259 -7.342  1.00 53.90 ? 36  ASN B ND2 1 
ATOM   780  N  N   . GLU B 1 37 ? 13.393  -12.422 -7.228  1.00 49.89 ? 37  GLU B N   1 
ATOM   781  C  CA  . GLU B 1 37 ? 12.468  -12.229 -6.121  1.00 45.85 ? 37  GLU B CA  1 
ATOM   782  C  C   . GLU B 1 37 ? 13.068  -12.676 -4.790  1.00 47.44 ? 37  GLU B C   1 
ATOM   783  O  O   . GLU B 1 37 ? 12.676  -12.184 -3.735  1.00 45.91 ? 37  GLU B O   1 
ATOM   784  C  CB  . GLU B 1 37 ? 11.152  -12.967 -6.383  1.00 40.17 ? 37  GLU B CB  1 
ATOM   785  C  CG  . GLU B 1 37 ? 10.413  -12.496 -7.629  1.00 32.76 ? 37  GLU B CG  1 
ATOM   786  C  CD  . GLU B 1 37 ? 9.000   -13.041 -7.710  1.00 29.18 ? 37  GLU B CD  1 
ATOM   787  O  OE1 . GLU B 1 37 ? 8.446   -13.408 -6.651  1.00 25.80 ? 37  GLU B OE1 1 
ATOM   788  O  OE2 . GLU B 1 37 ? 8.444   -13.101 -8.828  1.00 18.70 ? 37  GLU B OE2 1 
ATOM   789  N  N   . GLU B 1 38 ? 14.027  -13.596 -4.833  1.00 52.08 ? 38  GLU B N   1 
ATOM   790  C  CA  . GLU B 1 38 ? 14.628  -14.092 -3.599  1.00 60.44 ? 38  GLU B CA  1 
ATOM   791  C  C   . GLU B 1 38 ? 15.621  -13.094 -3.002  1.00 61.02 ? 38  GLU B C   1 
ATOM   792  O  O   . GLU B 1 38 ? 15.796  -13.045 -1.784  1.00 57.73 ? 38  GLU B O   1 
ATOM   793  C  CB  . GLU B 1 38 ? 15.310  -15.443 -3.828  1.00 64.34 ? 38  GLU B CB  1 
ATOM   794  C  CG  . GLU B 1 38 ? 14.675  -16.576 -3.029  1.00 81.63 ? 38  GLU B CG  1 
ATOM   795  C  CD  . GLU B 1 38 ? 15.590  -17.776 -2.874  1.00 88.73 ? 38  GLU B CD  1 
ATOM   796  O  OE1 . GLU B 1 38 ? 16.135  -17.968 -1.766  1.00 88.68 ? 38  GLU B OE1 1 
ATOM   797  O  OE2 . GLU B 1 38 ? 15.757  -18.530 -3.855  1.00 85.53 ? 38  GLU B OE2 1 
ATOM   798  N  N   . GLN B 1 39 ? 16.269  -12.302 -3.854  1.00 64.95 ? 39  GLN B N   1 
ATOM   799  C  CA  . GLN B 1 39 ? 17.127  -11.219 -3.376  1.00 59.62 ? 39  GLN B CA  1 
ATOM   800  C  C   . GLN B 1 39 ? 16.287  -10.155 -2.685  1.00 63.79 ? 39  GLN B C   1 
ATOM   801  O  O   . GLN B 1 39 ? 16.536  -9.797  -1.532  1.00 60.98 ? 39  GLN B O   1 
ATOM   802  C  CB  . GLN B 1 39 ? 17.918  -10.584 -4.524  1.00 56.52 ? 39  GLN B CB  1 
ATOM   803  C  CG  . GLN B 1 39 ? 18.985  -11.467 -5.145  1.00 57.49 ? 39  GLN B CG  1 
ATOM   804  C  CD  . GLN B 1 39 ? 19.587  -10.848 -6.394  1.00 60.10 ? 39  GLN B CD  1 
ATOM   805  O  OE1 . GLN B 1 39 ? 19.579  -9.628  -6.563  1.00 66.07 ? 39  GLN B OE1 1 
ATOM   806  N  NE2 . GLN B 1 39 ? 20.103  -11.690 -7.282  1.00 55.95 ? 39  GLN B NE2 1 
ATOM   807  N  N   . ILE B 1 40 ? 15.291  -9.658  -3.414  1.00 60.88 ? 40  ILE B N   1 
ATOM   808  C  CA  . ILE B 1 40 ? 14.387  -8.617  -2.935  1.00 54.41 ? 40  ILE B CA  1 
ATOM   809  C  C   . ILE B 1 40 ? 13.720  -8.973  -1.615  1.00 49.18 ? 40  ILE B C   1 
ATOM   810  O  O   . ILE B 1 40 ? 13.806  -8.220  -0.645  1.00 47.66 ? 40  ILE B O   1 
ATOM   811  C  CB  . ILE B 1 40 ? 13.277  -8.330  -3.962  1.00 46.27 ? 40  ILE B CB  1 
ATOM   812  C  CG1 . ILE B 1 40 ? 13.877  -7.833  -5.277  1.00 43.75 ? 40  ILE B CG1 1 
ATOM   813  C  CG2 . ILE B 1 40 ? 12.288  -7.317  -3.406  1.00 47.86 ? 40  ILE B CG2 1 
ATOM   814  C  CD1 . ILE B 1 40 ? 14.623  -6.527  -5.147  1.00 49.68 ? 40  ILE B CD1 1 
ATOM   815  N  N   . GLU B 1 41 ? 13.057  -10.127 -1.596  1.00 52.52 ? 41  GLU B N   1 
ATOM   816  C  CA  . GLU B 1 41 ? 12.273  -10.577 -0.446  1.00 53.70 ? 41  GLU B CA  1 
ATOM   817  C  C   . GLU B 1 41 ? 13.016  -10.468 0.878   1.00 59.68 ? 41  GLU B C   1 
ATOM   818  O  O   . GLU B 1 41 ? 12.408  -10.221 1.924   1.00 51.30 ? 41  GLU B O   1 
ATOM   819  C  CB  . GLU B 1 41 ? 11.819  -12.025 -0.655  1.00 50.29 ? 41  GLU B CB  1 
ATOM   820  C  CG  . GLU B 1 41 ? 11.104  -12.649 0.543   1.00 47.60 ? 41  GLU B CG  1 
ATOM   821  C  CD  . GLU B 1 41 ? 9.845   -11.898 0.941   1.00 56.66 ? 41  GLU B CD  1 
ATOM   822  O  OE1 . GLU B 1 41 ? 9.224   -11.262 0.064   1.00 55.55 ? 41  GLU B OE1 1 
ATOM   823  O  OE2 . GLU B 1 41 ? 9.479   -11.940 2.136   1.00 53.46 ? 41  GLU B OE2 1 
ATOM   824  N  N   . ARG B 1 42 ? 14.332  -10.629 0.831   1.00 65.03 ? 42  ARG B N   1 
ATOM   825  C  CA  . ARG B 1 42 ? 15.111  -10.662 2.056   1.00 67.88 ? 42  ARG B CA  1 
ATOM   826  C  C   . ARG B 1 42 ? 16.144  -9.533  2.123   1.00 64.90 ? 42  ARG B C   1 
ATOM   827  O  O   . ARG B 1 42 ? 16.928  -9.458  3.064   1.00 71.14 ? 42  ARG B O   1 
ATOM   828  C  CB  . ARG B 1 42 ? 15.777  -12.031 2.205   1.00 72.61 ? 42  ARG B CB  1 
ATOM   829  C  CG  . ARG B 1 42 ? 16.209  -12.346 3.617   1.00 74.99 ? 42  ARG B CG  1 
ATOM   830  C  CD  . ARG B 1 42 ? 15.157  -13.129 4.392   1.00 81.46 ? 42  ARG B CD  1 
ATOM   831  N  NE  . ARG B 1 42 ? 15.319  -12.929 5.831   1.00 84.74 ? 42  ARG B NE  1 
ATOM   832  C  CZ  . ARG B 1 42 ? 14.669  -12.011 6.544   1.00 82.40 ? 42  ARG B CZ  1 
ATOM   833  N  NH1 . ARG B 1 42 ? 13.779  -11.217 5.964   1.00 72.53 ? 42  ARG B NH1 1 
ATOM   834  N  NH2 . ARG B 1 42 ? 14.896  -11.900 7.845   1.00 87.05 ? 42  ARG B NH2 1 
ATOM   835  N  N   . TRP B 1 43 ? 16.143  -8.643  1.137   1.00 60.14 ? 43  TRP B N   1 
ATOM   836  C  CA  . TRP B 1 43 ? 16.800  -7.364  1.354   1.00 49.96 ? 43  TRP B CA  1 
ATOM   837  C  C   . TRP B 1 43 ? 15.830  -6.560  2.202   1.00 60.96 ? 43  TRP B C   1 
ATOM   838  O  O   . TRP B 1 43 ? 16.207  -5.954  3.206   1.00 66.58 ? 43  TRP B O   1 
ATOM   839  C  CB  . TRP B 1 43 ? 17.135  -6.637  0.050   1.00 49.00 ? 43  TRP B CB  1 
ATOM   840  C  CG  . TRP B 1 43 ? 17.796  -5.306  0.291   1.00 59.86 ? 43  TRP B CG  1 
ATOM   841  C  CD1 . TRP B 1 43 ? 19.136  -5.041  0.311   1.00 61.07 ? 43  TRP B CD1 1 
ATOM   842  C  CD2 . TRP B 1 43 ? 17.140  -4.061  0.566   1.00 68.05 ? 43  TRP B CD2 1 
ATOM   843  N  NE1 . TRP B 1 43 ? 19.353  -3.709  0.575   1.00 53.72 ? 43  TRP B NE1 1 
ATOM   844  C  CE2 . TRP B 1 43 ? 18.141  -3.087  0.736   1.00 65.25 ? 43  TRP B CE2 1 
ATOM   845  C  CE3 . TRP B 1 43 ? 15.800  -3.678  0.682   1.00 57.41 ? 43  TRP B CE3 1 
ATOM   846  C  CZ2 . TRP B 1 43 ? 17.848  -1.754  1.014   1.00 61.62 ? 43  TRP B CZ2 1 
ATOM   847  C  CZ3 . TRP B 1 43 ? 15.510  -2.358  0.961   1.00 48.19 ? 43  TRP B CZ3 1 
ATOM   848  C  CH2 . TRP B 1 43 ? 16.528  -1.411  1.122   1.00 52.23 ? 43  TRP B CH2 1 
ATOM   849  N  N   . PHE B 1 44 ? 14.569  -6.576  1.781   1.00 60.42 ? 44  PHE B N   1 
ATOM   850  C  CA  . PHE B 1 44 ? 13.473  -6.051  2.579   1.00 54.30 ? 44  PHE B CA  1 
ATOM   851  C  C   . PHE B 1 44 ? 13.328  -6.860  3.855   1.00 63.35 ? 44  PHE B C   1 
ATOM   852  O  O   . PHE B 1 44 ? 13.605  -8.061  3.869   1.00 71.55 ? 44  PHE B O   1 
ATOM   853  C  CB  . PHE B 1 44 ? 12.157  -6.087  1.802   1.00 49.22 ? 44  PHE B CB  1 
ATOM   854  C  CG  . PHE B 1 44 ? 12.015  -4.991  0.795   1.00 42.08 ? 44  PHE B CG  1 
ATOM   855  C  CD1 . PHE B 1 44 ? 11.566  -3.738  1.177   1.00 48.16 ? 44  PHE B CD1 1 
ATOM   856  C  CD2 . PHE B 1 44 ? 12.311  -5.215  -0.536  1.00 41.09 ? 44  PHE B CD2 1 
ATOM   857  C  CE1 . PHE B 1 44 ? 11.426  -2.727  0.248   1.00 47.05 ? 44  PHE B CE1 1 
ATOM   858  C  CE2 . PHE B 1 44 ? 12.174  -4.211  -1.468  1.00 38.95 ? 44  PHE B CE2 1 
ATOM   859  C  CZ  . PHE B 1 44 ? 11.731  -2.963  -1.076  1.00 36.02 ? 44  PHE B CZ  1 
ATOM   860  N  N   . ARG B 1 45 ? 12.909  -6.194  4.926   1.00 69.48 ? 45  ARG B N   1 
ATOM   861  C  CA  . ARG B 1 45 ? 12.647  -6.834  6.215   1.00 85.61 ? 45  ARG B CA  1 
ATOM   862  C  C   . ARG B 1 45 ? 13.876  -7.542  6.801   1.00 83.35 ? 45  ARG B C   1 
ATOM   863  O  O   . ARG B 1 45 ? 13.792  -8.174  7.853   1.00 76.26 ? 45  ARG B O   1 
ATOM   864  C  CB  . ARG B 1 45 ? 11.473  -7.809  6.086   1.00 78.06 ? 45  ARG B CB  1 
ATOM   865  C  CG  . ARG B 1 45 ? 10.175  -7.126  5.674   1.00 73.21 ? 45  ARG B CG  1 
ATOM   866  C  CD  . ARG B 1 45 ? 9.700   -6.146  6.742   1.00 91.56 ? 45  ARG B CD  1 
ATOM   867  N  NE  . ARG B 1 45 ? 8.466   -5.460  6.367   1.00 99.74 ? 45  ARG B NE  1 
ATOM   868  C  CZ  . ARG B 1 45 ? 7.944   -4.439  7.040   1.00 91.04 ? 45  ARG B CZ  1 
ATOM   869  N  NH1 . ARG B 1 45 ? 8.545   -3.987  8.131   1.00 91.19 ? 45  ARG B NH1 1 
ATOM   870  N  NH2 . ARG B 1 45 ? 6.818   -3.871  6.629   1.00 78.22 ? 45  ARG B NH2 1 
ATOM   871  N  N   . ARG B 1 46 ? 15.007  -7.444  6.109   1.00 76.87 ? 46  ARG B N   1 
ATOM   872  C  CA  . ARG B 1 46 ? 16.303  -7.652  6.736   1.00 77.29 ? 46  ARG B CA  1 
ATOM   873  C  C   . ARG B 1 46 ? 16.885  -6.261  6.955   1.00 79.02 ? 46  ARG B C   1 
ATOM   874  O  O   . ARG B 1 46 ? 18.052  -6.100  7.310   1.00 83.58 ? 46  ARG B O   1 
ATOM   875  C  CB  . ARG B 1 46 ? 17.233  -8.517  5.881   1.00 73.56 ? 46  ARG B CB  1 
ATOM   876  C  CG  . ARG B 1 46 ? 17.647  -9.843  6.535   1.00 78.81 ? 46  ARG B CG  1 
ATOM   877  C  CD  . ARG B 1 46 ? 18.985  -10.368 5.980   1.00 85.86 ? 46  ARG B CD  1 
ATOM   878  N  NE  . ARG B 1 46 ? 19.480  -11.554 6.685   1.00 91.50 ? 46  ARG B NE  1 
ATOM   879  C  CZ  . ARG B 1 46 ? 19.346  -12.813 6.274   1.00 92.15 ? 46  ARG B CZ  1 
ATOM   880  N  NH1 . ARG B 1 46 ? 18.769  -13.088 5.111   1.00 74.55 ? 46  ARG B NH1 1 
ATOM   881  N  NH2 . ARG B 1 46 ? 19.835  -13.796 7.019   1.00 93.65 ? 46  ARG B NH2 1 
ATOM   882  N  N   . LYS B 1 47 ? 16.056  -5.253  6.700   1.00 76.23 ? 47  LYS B N   1 
ATOM   883  C  CA  . LYS B 1 47 ? 16.404  -3.871  6.999   1.00 69.10 ? 47  LYS B CA  1 
ATOM   884  C  C   . LYS B 1 47 ? 15.699  -3.459  8.287   1.00 75.24 ? 47  LYS B C   1 
ATOM   885  O  O   . LYS B 1 47 ? 15.861  -2.339  8.774   1.00 84.02 ? 47  LYS B O   1 
ATOM   886  C  CB  . LYS B 1 47 ? 16.026  -2.940  5.845   1.00 52.98 ? 47  LYS B CB  1 
ATOM   887  C  CG  . LYS B 1 47 ? 16.706  -1.582  5.927   1.00 55.86 ? 47  LYS B CG  1 
ATOM   888  C  CD  . LYS B 1 47 ? 16.648  -0.818  4.620   1.00 53.61 ? 47  LYS B CD  1 
ATOM   889  C  CE  . LYS B 1 47 ? 17.448  0.470   4.731   1.00 55.72 ? 47  LYS B CE  1 
ATOM   890  N  NZ  . LYS B 1 47 ? 17.391  1.281   3.487   1.00 59.56 ? 47  LYS B NZ  1 
ATOM   891  N  N   . GLU B 1 48 ? 14.904  -4.376  8.828   1.00 71.49 ? 48  GLU B N   1 
ATOM   892  C  CA  . GLU B 1 48 ? 14.427  -4.244  10.196  1.00 84.81 ? 48  GLU B CA  1 
ATOM   893  C  C   . GLU B 1 48 ? 15.471  -4.853  11.118  1.00 91.48 ? 48  GLU B C   1 
ATOM   894  O  O   . GLU B 1 48 ? 15.473  -4.608  12.324  1.00 87.30 ? 48  GLU B O   1 
ATOM   895  C  CB  . GLU B 1 48 ? 13.070  -4.915  10.387  1.00 91.65 ? 48  GLU B CB  1 
ATOM   896  C  CG  . GLU B 1 48 ? 12.002  -4.399  9.448   1.00 87.92 ? 48  GLU B CG  1 
ATOM   897  C  CD  . GLU B 1 48 ? 10.811  -3.834  10.194  1.00 95.18 ? 48  GLU B CD  1 
ATOM   898  O  OE1 . GLU B 1 48 ? 10.587  -4.236  11.355  1.00 97.78 ? 48  GLU B OE1 1 
ATOM   899  O  OE2 . GLU B 1 48 ? 10.105  -2.978  9.620   1.00 94.01 ? 48  GLU B OE2 1 
ATOM   900  N  N   . GLN B 1 49 ? 16.360  -5.648  10.530  1.00 90.11 ? 49  GLN B N   1 
ATOM   901  C  CA  . GLN B 1 49 ? 17.598  -6.022  11.196  1.00 90.91 ? 49  GLN B CA  1 
ATOM   902  C  C   . GLN B 1 49 ? 18.379  -4.744  11.488  1.00 85.37 ? 49  GLN B C   1 
ATOM   903  O  O   . GLN B 1 49 ? 18.995  -4.597  12.543  1.00 81.24 ? 49  GLN B O   1 
ATOM   904  C  CB  . GLN B 1 49 ? 18.429  -6.970  10.330  1.00 85.12 ? 49  GLN B CB  1 
ATOM   905  C  CG  . GLN B 1 49 ? 18.858  -8.259  11.018  1.00 89.66 ? 49  GLN B CG  1 
ATOM   906  C  CD  . GLN B 1 49 ? 17.758  -9.299  11.071  1.00 90.78 ? 49  GLN B CD  1 
ATOM   907  O  OE1 . GLN B 1 49 ? 17.050  -9.522  10.091  1.00 79.15 ? 49  GLN B OE1 1 
ATOM   908  N  NE2 . GLN B 1 49 ? 17.622  -9.956  12.216  1.00 91.98 ? 49  GLN B NE2 1 
ATOM   909  N  N   . GLN B 1 50 ? 18.340  -3.823  10.531  1.00 83.27 ? 50  GLN B N   1 
ATOM   910  C  CA  . GLN B 1 50 ? 19.042  -2.550  10.638  1.00 80.38 ? 50  GLN B CA  1 
ATOM   911  C  C   . GLN B 1 50 ? 18.061  -1.383  10.565  1.00 79.81 ? 50  GLN B C   1 
ATOM   912  O  O   . GLN B 1 50 ? 17.639  -0.843  11.587  1.00 71.52 ? 50  GLN B O   1 
ATOM   913  C  CB  . GLN B 1 50 ? 20.093  -2.422  9.531   1.00 61.70 ? 50  GLN B CB  1 
ATOM   914  C  CG  . GLN B 1 50 ? 21.492  -2.946  9.870   1.00 71.83 ? 50  GLN B CG  1 
ATOM   915  C  CD  . GLN B 1 50 ? 21.793  -2.959  11.361  1.00 72.08 ? 50  GLN B CD  1 
ATOM   916  O  OE1 . GLN B 1 50 ? 21.654  -3.983  12.030  1.00 69.19 ? 50  GLN B OE1 1 
ATOM   917  N  NE2 . GLN B 1 50 ? 22.195  -1.808  11.890  1.00 69.84 ? 50  GLN B NE2 1 
ATOM   918  N  N   . PHE C 1 3  ? 10.710  21.990  -10.668 1.00 80.65 ? 3   PHE C N   1 
ATOM   919  C  CA  . PHE C 1 3  ? 11.209  21.278  -9.498  1.00 91.28 ? 3   PHE C CA  1 
ATOM   920  C  C   . PHE C 1 3  ? 12.287  20.263  -9.886  1.00 79.91 ? 3   PHE C C   1 
ATOM   921  O  O   . PHE C 1 3  ? 12.388  19.866  -11.049 1.00 69.51 ? 3   PHE C O   1 
ATOM   922  C  CB  . PHE C 1 3  ? 10.053  20.600  -8.756  1.00 89.93 ? 3   PHE C CB  1 
ATOM   923  C  CG  . PHE C 1 3  ? 9.261   19.644  -9.600  1.00 82.20 ? 3   PHE C CG  1 
ATOM   924  C  CD1 . PHE C 1 3  ? 9.612   18.306  -9.669  1.00 84.15 ? 3   PHE C CD1 1 
ATOM   925  C  CD2 . PHE C 1 3  ? 8.162   20.081  -10.324 1.00 69.60 ? 3   PHE C CD2 1 
ATOM   926  C  CE1 . PHE C 1 3  ? 8.885   17.425  -10.441 1.00 87.15 ? 3   PHE C CE1 1 
ATOM   927  C  CE2 . PHE C 1 3  ? 7.432   19.203  -11.100 1.00 66.95 ? 3   PHE C CE2 1 
ATOM   928  C  CZ  . PHE C 1 3  ? 7.795   17.873  -11.158 1.00 83.03 ? 3   PHE C CZ  1 
ATOM   929  N  N   . SER C 1 4  ? 13.080  19.853  -8.898  1.00 74.69 ? 4   SER C N   1 
ATOM   930  C  CA  . SER C 1 4  ? 14.315  19.089  -9.111  1.00 70.98 ? 4   SER C CA  1 
ATOM   931  C  C   . SER C 1 4  ? 14.173  17.856  -10.003 1.00 79.14 ? 4   SER C C   1 
ATOM   932  O  O   . SER C 1 4  ? 13.131  17.200  -10.026 1.00 79.17 ? 4   SER C O   1 
ATOM   933  C  CB  . SER C 1 4  ? 14.898  18.663  -7.761  1.00 57.51 ? 4   SER C CB  1 
ATOM   934  O  OG  . SER C 1 4  ? 16.215  18.158  -7.904  1.00 54.38 ? 4   SER C OG  1 
ATOM   935  N  N   . GLU C 1 5  ? 15.248  17.549  -10.726 1.00 82.77 ? 5   GLU C N   1 
ATOM   936  C  CA  . GLU C 1 5  ? 15.265  16.433  -11.667 1.00 76.27 ? 5   GLU C CA  1 
ATOM   937  C  C   . GLU C 1 5  ? 15.481  15.109  -10.948 1.00 76.00 ? 5   GLU C C   1 
ATOM   938  O  O   . GLU C 1 5  ? 15.618  14.060  -11.577 1.00 78.95 ? 5   GLU C O   1 
ATOM   939  C  CB  . GLU C 1 5  ? 16.345  16.643  -12.734 1.00 85.65 ? 5   GLU C CB  1 
ATOM   940  C  CG  . GLU C 1 5  ? 17.762  16.744  -12.194 1.00 88.86 ? 5   GLU C CG  1 
ATOM   941  C  CD  . GLU C 1 5  ? 18.787  16.950  -13.292 1.00 88.57 ? 5   GLU C CD  1 
ATOM   942  O  OE1 . GLU C 1 5  ? 18.895  16.083  -14.189 1.00 73.09 ? 5   GLU C OE1 1 
ATOM   943  O  OE2 . GLU C 1 5  ? 19.480  17.986  -13.259 1.00 89.28 ? 5   GLU C OE2 1 
ATOM   944  N  N   . GLU C 1 6  ? 15.520  15.174  -9.624  1.00 69.30 ? 6   GLU C N   1 
ATOM   945  C  CA  . GLU C 1 6  ? 15.650  13.995  -8.787  1.00 69.86 ? 6   GLU C CA  1 
ATOM   946  C  C   . GLU C 1 6  ? 14.293  13.755  -8.121  1.00 66.45 ? 6   GLU C C   1 
ATOM   947  O  O   . GLU C 1 6  ? 14.047  12.706  -7.524  1.00 70.99 ? 6   GLU C O   1 
ATOM   948  C  CB  . GLU C 1 6  ? 16.790  14.201  -7.781  1.00 69.81 ? 6   GLU C CB  1 
ATOM   949  C  CG  . GLU C 1 6  ? 17.134  13.026  -6.879  1.00 75.42 ? 6   GLU C CG  1 
ATOM   950  C  CD  . GLU C 1 6  ? 16.260  12.967  -5.646  1.00 75.10 ? 6   GLU C CD  1 
ATOM   951  O  OE1 . GLU C 1 6  ? 15.700  14.017  -5.273  1.00 68.55 ? 6   GLU C OE1 1 
ATOM   952  O  OE2 . GLU C 1 6  ? 16.134  11.880  -5.046  1.00 81.44 ? 6   GLU C OE2 1 
ATOM   953  N  N   . GLN C 1 7  ? 13.401  14.732  -8.268  1.00 61.15 ? 7   GLN C N   1 
ATOM   954  C  CA  . GLN C 1 7  ? 12.047  14.641  -7.720  1.00 57.85 ? 7   GLN C CA  1 
ATOM   955  C  C   . GLN C 1 7  ? 11.063  13.956  -8.665  1.00 59.32 ? 7   GLN C C   1 
ATOM   956  O  O   . GLN C 1 7  ? 10.166  13.238  -8.211  1.00 59.92 ? 7   GLN C O   1 
ATOM   957  C  CB  . GLN C 1 7  ? 11.521  16.030  -7.361  1.00 63.46 ? 7   GLN C CB  1 
ATOM   958  C  CG  . GLN C 1 7  ? 12.283  16.709  -6.239  1.00 65.58 ? 7   GLN C CG  1 
ATOM   959  C  CD  . GLN C 1 7  ? 11.822  18.134  -6.010  1.00 65.92 ? 7   GLN C CD  1 
ATOM   960  O  OE1 . GLN C 1 7  ? 10.778  18.544  -6.513  1.00 68.17 ? 7   GLN C OE1 1 
ATOM   961  N  NE2 . GLN C 1 7  ? 12.599  18.897  -5.250  1.00 52.18 ? 7   GLN C NE2 1 
ATOM   962  N  N   . LYS C 1 8  ? 11.220  14.184  -9.971  1.00 60.00 ? 8   LYS C N   1 
ATOM   963  C  CA  . LYS C 1 8  ? 10.429  13.460  -10.966 1.00 63.70 ? 8   LYS C CA  1 
ATOM   964  C  C   . LYS C 1 8  ? 10.735  11.982  -10.861 1.00 52.72 ? 8   LYS C C   1 
ATOM   965  O  O   . LYS C 1 8  ? 9.927   11.148  -11.269 1.00 50.46 ? 8   LYS C O   1 
ATOM   966  C  CB  . LYS C 1 8  ? 10.694  13.934  -12.400 1.00 66.99 ? 8   LYS C CB  1 
ATOM   967  C  CG  . LYS C 1 8  ? 10.717  15.423  -12.608 1.00 72.73 ? 8   LYS C CG  1 
ATOM   968  C  CD  . LYS C 1 8  ? 12.054  15.939  -13.078 1.00 76.05 ? 8   LYS C CD  1 
ATOM   969  C  CE  . LYS C 1 8  ? 11.960  17.446  -13.209 1.00 76.46 ? 8   LYS C CE  1 
ATOM   970  N  NZ  . LYS C 1 8  ? 13.230  18.063  -13.652 1.00 68.63 ? 8   LYS C NZ  1 
ATOM   971  N  N   . ARG C 1 9  ? 11.911  11.670  -10.315 1.00 51.04 ? 9   ARG C N   1 
ATOM   972  C  CA  . ARG C 1 9  ? 12.294  10.295  -10.022 1.00 51.55 ? 9   ARG C CA  1 
ATOM   973  C  C   . ARG C 1 9  ? 11.414  9.697   -8.956  1.00 52.06 ? 9   ARG C C   1 
ATOM   974  O  O   . ARG C 1 9  ? 10.888  8.604   -9.125  1.00 52.83 ? 9   ARG C O   1 
ATOM   975  C  CB  . ARG C 1 9  ? 13.746  10.186  -9.550  1.00 54.98 ? 9   ARG C CB  1 
ATOM   976  C  CG  . ARG C 1 9  ? 14.479  8.982   -10.123 1.00 74.47 ? 9   ARG C CG  1 
ATOM   977  C  CD  . ARG C 1 9  ? 15.219  8.158   -9.047  1.00 72.26 ? 9   ARG C CD  1 
ATOM   978  N  NE  . ARG C 1 9  ? 15.788  9.034   -8.015  1.00 70.44 ? 9   ARG C NE  1 
ATOM   979  C  CZ  . ARG C 1 9  ? 15.384  9.057   -6.745  1.00 71.01 ? 9   ARG C CZ  1 
ATOM   980  N  NH1 . ARG C 1 9  ? 14.413  8.237   -6.320  1.00 69.45 ? 9   ARG C NH1 1 
ATOM   981  N  NH2 . ARG C 1 9  ? 15.970  9.878   -5.891  1.00 75.22 ? 9   ARG C NH2 1 
ATOM   982  N  N   . THR C 1 10 ? 11.289  10.407  -7.843  1.00 50.35 ? 10  THR C N   1 
ATOM   983  C  CA  . THR C 1 10 ? 10.509  9.919   -6.719  1.00 51.99 ? 10  THR C CA  1 
ATOM   984  C  C   . THR C 1 10 ? 9.027   9.941   -7.075  1.00 51.27 ? 10  THR C C   1 
ATOM   985  O  O   . THR C 1 10 ? 8.224   9.205   -6.501  1.00 51.47 ? 10  THR C O   1 
ATOM   986  C  CB  . THR C 1 10 ? 10.771  10.758  -5.451  1.00 50.46 ? 10  THR C CB  1 
ATOM   987  O  OG1 . THR C 1 10 ? 12.183  10.898  -5.254  1.00 48.62 ? 10  THR C OG1 1 
ATOM   988  C  CG2 . THR C 1 10 ? 10.156  10.099  -4.221  1.00 51.13 ? 10  THR C CG2 1 
ATOM   989  N  N   . LEU C 1 11 ? 8.674   10.774  -8.049  1.00 49.13 ? 11  LEU C N   1 
ATOM   990  C  CA  . LEU C 1 11 ? 7.282   10.941  -8.441  1.00 40.26 ? 11  LEU C CA  1 
ATOM   991  C  C   . LEU C 1 11 ? 6.856   9.982   -9.553  1.00 41.94 ? 11  LEU C C   1 
ATOM   992  O  O   . LEU C 1 11 ? 5.777   9.395   -9.484  1.00 44.09 ? 11  LEU C O   1 
ATOM   993  C  CB  . LEU C 1 11 ? 7.030   12.386  -8.872  1.00 40.81 ? 11  LEU C CB  1 
ATOM   994  C  CG  . LEU C 1 11 ? 7.015   13.446  -7.768  1.00 42.78 ? 11  LEU C CG  1 
ATOM   995  C  CD1 . LEU C 1 11 ? 6.791   14.829  -8.360  1.00 47.96 ? 11  LEU C CD1 1 
ATOM   996  C  CD2 . LEU C 1 11 ? 5.953   13.128  -6.728  1.00 39.38 ? 11  LEU C CD2 1 
ATOM   997  N  N   . ASP C 1 12 ? 7.693   9.825   -10.577 1.00 51.83 ? 12  ASP C N   1 
ATOM   998  C  CA  . ASP C 1 12 ? 7.380   8.909   -11.675 1.00 45.05 ? 12  ASP C CA  1 
ATOM   999  C  C   . ASP C 1 12 ? 7.422   7.459   -11.216 1.00 38.17 ? 12  ASP C C   1 
ATOM   1000 O  O   . ASP C 1 12 ? 6.773   6.597   -11.805 1.00 42.91 ? 12  ASP C O   1 
ATOM   1001 C  CB  . ASP C 1 12 ? 8.346   9.106   -12.847 1.00 54.83 ? 12  ASP C CB  1 
ATOM   1002 C  CG  . ASP C 1 12 ? 7.737   9.911   -13.977 1.00 71.79 ? 12  ASP C CG  1 
ATOM   1003 O  OD1 . ASP C 1 12 ? 6.638   10.472  -13.786 1.00 71.38 ? 12  ASP C OD1 1 
ATOM   1004 O  OD2 . ASP C 1 12 ? 8.361   9.989   -15.057 1.00 79.98 ? 12  ASP C OD2 1 
ATOM   1005 N  N   . LEU C 1 13 ? 8.191   7.192   -10.167 1.00 35.98 ? 13  LEU C N   1 
ATOM   1006 C  CA  . LEU C 1 13 ? 8.274   5.847   -9.616  1.00 33.73 ? 13  LEU C CA  1 
ATOM   1007 C  C   . LEU C 1 13 ? 7.001   5.497   -8.855  1.00 36.36 ? 13  LEU C C   1 
ATOM   1008 O  O   . LEU C 1 13 ? 6.377   4.467   -9.110  1.00 31.86 ? 13  LEU C O   1 
ATOM   1009 C  CB  . LEU C 1 13 ? 9.487   5.710   -8.696  1.00 29.95 ? 13  LEU C CB  1 
ATOM   1010 C  CG  . LEU C 1 13 ? 9.735   4.309   -8.134  1.00 30.64 ? 13  LEU C CG  1 
ATOM   1011 C  CD1 . LEU C 1 13 ? 10.330  3.398   -9.199  1.00 29.64 ? 13  LEU C CD1 1 
ATOM   1012 C  CD2 . LEU C 1 13 ? 10.629  4.368   -6.905  1.00 32.94 ? 13  LEU C CD2 1 
ATOM   1013 N  N   . LEU C 1 14 ? 6.615   6.367   -7.926  1.00 32.02 ? 14  LEU C N   1 
ATOM   1014 C  CA  . LEU C 1 14 ? 5.443   6.132   -7.090  1.00 29.66 ? 14  LEU C CA  1 
ATOM   1015 C  C   . LEU C 1 14 ? 4.145   6.200   -7.890  1.00 33.50 ? 14  LEU C C   1 
ATOM   1016 O  O   . LEU C 1 14 ? 3.108   5.713   -7.440  1.00 38.94 ? 14  LEU C O   1 
ATOM   1017 C  CB  . LEU C 1 14 ? 5.403   7.134   -5.935  1.00 33.81 ? 14  LEU C CB  1 
ATOM   1018 C  CG  . LEU C 1 14 ? 6.502   6.967   -4.884  1.00 34.60 ? 14  LEU C CG  1 
ATOM   1019 C  CD1 . LEU C 1 14 ? 6.336   7.983   -3.766  1.00 34.30 ? 14  LEU C CD1 1 
ATOM   1020 C  CD2 . LEU C 1 14 ? 6.503   5.553   -4.330  1.00 31.69 ? 14  LEU C CD2 1 
ATOM   1021 N  N   . PHE C 1 15 ? 4.200   6.807   -9.071  1.00 33.01 ? 15  PHE C N   1 
ATOM   1022 C  CA  . PHE C 1 15 ? 3.058   6.790   -9.974  1.00 33.94 ? 15  PHE C CA  1 
ATOM   1023 C  C   . PHE C 1 15 ? 2.964   5.429   -10.655 1.00 34.90 ? 15  PHE C C   1 
ATOM   1024 O  O   . PHE C 1 15 ? 1.876   4.877   -10.815 1.00 33.50 ? 15  PHE C O   1 
ATOM   1025 C  CB  . PHE C 1 15 ? 3.159   7.903   -11.018 1.00 37.27 ? 15  PHE C CB  1 
ATOM   1026 C  CG  . PHE C 1 15 ? 2.094   7.836   -12.076 1.00 38.92 ? 15  PHE C CG  1 
ATOM   1027 C  CD1 . PHE C 1 15 ? 0.819   8.318   -11.824 1.00 39.05 ? 15  PHE C CD1 1 
ATOM   1028 C  CD2 . PHE C 1 15 ? 2.366   7.292   -13.322 1.00 36.17 ? 15  PHE C CD2 1 
ATOM   1029 C  CE1 . PHE C 1 15 ? -0.164  8.255   -12.794 1.00 38.04 ? 15  PHE C CE1 1 
ATOM   1030 C  CE2 . PHE C 1 15 ? 1.386   7.227   -14.294 1.00 33.88 ? 15  PHE C CE2 1 
ATOM   1031 C  CZ  . PHE C 1 15 ? 0.120   7.709   -14.030 1.00 31.65 ? 15  PHE C CZ  1 
ATOM   1032 N  N   . LEU C 1 16 ? 4.114   4.898   -11.056 1.00 34.64 ? 16  LEU C N   1 
ATOM   1033 C  CA  . LEU C 1 16 ? 4.180   3.573   -11.656 1.00 33.61 ? 16  LEU C CA  1 
ATOM   1034 C  C   . LEU C 1 16 ? 3.965   2.498   -10.598 1.00 28.19 ? 16  LEU C C   1 
ATOM   1035 O  O   . LEU C 1 16 ? 3.415   1.434   -10.882 1.00 25.66 ? 16  LEU C O   1 
ATOM   1036 C  CB  . LEU C 1 16 ? 5.524   3.364   -12.357 1.00 38.22 ? 16  LEU C CB  1 
ATOM   1037 C  CG  . LEU C 1 16 ? 5.761   4.173   -13.633 1.00 31.27 ? 16  LEU C CG  1 
ATOM   1038 C  CD1 . LEU C 1 16 ? 7.198   4.014   -14.106 1.00 41.44 ? 16  LEU C CD1 1 
ATOM   1039 C  CD2 . LEU C 1 16 ? 4.787   3.749   -14.720 1.00 26.06 ? 16  LEU C CD2 1 
ATOM   1040 N  N   . PHE C 1 17 ? 4.403   2.787   -9.377  1.00 30.17 ? 17  PHE C N   1 
ATOM   1041 C  CA  . PHE C 1 17 ? 4.236   1.866   -8.261  1.00 23.69 ? 17  PHE C CA  1 
ATOM   1042 C  C   . PHE C 1 17 ? 2.767   1.724   -7.882  1.00 24.82 ? 17  PHE C C   1 
ATOM   1043 O  O   . PHE C 1 17 ? 2.275   0.615   -7.682  1.00 23.72 ? 17  PHE C O   1 
ATOM   1044 C  CB  . PHE C 1 17 ? 5.055   2.334   -7.054  1.00 20.38 ? 17  PHE C CB  1 
ATOM   1045 C  CG  . PHE C 1 17 ? 4.903   1.464   -5.839  1.00 25.46 ? 17  PHE C CG  1 
ATOM   1046 C  CD1 . PHE C 1 17 ? 5.433   0.184   -5.814  1.00 28.42 ? 17  PHE C CD1 1 
ATOM   1047 C  CD2 . PHE C 1 17 ? 4.241   1.930   -4.715  1.00 21.32 ? 17  PHE C CD2 1 
ATOM   1048 C  CE1 . PHE C 1 17 ? 5.297   -0.617  -4.695  1.00 16.61 ? 17  PHE C CE1 1 
ATOM   1049 C  CE2 . PHE C 1 17 ? 4.104   1.134   -3.592  1.00 18.40 ? 17  PHE C CE2 1 
ATOM   1050 C  CZ  . PHE C 1 17 ? 4.632   -0.140  -3.583  1.00 16.47 ? 17  PHE C CZ  1 
ATOM   1051 N  N   . ASP C 1 18 ? 2.068   2.852   -7.798  1.00 26.57 ? 18  ASP C N   1 
ATOM   1052 C  CA  . ASP C 1 18 ? 0.682   2.859   -7.342  1.00 23.00 ? 18  ASP C CA  1 
ATOM   1053 C  C   . ASP C 1 18 ? -0.293  2.408   -8.426  1.00 20.42 ? 18  ASP C C   1 
ATOM   1054 O  O   . ASP C 1 18 ? -1.364  1.883   -8.123  1.00 23.30 ? 18  ASP C O   1 
ATOM   1055 C  CB  . ASP C 1 18 ? 0.295   4.252   -6.841  1.00 20.08 ? 18  ASP C CB  1 
ATOM   1056 C  CG  . ASP C 1 18 ? -1.118  4.302   -6.295  1.00 26.21 ? 18  ASP C CG  1 
ATOM   1057 O  OD1 . ASP C 1 18 ? -1.322  3.886   -5.136  1.00 36.13 ? 18  ASP C OD1 1 
ATOM   1058 O  OD2 . ASP C 1 18 ? -2.023  4.760   -7.024  1.00 20.63 ? 18  ASP C OD2 1 
ATOM   1059 N  N   . ARG C 1 19 ? 0.069   2.612   -9.688  1.00 22.60 ? 19  ARG C N   1 
ATOM   1060 C  CA  . ARG C 1 19 ? -0.784  2.169   -10.785 1.00 22.51 ? 19  ARG C CA  1 
ATOM   1061 C  C   . ARG C 1 19 ? -0.709  0.651   -10.915 1.00 21.98 ? 19  ARG C C   1 
ATOM   1062 O  O   . ARG C 1 19 ? -1.650  0.008   -11.376 1.00 17.40 ? 19  ARG C O   1 
ATOM   1063 C  CB  . ARG C 1 19 ? -0.385  2.841   -12.101 1.00 26.91 ? 19  ARG C CB  1 
ATOM   1064 C  CG  . ARG C 1 19 ? -1.413  2.662   -13.211 1.00 41.06 ? 19  ARG C CG  1 
ATOM   1065 C  CD  . ARG C 1 19 ? -0.976  3.321   -14.510 1.00 46.90 ? 19  ARG C CD  1 
ATOM   1066 N  NE  . ARG C 1 19 ? -2.026  3.258   -15.524 1.00 52.83 ? 19  ARG C NE  1 
ATOM   1067 C  CZ  . ARG C 1 19 ? -1.886  3.681   -16.776 1.00 61.20 ? 19  ARG C CZ  1 
ATOM   1068 N  NH1 . ARG C 1 19 ? -0.732  4.198   -17.179 1.00 57.57 ? 19  ARG C NH1 1 
ATOM   1069 N  NH2 . ARG C 1 19 ? -2.897  3.584   -17.628 1.00 63.01 ? 19  ARG C NH2 1 
ATOM   1070 N  N   . ARG C 1 20 ? 0.419   0.088   -10.493 1.00 22.96 ? 20  ARG C N   1 
ATOM   1071 C  CA  . ARG C 1 20 ? 0.619   -1.355  -10.511 1.00 17.74 ? 20  ARG C CA  1 
ATOM   1072 C  C   . ARG C 1 20 ? -0.123  -2.019  -9.353  1.00 19.39 ? 20  ARG C C   1 
ATOM   1073 O  O   . ARG C 1 20 ? -0.626  -3.136  -9.484  1.00 22.00 ? 20  ARG C O   1 
ATOM   1074 C  CB  . ARG C 1 20 ? 2.114   -1.683  -10.449 1.00 22.58 ? 20  ARG C CB  1 
ATOM   1075 C  CG  . ARG C 1 20 ? 2.445   -3.167  -10.378 1.00 31.08 ? 20  ARG C CG  1 
ATOM   1076 C  CD  . ARG C 1 20 ? 1.949   -3.922  -11.601 1.00 27.53 ? 20  ARG C CD  1 
ATOM   1077 N  NE  . ARG C 1 20 ? 2.487   -5.279  -11.645 1.00 31.29 ? 20  ARG C NE  1 
ATOM   1078 C  CZ  . ARG C 1 20 ? 3.564   -5.634  -12.339 1.00 40.23 ? 20  ARG C CZ  1 
ATOM   1079 N  NH1 . ARG C 1 20 ? 4.215   -4.735  -13.065 1.00 30.24 ? 20  ARG C NH1 1 
ATOM   1080 N  NH2 . ARG C 1 20 ? 3.987   -6.892  -12.316 1.00 48.80 ? 20  ARG C NH2 1 
HETATM 1081 N  N   . MSE C 1 21 ? -0.195  -1.322  -8.223  1.00 20.65 ? 21  MSE C N   1 
HETATM 1082 C  CA  . MSE C 1 21 ? -0.893  -1.839  -7.051  1.00 16.99 ? 21  MSE C CA  1 
HETATM 1083 C  C   . MSE C 1 21 ? -2.406  -1.746  -7.226  1.00 18.84 ? 21  MSE C C   1 
HETATM 1084 O  O   . MSE C 1 21 ? -3.153  -2.566  -6.689  1.00 17.04 ? 21  MSE C O   1 
HETATM 1085 C  CB  . MSE C 1 21 ? -0.464  -1.088  -5.790  1.00 13.86 ? 21  MSE C CB  1 
HETATM 1086 C  CG  . MSE C 1 21 ? 1.013   -1.222  -5.442  1.00 18.04 ? 21  MSE C CG  1 
HETATM 1087 SE SE  . MSE C 1 21 ? 1.589   -3.058  -5.107  1.00 42.31 ? 21  MSE C SE  1 
HETATM 1088 C  CE  . MSE C 1 21 ? 2.691   -3.331  -6.695  1.00 13.42 ? 21  MSE C CE  1 
ATOM   1089 N  N   . THR C 1 22 ? -2.854  -0.744  -7.976  1.00 16.82 ? 22  THR C N   1 
ATOM   1090 C  CA  . THR C 1 22 ? -4.276  -0.566  -8.245  1.00 15.07 ? 22  THR C CA  1 
ATOM   1091 C  C   . THR C 1 22 ? -4.791  -1.684  -9.143  1.00 21.75 ? 22  THR C C   1 
ATOM   1092 O  O   . THR C 1 22 ? -5.895  -2.196  -8.945  1.00 20.79 ? 22  THR C O   1 
ATOM   1093 C  CB  . THR C 1 22 ? -4.565  0.794   -8.905  1.00 15.27 ? 22  THR C CB  1 
ATOM   1094 O  OG1 . THR C 1 22 ? -3.970  1.842   -8.129  1.00 24.31 ? 22  THR C OG1 1 
ATOM   1095 C  CG2 . THR C 1 22 ? -6.064  1.031   -9.008  1.00 17.36 ? 22  THR C CG2 1 
ATOM   1096 N  N   . GLU C 1 23 ? -3.985  -2.058  -10.132 1.00 22.15 ? 23  GLU C N   1 
ATOM   1097 C  CA  . GLU C 1 23 ? -4.317  -3.172  -11.011 1.00 12.87 ? 23  GLU C CA  1 
ATOM   1098 C  C   . GLU C 1 23 ? -4.417  -4.470  -10.223 1.00 21.57 ? 23  GLU C C   1 
ATOM   1099 O  O   . GLU C 1 23 ? -5.352  -5.250  -10.406 1.00 22.29 ? 23  GLU C O   1 
ATOM   1100 C  CB  . GLU C 1 23 ? -3.271  -3.323  -12.117 1.00 17.42 ? 23  GLU C CB  1 
ATOM   1101 C  CG  . GLU C 1 23 ? -3.220  -2.177  -13.107 1.00 31.86 ? 23  GLU C CG  1 
ATOM   1102 C  CD  . GLU C 1 23 ? -2.186  -2.404  -14.191 1.00 37.63 ? 23  GLU C CD  1 
ATOM   1103 O  OE1 . GLU C 1 23 ? -1.606  -3.511  -14.234 1.00 35.14 ? 23  GLU C OE1 1 
ATOM   1104 O  OE2 . GLU C 1 23 ? -1.952  -1.481  -15.000 1.00 41.47 ? 23  GLU C OE2 1 
ATOM   1105 N  N   . GLU C 1 24 ? -3.448  -4.690  -9.342  1.00 22.44 ? 24  GLU C N   1 
ATOM   1106 C  CA  . GLU C 1 24 ? -3.372  -5.931  -8.582  1.00 20.64 ? 24  GLU C CA  1 
ATOM   1107 C  C   . GLU C 1 24 ? -4.411  -5.987  -7.471  1.00 16.74 ? 24  GLU C C   1 
ATOM   1108 O  O   . GLU C 1 24 ? -4.849  -7.069  -7.081  1.00 21.19 ? 24  GLU C O   1 
ATOM   1109 C  CB  . GLU C 1 24 ? -1.969  -6.112  -8.002  1.00 24.68 ? 24  GLU C CB  1 
ATOM   1110 C  CG  . GLU C 1 24 ? -0.912  -6.369  -9.060  1.00 30.40 ? 24  GLU C CG  1 
ATOM   1111 C  CD  . GLU C 1 24 ? -1.246  -7.564  -9.933  1.00 29.21 ? 24  GLU C CD  1 
ATOM   1112 O  OE1 . GLU C 1 24 ? -1.740  -8.579  -9.395  1.00 27.54 ? 24  GLU C OE1 1 
ATOM   1113 O  OE2 . GLU C 1 24 ? -1.022  -7.486  -11.159 1.00 30.42 ? 24  GLU C OE2 1 
ATOM   1114 N  N   . ARG C 1 25 ? -4.800  -4.824  -6.957  1.00 15.30 ? 25  ARG C N   1 
ATOM   1115 C  CA  . ARG C 1 25 ? -5.897  -4.762  -6.002  1.00 21.14 ? 25  ARG C CA  1 
ATOM   1116 C  C   . ARG C 1 25 ? -7.174  -5.223  -6.685  1.00 19.58 ? 25  ARG C C   1 
ATOM   1117 O  O   . ARG C 1 25 ? -7.996  -5.918  -6.091  1.00 18.50 ? 25  ARG C O   1 
ATOM   1118 C  CB  . ARG C 1 25 ? -6.071  -3.347  -5.446  1.00 19.70 ? 25  ARG C CB  1 
ATOM   1119 C  CG  . ARG C 1 25 ? -7.269  -3.199  -4.518  1.00 14.85 ? 25  ARG C CG  1 
ATOM   1120 C  CD  . ARG C 1 25 ? -7.471  -1.760  -4.078  1.00 25.88 ? 25  ARG C CD  1 
ATOM   1121 N  NE  . ARG C 1 25 ? -7.704  -0.867  -5.209  1.00 37.82 ? 25  ARG C NE  1 
ATOM   1122 C  CZ  . ARG C 1 25 ? -8.059  0.408   -5.092  1.00 33.44 ? 25  ARG C CZ  1 
ATOM   1123 N  NH1 . ARG C 1 25 ? -8.229  0.942   -3.890  1.00 30.68 ? 25  ARG C NH1 1 
ATOM   1124 N  NH2 . ARG C 1 25 ? -8.248  1.150   -6.175  1.00 29.09 ? 25  ARG C NH2 1 
ATOM   1125 N  N   . ARG C 1 26 ? -7.320  -4.840  -7.949  1.00 21.17 ? 26  ARG C N   1 
ATOM   1126 C  CA  . ARG C 1 26 ? -8.507  -5.170  -8.726  1.00 20.28 ? 26  ARG C CA  1 
ATOM   1127 C  C   . ARG C 1 26 ? -8.599  -6.668  -9.011  1.00 24.28 ? 26  ARG C C   1 
ATOM   1128 O  O   . ARG C 1 26 ? -9.693  -7.231  -9.044  1.00 27.65 ? 26  ARG C O   1 
ATOM   1129 C  CB  . ARG C 1 26 ? -8.516  -4.377  -10.035 1.00 20.04 ? 26  ARG C CB  1 
ATOM   1130 C  CG  . ARG C 1 26 ? -9.775  -4.563  -10.859 1.00 22.61 ? 26  ARG C CG  1 
ATOM   1131 C  CD  . ARG C 1 26 ? -9.835  -3.594  -12.029 1.00 28.95 ? 26  ARG C CD  1 
ATOM   1132 N  NE  . ARG C 1 26 ? -8.771  -3.811  -13.004 1.00 35.82 ? 26  ARG C NE  1 
ATOM   1133 C  CZ  . ARG C 1 26 ? -7.734  -2.997  -13.174 1.00 36.55 ? 26  ARG C CZ  1 
ATOM   1134 N  NH1 . ARG C 1 26 ? -7.618  -1.903  -12.432 1.00 28.22 ? 26  ARG C NH1 1 
ATOM   1135 N  NH2 . ARG C 1 26 ? -6.813  -3.274  -14.087 1.00 31.78 ? 26  ARG C NH2 1 
ATOM   1136 N  N   . ARG C 1 27 ? -7.453  -7.313  -9.213  1.00 18.13 ? 27  ARG C N   1 
ATOM   1137 C  CA  . ARG C 1 27 ? -7.428  -8.757  -9.418  1.00 17.36 ? 27  ARG C CA  1 
ATOM   1138 C  C   . ARG C 1 27 ? -7.785  -9.480  -8.132  1.00 17.97 ? 27  ARG C C   1 
ATOM   1139 O  O   . ARG C 1 27 ? -8.662  -10.343 -8.111  1.00 26.38 ? 27  ARG C O   1 
ATOM   1140 C  CB  . ARG C 1 27 ? -6.055  -9.222  -9.901  1.00 20.29 ? 27  ARG C CB  1 
ATOM   1141 C  CG  . ARG C 1 27 ? -5.532  -8.488  -11.114 1.00 32.19 ? 27  ARG C CG  1 
ATOM   1142 C  CD  . ARG C 1 27 ? -4.382  -9.248  -11.745 1.00 30.10 ? 27  ARG C CD  1 
ATOM   1143 N  NE  . ARG C 1 27 ? -4.842  -10.410 -12.500 1.00 47.11 ? 27  ARG C NE  1 
ATOM   1144 C  CZ  . ARG C 1 27 ? -4.809  -11.663 -12.056 1.00 54.78 ? 27  ARG C CZ  1 
ATOM   1145 N  NH1 . ARG C 1 27 ? -4.328  -11.931 -10.848 1.00 59.50 ? 27  ARG C NH1 1 
ATOM   1146 N  NH2 . ARG C 1 27 ? -5.252  -12.651 -12.822 1.00 44.65 ? 27  ARG C NH2 1 
ATOM   1147 N  N   . TRP C 1 28 ? -7.086  -9.116  -7.063  1.00 16.69 ? 28  TRP C N   1 
ATOM   1148 C  CA  . TRP C 1 28 ? -7.283  -9.712  -5.748  1.00 19.12 ? 28  TRP C CA  1 
ATOM   1149 C  C   . TRP C 1 28 ? -8.730  -9.574  -5.287  1.00 22.84 ? 28  TRP C C   1 
ATOM   1150 O  O   . TRP C 1 28 ? -9.281  -10.476 -4.656  1.00 26.57 ? 28  TRP C O   1 
ATOM   1151 C  CB  . TRP C 1 28 ? -6.333  -9.065  -4.740  1.00 18.13 ? 28  TRP C CB  1 
ATOM   1152 C  CG  . TRP C 1 28 ? -6.430  -9.621  -3.361  1.00 16.22 ? 28  TRP C CG  1 
ATOM   1153 C  CD1 . TRP C 1 28 ? -5.927  -10.808 -2.920  1.00 14.81 ? 28  TRP C CD1 1 
ATOM   1154 C  CD2 . TRP C 1 28 ? -7.050  -9.001  -2.228  1.00 21.28 ? 28  TRP C CD2 1 
ATOM   1155 N  NE1 . TRP C 1 28 ? -6.204  -10.972 -1.584  1.00 26.00 ? 28  TRP C NE1 1 
ATOM   1156 C  CE2 . TRP C 1 28 ? -6.892  -9.874  -1.136  1.00 21.36 ? 28  TRP C CE2 1 
ATOM   1157 C  CE3 . TRP C 1 28 ? -7.727  -7.792  -2.034  1.00 23.34 ? 28  TRP C CE3 1 
ATOM   1158 C  CZ2 . TRP C 1 28 ? -7.387  -9.581  0.133   1.00 22.81 ? 28  TRP C CZ2 1 
ATOM   1159 C  CZ3 . TRP C 1 28 ? -8.218  -7.503  -0.774  1.00 24.71 ? 28  TRP C CZ3 1 
ATOM   1160 C  CH2 . TRP C 1 28 ? -8.045  -8.393  0.293   1.00 27.22 ? 28  TRP C CH2 1 
ATOM   1161 N  N   . LEU C 1 29 ? -9.342  -8.441  -5.613  1.00 21.52 ? 29  LEU C N   1 
ATOM   1162 C  CA  . LEU C 1 29 ? -10.747 -8.219  -5.304  1.00 24.61 ? 29  LEU C CA  1 
ATOM   1163 C  C   . LEU C 1 29 ? -11.635 -9.058  -6.210  1.00 27.85 ? 29  LEU C C   1 
ATOM   1164 O  O   . LEU C 1 29 ? -12.698 -9.514  -5.799  1.00 29.79 ? 29  LEU C O   1 
ATOM   1165 C  CB  . LEU C 1 29 ? -11.093 -6.737  -5.436  1.00 25.57 ? 29  LEU C CB  1 
ATOM   1166 C  CG  . LEU C 1 29 ? -10.589 -5.878  -4.277  1.00 15.85 ? 29  LEU C CG  1 
ATOM   1167 C  CD1 . LEU C 1 29 ? -10.809 -4.406  -4.567  1.00 19.88 ? 29  LEU C CD1 1 
ATOM   1168 C  CD2 . LEU C 1 29 ? -11.285 -6.287  -2.991  1.00 19.42 ? 29  LEU C CD2 1 
ATOM   1169 N  N   . SER C 1 30 ? -11.193 -9.270  -7.445  1.00 32.71 ? 30  SER C N   1 
ATOM   1170 C  CA  . SER C 1 30 ? -11.938 -10.109 -8.373  1.00 36.76 ? 30  SER C CA  1 
ATOM   1171 C  C   . SER C 1 30 ? -11.879 -11.574 -7.944  1.00 35.86 ? 30  SER C C   1 
ATOM   1172 O  O   . SER C 1 30 ? -12.738 -12.373 -8.317  1.00 41.22 ? 30  SER C O   1 
ATOM   1173 C  CB  . SER C 1 30 ? -11.397 -9.952  -9.796  1.00 30.10 ? 30  SER C CB  1 
ATOM   1174 O  OG  . SER C 1 30 ? -12.076 -10.810 -10.696 1.00 39.83 ? 30  SER C OG  1 
ATOM   1175 N  N   . GLN C 1 31 ? -10.868 -11.915 -7.151  1.00 29.03 ? 31  GLN C N   1 
ATOM   1176 C  CA  . GLN C 1 31 ? -10.665 -13.287 -6.695  1.00 28.77 ? 31  GLN C CA  1 
ATOM   1177 C  C   . GLN C 1 31 ? -11.308 -13.550 -5.339  1.00 34.86 ? 31  GLN C C   1 
ATOM   1178 O  O   . GLN C 1 31 ? -11.868 -14.622 -5.104  1.00 37.06 ? 31  GLN C O   1 
ATOM   1179 C  CB  . GLN C 1 31 ? -9.171  -13.605 -6.612  1.00 39.37 ? 31  GLN C CB  1 
ATOM   1180 C  CG  . GLN C 1 31 ? -8.437  -13.534 -7.936  1.00 44.81 ? 31  GLN C CG  1 
ATOM   1181 C  CD  . GLN C 1 31 ? -6.974  -13.898 -7.798  1.00 41.03 ? 31  GLN C CD  1 
ATOM   1182 O  OE1 . GLN C 1 31 ? -6.156  -13.085 -7.366  1.00 31.45 ? 31  GLN C OE1 1 
ATOM   1183 N  NE2 . GLN C 1 31 ? -6.637  -15.131 -8.154  1.00 40.70 ? 31  GLN C NE2 1 
ATOM   1184 N  N   . ARG C 1 32 ? -11.208 -12.574 -4.445  1.00 39.26 ? 32  ARG C N   1 
ATOM   1185 C  CA  . ARG C 1 32 ? -11.718 -12.721 -3.088  1.00 40.85 ? 32  ARG C CA  1 
ATOM   1186 C  C   . ARG C 1 32 ? -13.225 -12.529 -3.036  1.00 32.16 ? 32  ARG C C   1 
ATOM   1187 O  O   . ARG C 1 32 ? -13.910 -13.099 -2.185  1.00 31.37 ? 32  ARG C O   1 
ATOM   1188 C  CB  . ARG C 1 32 ? -11.043 -11.720 -2.150  1.00 36.16 ? 32  ARG C CB  1 
ATOM   1189 C  CG  . ARG C 1 32 ? -10.692 -12.288 -0.792  1.00 30.23 ? 32  ARG C CG  1 
ATOM   1190 C  CD  . ARG C 1 32 ? -10.530 -11.185 0.239   1.00 41.88 ? 32  ARG C CD  1 
ATOM   1191 N  NE  . ARG C 1 32 ? -11.808 -10.572 0.592   1.00 51.38 ? 32  ARG C NE  1 
ATOM   1192 C  CZ  . ARG C 1 32 ? -12.597 -11.013 1.565   1.00 51.63 ? 32  ARG C CZ  1 
ATOM   1193 N  NH1 . ARG C 1 32 ? -12.239 -12.074 2.276   1.00 61.46 ? 32  ARG C NH1 1 
ATOM   1194 N  NH2 . ARG C 1 32 ? -13.745 -10.402 1.827   1.00 41.80 ? 32  ARG C NH2 1 
ATOM   1195 N  N   . LEU C 1 33 ? -13.735 -11.707 -3.946  1.00 29.68 ? 33  LEU C N   1 
ATOM   1196 C  CA  . LEU C 1 33 ? -15.148 -11.352 -3.936  1.00 35.46 ? 33  LEU C CA  1 
ATOM   1197 C  C   . LEU C 1 33 ? -15.976 -12.153 -4.942  1.00 45.30 ? 33  LEU C C   1 
ATOM   1198 O  O   . LEU C 1 33 ? -17.102 -12.555 -4.648  1.00 59.61 ? 33  LEU C O   1 
ATOM   1199 C  CB  . LEU C 1 33 ? -15.314 -9.853  -4.197  1.00 42.04 ? 33  LEU C CB  1 
ATOM   1200 C  CG  . LEU C 1 33 ? -14.617 -8.858  -3.269  1.00 37.13 ? 33  LEU C CG  1 
ATOM   1201 C  CD1 . LEU C 1 33 ? -14.906 -7.426  -3.698  1.00 29.41 ? 33  LEU C CD1 1 
ATOM   1202 C  CD2 . LEU C 1 33 ? -15.044 -9.090  -1.828  1.00 25.07 ? 33  LEU C CD2 1 
ATOM   1203 N  N   . GLY C 1 34 ? -15.428 -12.375 -6.130  1.00 39.80 ? 34  GLY C N   1 
ATOM   1204 C  CA  . GLY C 1 34 ? -16.112 -13.185 -7.121  1.00 36.05 ? 34  GLY C CA  1 
ATOM   1205 C  C   . GLY C 1 34 ? -16.531 -12.424 -8.362  1.00 47.33 ? 34  GLY C C   1 
ATOM   1206 O  O   . GLY C 1 34 ? -16.880 -13.024 -9.378  1.00 62.25 ? 34  GLY C O   1 
ATOM   1207 N  N   . LEU C 1 35 ? -16.499 -11.100 -8.278  1.00 41.88 ? 35  LEU C N   1 
ATOM   1208 C  CA  . LEU C 1 35 ? -16.851 -10.255 -9.411  1.00 40.94 ? 35  LEU C CA  1 
ATOM   1209 C  C   . LEU C 1 35 ? -15.701 -10.201 -10.396 1.00 38.67 ? 35  LEU C C   1 
ATOM   1210 O  O   . LEU C 1 35 ? -14.577 -10.577 -10.068 1.00 37.45 ? 35  LEU C O   1 
ATOM   1211 C  CB  . LEU C 1 35 ? -17.196 -8.848  -8.939  1.00 45.42 ? 35  LEU C CB  1 
ATOM   1212 C  CG  . LEU C 1 35 ? -18.016 -8.804  -7.656  1.00 48.12 ? 35  LEU C CG  1 
ATOM   1213 C  CD1 . LEU C 1 35 ? -18.132 -7.384  -7.159  1.00 51.39 ? 35  LEU C CD1 1 
ATOM   1214 C  CD2 . LEU C 1 35 ? -19.392 -9.419  -7.860  1.00 56.23 ? 35  LEU C CD2 1 
ATOM   1215 N  N   . ASN C 1 36 ? -15.977 -9.728  -11.606 1.00 42.12 ? 36  ASN C N   1 
ATOM   1216 C  CA  . ASN C 1 36 ? -14.911 -9.524  -12.571 1.00 45.46 ? 36  ASN C CA  1 
ATOM   1217 C  C   . ASN C 1 36 ? -14.218 -8.198  -12.283 1.00 39.15 ? 36  ASN C C   1 
ATOM   1218 O  O   . ASN C 1 36 ? -14.622 -7.461  -11.382 1.00 41.79 ? 36  ASN C O   1 
ATOM   1219 C  CB  . ASN C 1 36 ? -15.440 -9.571  -14.007 1.00 48.96 ? 36  ASN C CB  1 
ATOM   1220 C  CG  . ASN C 1 36 ? -16.362 -8.415  -14.335 1.00 47.02 ? 36  ASN C CG  1 
ATOM   1221 O  OD1 . ASN C 1 36 ? -15.909 -7.310  -14.622 1.00 48.97 ? 36  ASN C OD1 1 
ATOM   1222 N  ND2 . ASN C 1 36 ? -17.665 -8.673  -14.318 1.00 47.17 ? 36  ASN C ND2 1 
ATOM   1223 N  N   . GLU C 1 37 ? -13.175 -7.902  -13.047 1.00 44.35 ? 37  GLU C N   1 
ATOM   1224 C  CA  . GLU C 1 37 ? -12.346 -6.733  -12.784 1.00 39.36 ? 37  GLU C CA  1 
ATOM   1225 C  C   . GLU C 1 37 ? -13.024 -5.451  -13.259 1.00 39.81 ? 37  GLU C C   1 
ATOM   1226 O  O   . GLU C 1 37 ? -12.978 -4.429  -12.572 1.00 41.01 ? 37  GLU C O   1 
ATOM   1227 C  CB  . GLU C 1 37 ? -10.985 -6.907  -13.451 1.00 35.91 ? 37  GLU C CB  1 
ATOM   1228 C  CG  . GLU C 1 37 ? -10.351 -8.253  -13.143 1.00 25.39 ? 37  GLU C CG  1 
ATOM   1229 C  CD  . GLU C 1 37 ? -8.848  -8.246  -13.296 1.00 29.92 ? 37  GLU C CD  1 
ATOM   1230 O  OE1 . GLU C 1 37 ? -8.235  -7.169  -13.142 1.00 21.13 ? 37  GLU C OE1 1 
ATOM   1231 O  OE2 . GLU C 1 37 ? -8.280  -9.324  -13.569 1.00 40.37 ? 37  GLU C OE2 1 
ATOM   1232 N  N   . GLU C 1 38 ? -13.648 -5.518  -14.435 1.00 47.29 ? 38  GLU C N   1 
ATOM   1233 C  CA  . GLU C 1 38 ? -14.464 -4.423  -14.957 1.00 52.03 ? 38  GLU C CA  1 
ATOM   1234 C  C   . GLU C 1 38 ? -15.560 -4.062  -13.954 1.00 46.36 ? 38  GLU C C   1 
ATOM   1235 O  O   . GLU C 1 38 ? -15.855 -2.889  -13.727 1.00 43.34 ? 38  GLU C O   1 
ATOM   1236 C  CB  . GLU C 1 38 ? -15.082 -4.811  -16.309 1.00 55.04 ? 38  GLU C CB  1 
ATOM   1237 C  CG  . GLU C 1 38 ? -15.736 -3.677  -17.112 1.00 67.29 ? 38  GLU C CG  1 
ATOM   1238 C  CD  . GLU C 1 38 ? -15.022 -2.333  -17.007 1.00 77.34 ? 38  GLU C CD  1 
ATOM   1239 O  OE1 . GLU C 1 38 ? -13.778 -2.287  -17.139 1.00 73.25 ? 38  GLU C OE1 1 
ATOM   1240 O  OE2 . GLU C 1 38 ? -15.720 -1.315  -16.803 1.00 56.34 ? 38  GLU C OE2 1 
ATOM   1241 N  N   . GLN C 1 39 ? -16.151 -5.089  -13.352 1.00 42.48 ? 39  GLN C N   1 
ATOM   1242 C  CA  . GLN C 1 39 ? -17.231 -4.924  -12.383 1.00 41.68 ? 39  GLN C CA  1 
ATOM   1243 C  C   . GLN C 1 39 ? -16.725 -4.281  -11.094 1.00 37.86 ? 39  GLN C C   1 
ATOM   1244 O  O   . GLN C 1 39 ? -17.486 -3.656  -10.357 1.00 31.59 ? 39  GLN C O   1 
ATOM   1245 C  CB  . GLN C 1 39 ? -17.869 -6.282  -12.094 1.00 37.71 ? 39  GLN C CB  1 
ATOM   1246 C  CG  . GLN C 1 39 ? -19.135 -6.268  -11.272 1.00 49.47 ? 39  GLN C CG  1 
ATOM   1247 C  CD  . GLN C 1 39 ? -19.694 -7.668  -11.113 1.00 46.72 ? 39  GLN C CD  1 
ATOM   1248 O  OE1 . GLN C 1 39 ? -19.101 -8.636  -11.593 1.00 44.55 ? 39  GLN C OE1 1 
ATOM   1249 N  NE2 . GLN C 1 39 ? -20.835 -7.785  -10.444 1.00 49.27 ? 39  GLN C NE2 1 
ATOM   1250 N  N   . ILE C 1 40 ? -15.430 -4.439  -10.833 1.00 33.93 ? 40  ILE C N   1 
ATOM   1251 C  CA  . ILE C 1 40 ? -14.784 -3.823  -9.679  1.00 36.81 ? 40  ILE C CA  1 
ATOM   1252 C  C   . ILE C 1 40 ? -14.280 -2.425  -10.023 1.00 34.92 ? 40  ILE C C   1 
ATOM   1253 O  O   . ILE C 1 40 ? -14.471 -1.476  -9.259  1.00 33.69 ? 40  ILE C O   1 
ATOM   1254 C  CB  . ILE C 1 40 ? -13.607 -4.684  -9.171  1.00 35.65 ? 40  ILE C CB  1 
ATOM   1255 C  CG1 . ILE C 1 40 ? -14.127 -5.980  -8.547  1.00 28.71 ? 40  ILE C CG1 1 
ATOM   1256 C  CG2 . ILE C 1 40 ? -12.776 -3.921  -8.153  1.00 26.16 ? 40  ILE C CG2 1 
ATOM   1257 C  CD1 . ILE C 1 40 ? -14.925 -5.762  -7.286  1.00 36.10 ? 40  ILE C CD1 1 
ATOM   1258 N  N   . GLU C 1 41 ? -13.640 -2.305  -11.182 1.00 29.66 ? 41  GLU C N   1 
ATOM   1259 C  CA  . GLU C 1 41 ? -13.085 -1.034  -11.634 1.00 31.96 ? 41  GLU C CA  1 
ATOM   1260 C  C   . GLU C 1 41 ? -14.176 0.010   -11.840 1.00 43.31 ? 41  GLU C C   1 
ATOM   1261 O  O   . GLU C 1 41 ? -13.945 1.205   -11.662 1.00 37.61 ? 41  GLU C O   1 
ATOM   1262 C  CB  . GLU C 1 41 ? -12.295 -1.230  -12.929 1.00 36.81 ? 41  GLU C CB  1 
ATOM   1263 C  CG  . GLU C 1 41 ? -11.454 -0.031  -13.334 1.00 41.67 ? 41  GLU C CG  1 
ATOM   1264 C  CD  . GLU C 1 41 ? -10.534 -0.333  -14.500 1.00 47.21 ? 41  GLU C CD  1 
ATOM   1265 O  OE1 . GLU C 1 41 ? -10.498 -1.502  -14.944 1.00 49.12 ? 41  GLU C OE1 1 
ATOM   1266 O  OE2 . GLU C 1 41 ? -9.846  0.596   -14.973 1.00 42.44 ? 41  GLU C OE2 1 
ATOM   1267 N  N   . ARG C 1 42 ? -15.366 -0.448  -12.214 1.00 49.49 ? 42  ARG C N   1 
ATOM   1268 C  CA  . ARG C 1 42 ? -16.494 0.450   -12.426 1.00 50.18 ? 42  ARG C CA  1 
ATOM   1269 C  C   . ARG C 1 42 ? -16.996 1.018   -11.104 1.00 47.41 ? 42  ARG C C   1 
ATOM   1270 O  O   . ARG C 1 42 ? -17.405 2.176   -11.030 1.00 48.96 ? 42  ARG C O   1 
ATOM   1271 C  CB  . ARG C 1 42 ? -17.629 -0.272  -13.156 1.00 54.81 ? 42  ARG C CB  1 
ATOM   1272 C  CG  . ARG C 1 42 ? -18.819 0.619   -13.475 1.00 53.86 ? 42  ARG C CG  1 
ATOM   1273 C  CD  . ARG C 1 42 ? -19.803 -0.060  -14.412 1.00 47.30 ? 42  ARG C CD  1 
ATOM   1274 N  NE  . ARG C 1 42 ? -20.510 -1.171  -13.780 1.00 44.21 ? 42  ARG C NE  1 
ATOM   1275 C  CZ  . ARG C 1 42 ? -20.243 -2.453  -14.005 1.00 44.21 ? 42  ARG C CZ  1 
ATOM   1276 N  NH1 . ARG C 1 42 ? -19.283 -2.796  -14.854 1.00 43.71 ? 42  ARG C NH1 1 
ATOM   1277 N  NH2 . ARG C 1 42 ? -20.942 -3.395  -13.385 1.00 41.44 ? 42  ARG C NH2 1 
ATOM   1278 N  N   . TRP C 1 43 ? -16.954 0.198   -10.058 1.00 43.24 ? 43  TRP C N   1 
ATOM   1279 C  CA  . TRP C 1 43 ? -17.431 0.611   -8.744  1.00 41.15 ? 43  TRP C CA  1 
ATOM   1280 C  C   . TRP C 1 43 ? -16.514 1.658   -8.119  1.00 50.32 ? 43  TRP C C   1 
ATOM   1281 O  O   . TRP C 1 43 ? -16.984 2.647   -7.556  1.00 49.07 ? 43  TRP C O   1 
ATOM   1282 C  CB  . TRP C 1 43 ? -17.556 -0.599  -7.815  1.00 33.54 ? 43  TRP C CB  1 
ATOM   1283 C  CG  . TRP C 1 43 ? -18.247 -0.285  -6.524  1.00 44.51 ? 43  TRP C CG  1 
ATOM   1284 C  CD1 . TRP C 1 43 ? -19.575 -0.438  -6.249  1.00 46.62 ? 43  TRP C CD1 1 
ATOM   1285 C  CD2 . TRP C 1 43 ? -17.649 0.235   -5.330  1.00 47.16 ? 43  TRP C CD2 1 
ATOM   1286 N  NE1 . TRP C 1 43 ? -19.841 -0.046  -4.960  1.00 50.81 ? 43  TRP C NE1 1 
ATOM   1287 C  CE2 . TRP C 1 43 ? -18.675 0.371   -4.373  1.00 50.07 ? 43  TRP C CE2 1 
ATOM   1288 C  CE3 . TRP C 1 43 ? -16.345 0.598   -4.976  1.00 38.33 ? 43  TRP C CE3 1 
ATOM   1289 C  CZ2 . TRP C 1 43 ? -18.438 0.855   -3.089  1.00 40.51 ? 43  TRP C CZ2 1 
ATOM   1290 C  CZ3 . TRP C 1 43 ? -16.113 1.078   -3.701  1.00 41.24 ? 43  TRP C CZ3 1 
ATOM   1291 C  CH2 . TRP C 1 43 ? -17.154 1.202   -2.772  1.00 40.04 ? 43  TRP C CH2 1 
ATOM   1292 N  N   . PHE C 1 44 ? -15.206 1.433   -8.214  1.00 51.17 ? 44  PHE C N   1 
ATOM   1293 C  CA  . PHE C 1 44 ? -14.227 2.378   -7.682  1.00 47.41 ? 44  PHE C CA  1 
ATOM   1294 C  C   . PHE C 1 44 ? -14.291 3.712   -8.416  1.00 46.71 ? 44  PHE C C   1 
ATOM   1295 O  O   . PHE C 1 44 ? -14.052 4.767   -7.829  1.00 41.44 ? 44  PHE C O   1 
ATOM   1296 C  CB  . PHE C 1 44 ? -12.811 1.801   -7.773  1.00 37.62 ? 44  PHE C CB  1 
ATOM   1297 C  CG  . PHE C 1 44 ? -12.462 0.870   -6.648  1.00 36.86 ? 44  PHE C CG  1 
ATOM   1298 C  CD1 . PHE C 1 44 ? -12.509 -0.502  -6.825  1.00 39.13 ? 44  PHE C CD1 1 
ATOM   1299 C  CD2 . PHE C 1 44 ? -12.081 1.369   -5.412  1.00 38.61 ? 44  PHE C CD2 1 
ATOM   1300 C  CE1 . PHE C 1 44 ? -12.186 -1.358  -5.791  1.00 36.76 ? 44  PHE C CE1 1 
ATOM   1301 C  CE2 . PHE C 1 44 ? -11.758 0.516   -4.375  1.00 37.38 ? 44  PHE C CE2 1 
ATOM   1302 C  CZ  . PHE C 1 44 ? -11.810 -0.849  -4.565  1.00 33.76 ? 44  PHE C CZ  1 
ATOM   1303 N  N   . ARG C 1 45 ? -14.615 3.656   -9.704  1.00 47.94 ? 45  ARG C N   1 
ATOM   1304 C  CA  . ARG C 1 45 ? -14.705 4.853   -10.529 1.00 43.53 ? 45  ARG C CA  1 
ATOM   1305 C  C   . ARG C 1 45 ? -15.917 5.699   -10.155 1.00 46.42 ? 45  ARG C C   1 
ATOM   1306 O  O   . ARG C 1 45 ? -15.820 6.920   -10.032 1.00 44.14 ? 45  ARG C O   1 
ATOM   1307 C  CB  . ARG C 1 45 ? -14.763 4.478   -12.010 1.00 48.70 ? 45  ARG C CB  1 
ATOM   1308 C  CG  . ARG C 1 45 ? -14.922 5.665   -12.945 1.00 46.64 ? 45  ARG C CG  1 
ATOM   1309 C  CD  . ARG C 1 45 ? -14.796 5.256   -14.406 1.00 49.03 ? 45  ARG C CD  1 
ATOM   1310 N  NE  . ARG C 1 45 ? -15.815 4.291   -14.813 1.00 55.35 ? 45  ARG C NE  1 
ATOM   1311 C  CZ  . ARG C 1 45 ? -15.594 2.991   -14.978 1.00 52.37 ? 45  ARG C CZ  1 
ATOM   1312 N  NH1 . ARG C 1 45 ? -14.383 2.490   -14.774 1.00 41.09 ? 45  ARG C NH1 1 
ATOM   1313 N  NH2 . ARG C 1 45 ? -16.583 2.190   -15.351 1.00 50.03 ? 45  ARG C NH2 1 
ATOM   1314 N  N   . ARG C 1 46 ? -17.058 5.042   -9.968  1.00 48.04 ? 46  ARG C N   1 
ATOM   1315 C  CA  . ARG C 1 46 ? -18.294 5.738   -9.626  1.00 48.29 ? 46  ARG C CA  1 
ATOM   1316 C  C   . ARG C 1 46 ? -18.315 6.158   -8.158  1.00 52.96 ? 46  ARG C C   1 
ATOM   1317 O  O   . ARG C 1 46 ? -19.255 6.809   -7.701  1.00 57.81 ? 46  ARG C O   1 
ATOM   1318 C  CB  . ARG C 1 46 ? -19.504 4.860   -9.951  1.00 48.04 ? 46  ARG C CB  1 
ATOM   1319 C  CG  . ARG C 1 46 ? -19.649 4.555   -11.435 1.00 49.60 ? 46  ARG C CG  1 
ATOM   1320 C  CD  . ARG C 1 46 ? -20.875 3.706   -11.725 1.00 51.41 ? 46  ARG C CD  1 
ATOM   1321 N  NE  . ARG C 1 46 ? -21.024 3.446   -13.154 1.00 50.97 ? 46  ARG C NE  1 
ATOM   1322 C  CZ  . ARG C 1 46 ? -21.987 2.697   -13.683 1.00 60.89 ? 46  ARG C CZ  1 
ATOM   1323 N  NH1 . ARG C 1 46 ? -22.892 2.128   -12.899 1.00 62.55 ? 46  ARG C NH1 1 
ATOM   1324 N  NH2 . ARG C 1 46 ? -22.043 2.516   -14.996 1.00 57.42 ? 46  ARG C NH2 1 
ATOM   1325 N  N   . LYS C 1 47 ? -17.274 5.777   -7.424  1.00 51.49 ? 47  LYS C N   1 
ATOM   1326 C  CA  . LYS C 1 47 ? -17.080 6.253   -6.061  1.00 44.85 ? 47  LYS C CA  1 
ATOM   1327 C  C   . LYS C 1 47 ? -16.189 7.491   -6.071  1.00 48.07 ? 47  LYS C C   1 
ATOM   1328 O  O   . LYS C 1 47 ? -16.010 8.148   -5.045  1.00 49.70 ? 47  LYS C O   1 
ATOM   1329 C  CB  . LYS C 1 47 ? -16.467 5.161   -5.182  1.00 41.07 ? 47  LYS C CB  1 
ATOM   1330 C  CG  . LYS C 1 47 ? -17.424 4.573   -4.156  1.00 38.71 ? 47  LYS C CG  1 
ATOM   1331 C  CD  . LYS C 1 47 ? -17.807 5.604   -3.105  1.00 34.24 ? 47  LYS C CD  1 
ATOM   1332 C  CE  . LYS C 1 47 ? -18.454 4.950   -1.894  1.00 37.58 ? 47  LYS C CE  1 
ATOM   1333 N  NZ  . LYS C 1 47 ? -19.698 4.210   -2.245  1.00 35.95 ? 47  LYS C NZ  1 
ATOM   1334 N  N   . GLU C 1 48 ? -15.635 7.790   -7.245  1.00 46.41 ? 48  GLU C N   1 
ATOM   1335 C  CA  . GLU C 1 48 ? -14.820 8.983   -7.465  1.00 47.49 ? 48  GLU C CA  1 
ATOM   1336 C  C   . GLU C 1 48 ? -13.638 9.068   -6.504  1.00 47.48 ? 48  GLU C C   1 
ATOM   1337 O  O   . GLU C 1 48 ? -12.993 10.110  -6.392  1.00 57.21 ? 48  GLU C O   1 
ATOM   1338 C  CB  . GLU C 1 48 ? -15.683 10.243  -7.347  1.00 56.98 ? 48  GLU C CB  1 
ATOM   1339 C  CG  . GLU C 1 48 ? -16.854 10.278  -8.316  1.00 54.68 ? 48  GLU C CG  1 
ATOM   1340 C  CD  . GLU C 1 48 ? -18.106 10.871  -7.700  1.00 66.69 ? 48  GLU C CD  1 
ATOM   1341 O  OE1 . GLU C 1 48 ? -17.993 11.564  -6.667  1.00 59.42 ? 48  GLU C OE1 1 
ATOM   1342 O  OE2 . GLU C 1 48 ? -19.205 10.643  -8.249  1.00 76.32 ? 48  GLU C OE2 1 
ATOM   1343 N  N   . GLU D 1 2  ? -26.422 -6.486  -7.916  1.00 41.62 ? 2   GLU D N   1 
ATOM   1344 C  CA  . GLU D 1 2  ? -25.140 -6.730  -8.566  1.00 43.95 ? 2   GLU D CA  1 
ATOM   1345 C  C   . GLU D 1 2  ? -24.037 -6.940  -7.536  1.00 50.63 ? 2   GLU D C   1 
ATOM   1346 O  O   . GLU D 1 2  ? -23.299 -7.923  -7.592  1.00 64.21 ? 2   GLU D O   1 
ATOM   1347 C  CB  . GLU D 1 2  ? -24.778 -5.569  -9.493  1.00 42.96 ? 2   GLU D CB  1 
ATOM   1348 C  CG  . GLU D 1 2  ? -23.450 -5.741  -10.207 1.00 42.26 ? 2   GLU D CG  1 
ATOM   1349 C  CD  . GLU D 1 2  ? -23.144 -4.597  -11.151 1.00 46.95 ? 2   GLU D CD  1 
ATOM   1350 O  OE1 . GLU D 1 2  ? -23.827 -3.555  -11.065 1.00 50.59 ? 2   GLU D OE1 1 
ATOM   1351 O  OE2 . GLU D 1 2  ? -22.224 -4.742  -11.984 1.00 45.62 ? 2   GLU D OE2 1 
ATOM   1352 N  N   . PHE D 1 3  ? -23.929 -6.005  -6.598  1.00 52.33 ? 3   PHE D N   1 
ATOM   1353 C  CA  . PHE D 1 3  ? -22.959 -6.111  -5.518  1.00 51.29 ? 3   PHE D CA  1 
ATOM   1354 C  C   . PHE D 1 3  ? -23.653 -6.518  -4.223  1.00 54.79 ? 3   PHE D C   1 
ATOM   1355 O  O   . PHE D 1 3  ? -24.655 -5.917  -3.837  1.00 57.48 ? 3   PHE D O   1 
ATOM   1356 C  CB  . PHE D 1 3  ? -22.216 -4.787  -5.324  1.00 54.75 ? 3   PHE D CB  1 
ATOM   1357 C  CG  . PHE D 1 3  ? -21.526 -4.290  -6.563  1.00 45.27 ? 3   PHE D CG  1 
ATOM   1358 C  CD1 . PHE D 1 3  ? -22.094 -3.292  -7.337  1.00 39.35 ? 3   PHE D CD1 1 
ATOM   1359 C  CD2 . PHE D 1 3  ? -20.310 -4.818  -6.951  1.00 42.48 ? 3   PHE D CD2 1 
ATOM   1360 C  CE1 . PHE D 1 3  ? -21.460 -2.833  -8.475  1.00 37.66 ? 3   PHE D CE1 1 
ATOM   1361 C  CE2 . PHE D 1 3  ? -19.671 -4.366  -8.089  1.00 42.18 ? 3   PHE D CE2 1 
ATOM   1362 C  CZ  . PHE D 1 3  ? -20.246 -3.371  -8.851  1.00 43.00 ? 3   PHE D CZ  1 
ATOM   1363 N  N   . SER D 1 4  ? -23.120 -7.537  -3.557  1.00 58.06 ? 4   SER D N   1 
ATOM   1364 C  CA  . SER D 1 4  ? -23.669 -7.988  -2.282  1.00 57.81 ? 4   SER D CA  1 
ATOM   1365 C  C   . SER D 1 4  ? -23.417 -6.940  -1.201  1.00 57.98 ? 4   SER D C   1 
ATOM   1366 O  O   . SER D 1 4  ? -22.754 -5.934  -1.452  1.00 58.75 ? 4   SER D O   1 
ATOM   1367 C  CB  . SER D 1 4  ? -23.058 -9.332  -1.882  1.00 65.00 ? 4   SER D CB  1 
ATOM   1368 O  OG  . SER D 1 4  ? -23.739 -9.892  -0.774  1.00 77.81 ? 4   SER D OG  1 
ATOM   1369 N  N   . GLU D 1 5  ? -23.946 -7.164  -0.003  1.00 59.77 ? 5   GLU D N   1 
ATOM   1370 C  CA  . GLU D 1 5  ? -23.729 -6.214  1.082   1.00 68.72 ? 5   GLU D CA  1 
ATOM   1371 C  C   . GLU D 1 5  ? -22.347 -6.412  1.699   1.00 63.90 ? 5   GLU D C   1 
ATOM   1372 O  O   . GLU D 1 5  ? -21.779 -5.494  2.293   1.00 63.45 ? 5   GLU D O   1 
ATOM   1373 C  CB  . GLU D 1 5  ? -24.820 -6.343  2.148   1.00 72.00 ? 5   GLU D CB  1 
ATOM   1374 C  CG  . GLU D 1 5  ? -24.671 -5.354  3.292   1.00 79.60 ? 5   GLU D CG  1 
ATOM   1375 C  CD  . GLU D 1 5  ? -25.809 -5.425  4.283   1.00 84.35 ? 5   GLU D CD  1 
ATOM   1376 O  OE1 . GLU D 1 5  ? -26.733 -6.235  4.067   1.00 85.82 ? 5   GLU D OE1 1 
ATOM   1377 O  OE2 . GLU D 1 5  ? -25.778 -4.674  5.281   1.00 84.61 ? 5   GLU D OE2 1 
ATOM   1378 N  N   . GLU D 1 6  ? -21.801 -7.612  1.540   1.00 63.19 ? 6   GLU D N   1 
ATOM   1379 C  CA  . GLU D 1 6  ? -20.485 -7.928  2.080   1.00 68.05 ? 6   GLU D CA  1 
ATOM   1380 C  C   . GLU D 1 6  ? -19.389 -7.569  1.088   1.00 58.50 ? 6   GLU D C   1 
ATOM   1381 O  O   . GLU D 1 6  ? -18.264 -7.262  1.474   1.00 51.77 ? 6   GLU D O   1 
ATOM   1382 C  CB  . GLU D 1 6  ? -20.398 -9.411  2.460   1.00 72.25 ? 6   GLU D CB  1 
ATOM   1383 C  CG  . GLU D 1 6  ? -21.197 -10.350 1.564   1.00 77.60 ? 6   GLU D CG  1 
ATOM   1384 C  CD  . GLU D 1 6  ? -22.656 -10.474 1.980   1.00 86.91 ? 6   GLU D CD  1 
ATOM   1385 O  OE1 . GLU D 1 6  ? -23.221 -9.488  2.502   1.00 88.67 ? 6   GLU D OE1 1 
ATOM   1386 O  OE2 . GLU D 1 6  ? -23.237 -11.563 1.791   1.00 82.52 ? 6   GLU D OE2 1 
ATOM   1387 N  N   . GLN D 1 7  ? -19.730 -7.609  -0.193  1.00 47.78 ? 7   GLN D N   1 
ATOM   1388 C  CA  . GLN D 1 7  ? -18.802 -7.237  -1.246  1.00 45.77 ? 7   GLN D CA  1 
ATOM   1389 C  C   . GLN D 1 7  ? -18.651 -5.727  -1.303  1.00 44.59 ? 7   GLN D C   1 
ATOM   1390 O  O   . GLN D 1 7  ? -17.590 -5.202  -1.632  1.00 41.42 ? 7   GLN D O   1 
ATOM   1391 C  CB  . GLN D 1 7  ? -19.301 -7.767  -2.582  1.00 48.08 ? 7   GLN D CB  1 
ATOM   1392 C  CG  . GLN D 1 7  ? -19.411 -9.272  -2.614  1.00 58.59 ? 7   GLN D CG  1 
ATOM   1393 C  CD  . GLN D 1 7  ? -19.373 -9.808  -4.015  1.00 61.03 ? 7   GLN D CD  1 
ATOM   1394 O  OE1 . GLN D 1 7  ? -20.364 -10.332 -4.508  1.00 75.01 ? 7   GLN D OE1 1 
ATOM   1395 N  NE2 . GLN D 1 7  ? -18.244 -9.649  -4.680  1.00 55.71 ? 7   GLN D NE2 1 
ATOM   1396 N  N   . LYS D 1 8  ? -19.744 -5.035  -1.010  1.00 49.59 ? 8   LYS D N   1 
ATOM   1397 C  CA  . LYS D 1 8  ? -19.764 -3.581  -1.032  1.00 43.96 ? 8   LYS D CA  1 
ATOM   1398 C  C   . LYS D 1 8  ? -19.171 -3.051  0.253   1.00 39.97 ? 8   LYS D C   1 
ATOM   1399 O  O   . LYS D 1 8  ? -18.769 -1.894  0.340   1.00 40.92 ? 8   LYS D O   1 
ATOM   1400 C  CB  . LYS D 1 8  ? -21.186 -3.064  -1.206  1.00 43.80 ? 8   LYS D CB  1 
ATOM   1401 C  CG  . LYS D 1 8  ? -21.345 -2.121  -2.365  1.00 51.08 ? 8   LYS D CG  1 
ATOM   1402 C  CD  . LYS D 1 8  ? -22.563 -1.244  -2.185  1.00 60.81 ? 8   LYS D CD  1 
ATOM   1403 C  CE  . LYS D 1 8  ? -22.788 -0.379  -3.410  1.00 53.26 ? 8   LYS D CE  1 
ATOM   1404 N  NZ  . LYS D 1 8  ? -23.216 -1.186  -4.587  1.00 50.71 ? 8   LYS D NZ  1 
ATOM   1405 N  N   . ARG D 1 9  ? -19.131 -3.920  1.253   1.00 40.98 ? 9   ARG D N   1 
ATOM   1406 C  CA  . ARG D 1 9  ? -18.569 -3.573  2.544   1.00 34.93 ? 9   ARG D CA  1 
ATOM   1407 C  C   . ARG D 1 9  ? -17.051 -3.638  2.445   1.00 34.38 ? 9   ARG D C   1 
ATOM   1408 O  O   . ARG D 1 9  ? -16.345 -2.820  3.032   1.00 33.79 ? 9   ARG D O   1 
ATOM   1409 C  CB  . ARG D 1 9  ? -19.085 -4.512  3.637   1.00 46.92 ? 9   ARG D CB  1 
ATOM   1410 C  CG  . ARG D 1 9  ? -18.404 -4.303  4.970   1.00 52.66 ? 9   ARG D CG  1 
ATOM   1411 C  CD  . ARG D 1 9  ? -18.810 -5.337  5.999   1.00 60.97 ? 9   ARG D CD  1 
ATOM   1412 N  NE  . ARG D 1 9  ? -19.490 -6.492  5.427   1.00 76.40 ? 9   ARG D NE  1 
ATOM   1413 C  CZ  . ARG D 1 9  ? -20.726 -6.853  5.756   1.00 79.89 ? 9   ARG D CZ  1 
ATOM   1414 N  NH1 . ARG D 1 9  ? -21.398 -6.163  6.668   1.00 75.81 ? 9   ARG D NH1 1 
ATOM   1415 N  NH2 . ARG D 1 9  ? -21.287 -7.914  5.195   1.00 79.40 ? 9   ARG D NH2 1 
ATOM   1416 N  N   . THR D 1 10 ? -16.563 -4.606  1.678   1.00 43.34 ? 10  THR D N   1 
ATOM   1417 C  CA  . THR D 1 10 ? -15.130 -4.780  1.466   1.00 35.60 ? 10  THR D CA  1 
ATOM   1418 C  C   . THR D 1 10 ? -14.570 -3.686  0.561   1.00 34.60 ? 10  THR D C   1 
ATOM   1419 O  O   . THR D 1 10 ? -13.498 -3.138  0.824   1.00 33.77 ? 10  THR D O   1 
ATOM   1420 C  CB  . THR D 1 10 ? -14.823 -6.164  0.856   1.00 38.16 ? 10  THR D CB  1 
ATOM   1421 O  OG1 . THR D 1 10 ? -15.284 -7.190  1.744   1.00 36.78 ? 10  THR D OG1 1 
ATOM   1422 C  CG2 . THR D 1 10 ? -13.329 -6.335  0.622   1.00 36.88 ? 10  THR D CG2 1 
ATOM   1423 N  N   . LEU D 1 11 ? -15.304 -3.366  -0.500  1.00 36.40 ? 11  LEU D N   1 
ATOM   1424 C  CA  . LEU D 1 11 ? -14.891 -2.319  -1.428  1.00 35.58 ? 11  LEU D CA  1 
ATOM   1425 C  C   . LEU D 1 11 ? -14.896 -0.950  -0.757  1.00 30.61 ? 11  LEU D C   1 
ATOM   1426 O  O   . LEU D 1 11 ? -14.036 -0.113  -1.029  1.00 30.66 ? 11  LEU D O   1 
ATOM   1427 C  CB  . LEU D 1 11 ? -15.800 -2.297  -2.659  1.00 39.49 ? 11  LEU D CB  1 
ATOM   1428 C  CG  . LEU D 1 11 ? -15.724 -3.478  -3.628  1.00 33.55 ? 11  LEU D CG  1 
ATOM   1429 C  CD1 . LEU D 1 11 ? -16.665 -3.258  -4.804  1.00 35.27 ? 11  LEU D CD1 1 
ATOM   1430 C  CD2 . LEU D 1 11 ? -14.303 -3.690  -4.113  1.00 26.25 ? 11  LEU D CD2 1 
ATOM   1431 N  N   . ASP D 1 12 ? -15.869 -0.729  0.122   1.00 35.09 ? 12  ASP D N   1 
ATOM   1432 C  CA  . ASP D 1 12 ? -16.001 0.548   0.814   1.00 36.37 ? 12  ASP D CA  1 
ATOM   1433 C  C   . ASP D 1 12 ? -14.913 0.720   1.867   1.00 29.55 ? 12  ASP D C   1 
ATOM   1434 O  O   . ASP D 1 12 ? -14.593 1.839   2.264   1.00 33.39 ? 12  ASP D O   1 
ATOM   1435 C  CB  . ASP D 1 12 ? -17.386 0.667   1.455   1.00 36.47 ? 12  ASP D CB  1 
ATOM   1436 C  CG  . ASP D 1 12 ? -17.590 1.993   2.158   1.00 52.25 ? 12  ASP D CG  1 
ATOM   1437 O  OD1 . ASP D 1 12 ? -17.700 3.026   1.463   1.00 58.21 ? 12  ASP D OD1 1 
ATOM   1438 O  OD2 . ASP D 1 12 ? -17.648 2.002   3.406   1.00 51.89 ? 12  ASP D OD2 1 
ATOM   1439 N  N   . LEU D 1 13 ? -14.344 -0.392  2.318   1.00 29.65 ? 13  LEU D N   1 
ATOM   1440 C  CA  . LEU D 1 13 ? -13.257 -0.349  3.285   1.00 22.30 ? 13  LEU D CA  1 
ATOM   1441 C  C   . LEU D 1 13 ? -11.949 -0.016  2.580   1.00 22.53 ? 13  LEU D C   1 
ATOM   1442 O  O   . LEU D 1 13 ? -11.171 0.812   3.052   1.00 24.80 ? 13  LEU D O   1 
ATOM   1443 C  CB  . LEU D 1 13 ? -13.143 -1.682  4.030   1.00 26.52 ? 13  LEU D CB  1 
ATOM   1444 C  CG  . LEU D 1 13 ? -12.654 -1.671  5.482   1.00 32.21 ? 13  LEU D CG  1 
ATOM   1445 C  CD1 . LEU D 1 13 ? -12.838 -3.049  6.092   1.00 37.83 ? 13  LEU D CD1 1 
ATOM   1446 C  CD2 . LEU D 1 13 ? -11.202 -1.231  5.599   1.00 29.62 ? 13  LEU D CD2 1 
ATOM   1447 N  N   . LEU D 1 14 ? -11.714 -0.665  1.444   1.00 23.19 ? 14  LEU D N   1 
ATOM   1448 C  CA  . LEU D 1 14 ? -10.489 -0.448  0.688   1.00 21.27 ? 14  LEU D CA  1 
ATOM   1449 C  C   . LEU D 1 14 ? -10.481 0.915   0.008   1.00 19.60 ? 14  LEU D C   1 
ATOM   1450 O  O   . LEU D 1 14 ? -9.418  1.486   -0.222  1.00 20.23 ? 14  LEU D O   1 
ATOM   1451 C  CB  . LEU D 1 14 ? -10.294 -1.556  -0.348  1.00 29.49 ? 14  LEU D CB  1 
ATOM   1452 C  CG  . LEU D 1 14 ? -9.935  -2.927  0.225   1.00 17.89 ? 14  LEU D CG  1 
ATOM   1453 C  CD1 . LEU D 1 14 ? -9.593  -3.895  -0.892  1.00 17.92 ? 14  LEU D CD1 1 
ATOM   1454 C  CD2 . LEU D 1 14 ? -8.777  -2.805  1.203   1.00 16.28 ? 14  LEU D CD2 1 
ATOM   1455 N  N   . PHE D 1 15 ? -11.662 1.435   -0.311  1.00 20.63 ? 15  PHE D N   1 
ATOM   1456 C  CA  . PHE D 1 15 ? -11.763 2.764   -0.903  1.00 23.84 ? 15  PHE D CA  1 
ATOM   1457 C  C   . PHE D 1 15 ? -11.378 3.839   0.106   1.00 24.15 ? 15  PHE D C   1 
ATOM   1458 O  O   . PHE D 1 15 ? -10.642 4.771   -0.219  1.00 27.65 ? 15  PHE D O   1 
ATOM   1459 C  CB  . PHE D 1 15 ? -13.176 3.022   -1.431  1.00 31.92 ? 15  PHE D CB  1 
ATOM   1460 C  CG  . PHE D 1 15 ? -13.415 4.445   -1.855  1.00 31.03 ? 15  PHE D CG  1 
ATOM   1461 C  CD1 . PHE D 1 15 ? -12.972 4.898   -3.087  1.00 30.85 ? 15  PHE D CD1 1 
ATOM   1462 C  CD2 . PHE D 1 15 ? -14.088 5.327   -1.025  1.00 30.02 ? 15  PHE D CD2 1 
ATOM   1463 C  CE1 . PHE D 1 15 ? -13.190 6.207   -3.479  1.00 32.39 ? 15  PHE D CE1 1 
ATOM   1464 C  CE2 . PHE D 1 15 ? -14.308 6.635   -1.412  1.00 30.45 ? 15  PHE D CE2 1 
ATOM   1465 C  CZ  . PHE D 1 15 ? -13.860 7.074   -2.641  1.00 36.50 ? 15  PHE D CZ  1 
ATOM   1466 N  N   . LEU D 1 16 ? -11.884 3.709   1.329   1.00 22.79 ? 16  LEU D N   1 
ATOM   1467 C  CA  . LEU D 1 16 ? -11.556 4.648   2.396   1.00 23.95 ? 16  LEU D CA  1 
ATOM   1468 C  C   . LEU D 1 16 ? -10.087 4.526   2.777   1.00 16.62 ? 16  LEU D C   1 
ATOM   1469 O  O   . LEU D 1 16 ? -9.418  5.525   3.045   1.00 23.80 ? 16  LEU D O   1 
ATOM   1470 C  CB  . LEU D 1 16 ? -12.440 4.411   3.621   1.00 24.41 ? 16  LEU D CB  1 
ATOM   1471 C  CG  . LEU D 1 16 ? -13.933 4.706   3.470   1.00 19.49 ? 16  LEU D CG  1 
ATOM   1472 C  CD1 . LEU D 1 16 ? -14.659 4.453   4.782   1.00 21.71 ? 16  LEU D CD1 1 
ATOM   1473 C  CD2 . LEU D 1 16 ? -14.155 6.133   2.995   1.00 13.87 ? 16  LEU D CD2 1 
ATOM   1474 N  N   . PHE D 1 17 ? -9.594  3.293   2.797   1.00 15.93 ? 17  PHE D N   1 
ATOM   1475 C  CA  . PHE D 1 17 ? -8.199  3.028   3.119   1.00 13.45 ? 17  PHE D CA  1 
ATOM   1476 C  C   . PHE D 1 17 ? -7.278  3.558   2.022   1.00 15.60 ? 17  PHE D C   1 
ATOM   1477 O  O   . PHE D 1 17 ? -6.223  4.119   2.309   1.00 17.10 ? 17  PHE D O   1 
ATOM   1478 C  CB  . PHE D 1 17 ? -7.980  1.529   3.333   1.00 12.30 ? 17  PHE D CB  1 
ATOM   1479 C  CG  . PHE D 1 17 ? -6.541  1.144   3.510   1.00 15.80 ? 17  PHE D CG  1 
ATOM   1480 C  CD1 . PHE D 1 17 ? -5.785  1.688   4.534   1.00 16.71 ? 17  PHE D CD1 1 
ATOM   1481 C  CD2 . PHE D 1 17 ? -5.948  0.225   2.660   1.00 9.38  ? 17  PHE D CD2 1 
ATOM   1482 C  CE1 . PHE D 1 17 ? -4.461  1.334   4.699   1.00 11.21 ? 17  PHE D CE1 1 
ATOM   1483 C  CE2 . PHE D 1 17 ? -4.625  -0.136  2.823   1.00 10.12 ? 17  PHE D CE2 1 
ATOM   1484 C  CZ  . PHE D 1 17 ? -3.880  0.420   3.845   1.00 12.27 ? 17  PHE D CZ  1 
ATOM   1485 N  N   . ASP D 1 18 ? -7.688  3.391   0.767   1.00 13.35 ? 18  ASP D N   1 
ATOM   1486 C  CA  . ASP D 1 18 ? -6.917  3.903   -0.363  1.00 15.97 ? 18  ASP D CA  1 
ATOM   1487 C  C   . ASP D 1 18 ? -6.911  5.427   -0.373  1.00 16.15 ? 18  ASP D C   1 
ATOM   1488 O  O   . ASP D 1 18 ? -5.908  6.051   -0.725  1.00 13.24 ? 18  ASP D O   1 
ATOM   1489 C  CB  . ASP D 1 18 ? -7.477  3.368   -1.682  1.00 23.38 ? 18  ASP D CB  1 
ATOM   1490 C  CG  . ASP D 1 18 ? -6.841  4.020   -2.894  1.00 25.60 ? 18  ASP D CG  1 
ATOM   1491 O  OD1 . ASP D 1 18 ? -5.742  3.584   -3.298  1.00 19.25 ? 18  ASP D OD1 1 
ATOM   1492 O  OD2 . ASP D 1 18 ? -7.446  4.961   -3.449  1.00 26.36 ? 18  ASP D OD2 1 
ATOM   1493 N  N   . ARG D 1 19 ? -8.034  6.019   0.015   1.00 20.23 ? 19  ARG D N   1 
ATOM   1494 C  CA  . ARG D 1 19 ? -8.150  7.470   0.106   1.00 14.31 ? 19  ARG D CA  1 
ATOM   1495 C  C   . ARG D 1 19 ? -7.189  8.020   1.153   1.00 14.15 ? 19  ARG D C   1 
ATOM   1496 O  O   . ARG D 1 19 ? -6.559  9.057   0.951   1.00 12.59 ? 19  ARG D O   1 
ATOM   1497 C  CB  . ARG D 1 19 ? -9.586  7.876   0.443   1.00 15.28 ? 19  ARG D CB  1 
ATOM   1498 C  CG  . ARG D 1 19 ? -9.786  9.375   0.619   1.00 32.98 ? 19  ARG D CG  1 
ATOM   1499 C  CD  . ARG D 1 19 ? -10.330 10.026  -0.643  1.00 46.85 ? 19  ARG D CD  1 
ATOM   1500 N  NE  . ARG D 1 19 ? -11.760 9.778   -0.813  1.00 49.10 ? 19  ARG D NE  1 
ATOM   1501 C  CZ  . ARG D 1 19 ? -12.625 10.678  -1.271  1.00 54.70 ? 19  ARG D CZ  1 
ATOM   1502 N  NH1 . ARG D 1 19 ? -12.205 11.889  -1.610  1.00 60.10 ? 19  ARG D NH1 1 
ATOM   1503 N  NH2 . ARG D 1 19 ? -13.908 10.366  -1.392  1.00 57.45 ? 19  ARG D NH2 1 
ATOM   1504 N  N   . ARG D 1 20 ? -7.077  7.309   2.270   1.00 14.28 ? 20  ARG D N   1 
ATOM   1505 C  CA  . ARG D 1 20 ? -6.229  7.733   3.378   1.00 13.58 ? 20  ARG D CA  1 
ATOM   1506 C  C   . ARG D 1 20 ? -4.746  7.623   3.029   1.00 13.79 ? 20  ARG D C   1 
ATOM   1507 O  O   . ARG D 1 20 ? -3.952  8.493   3.387   1.00 11.97 ? 20  ARG D O   1 
ATOM   1508 C  CB  . ARG D 1 20 ? -6.542  6.903   4.625   1.00 15.78 ? 20  ARG D CB  1 
ATOM   1509 C  CG  . ARG D 1 20 ? -5.890  7.408   5.903   1.00 16.82 ? 20  ARG D CG  1 
ATOM   1510 C  CD  . ARG D 1 20 ? -6.337  8.822   6.240   1.00 17.35 ? 20  ARG D CD  1 
ATOM   1511 N  NE  . ARG D 1 20 ? -6.143  9.121   7.656   1.00 18.77 ? 20  ARG D NE  1 
ATOM   1512 C  CZ  . ARG D 1 20 ? -7.129  9.214   8.544   1.00 17.97 ? 20  ARG D CZ  1 
ATOM   1513 N  NH1 . ARG D 1 20 ? -8.388  9.051   8.159   1.00 16.40 ? 20  ARG D NH1 1 
ATOM   1514 N  NH2 . ARG D 1 20 ? -6.857  9.483   9.814   1.00 21.66 ? 20  ARG D NH2 1 
HETATM 1515 N  N   . MSE D 1 21 ? -4.379  6.556   2.327   1.00 18.64 ? 21  MSE D N   1 
HETATM 1516 C  CA  . MSE D 1 21 ? -2.987  6.334   1.948   1.00 13.37 ? 21  MSE D CA  1 
HETATM 1517 C  C   . MSE D 1 21 ? -2.523  7.344   0.903   1.00 14.58 ? 21  MSE D C   1 
HETATM 1518 O  O   . MSE D 1 21 ? -1.350  7.714   0.862   1.00 14.43 ? 21  MSE D O   1 
HETATM 1519 C  CB  . MSE D 1 21 ? -2.792  4.912   1.417   1.00 10.41 ? 21  MSE D CB  1 
HETATM 1520 C  CG  . MSE D 1 21 ? -3.096  3.812   2.423   1.00 10.69 ? 21  MSE D CG  1 
HETATM 1521 SE SE  . MSE D 1 21 ? -2.006  3.909   4.035   1.00 28.33 ? 21  MSE D SE  1 
HETATM 1522 C  CE  . MSE D 1 21 ? -3.300  4.746   5.233   1.00 13.19 ? 21  MSE D CE  1 
ATOM   1523 N  N   . THR D 1 22 ? -3.451  7.785   0.059   1.00 14.58 ? 22  THR D N   1 
ATOM   1524 C  CA  . THR D 1 22 ? -3.136  8.753   -0.983  1.00 12.34 ? 22  THR D CA  1 
ATOM   1525 C  C   . THR D 1 22 ? -2.930  10.136  -0.376  1.00 15.44 ? 22  THR D C   1 
ATOM   1526 O  O   . THR D 1 22 ? -2.125  10.929  -0.866  1.00 14.55 ? 22  THR D O   1 
ATOM   1527 C  CB  . THR D 1 22 ? -4.241  8.815   -2.050  1.00 12.84 ? 22  THR D CB  1 
ATOM   1528 O  OG1 . THR D 1 22 ? -4.612  7.484   -2.434  1.00 20.38 ? 22  THR D OG1 1 
ATOM   1529 C  CG2 . THR D 1 22 ? -3.761  9.579   -3.275  1.00 14.82 ? 22  THR D CG2 1 
ATOM   1530 N  N   . GLU D 1 23 ? -3.665  10.419  0.697   1.00 16.67 ? 23  GLU D N   1 
ATOM   1531 C  CA  . GLU D 1 23 ? -3.503  11.671  1.423   1.00 13.07 ? 23  GLU D CA  1 
ATOM   1532 C  C   . GLU D 1 23 ? -2.161  11.704  2.141   1.00 16.21 ? 23  GLU D C   1 
ATOM   1533 O  O   . GLU D 1 23 ? -1.437  12.698  2.085   1.00 16.50 ? 23  GLU D O   1 
ATOM   1534 C  CB  . GLU D 1 23 ? -4.637  11.866  2.430   1.00 13.34 ? 23  GLU D CB  1 
ATOM   1535 C  CG  . GLU D 1 23 ? -6.005  12.060  1.803   1.00 22.28 ? 23  GLU D CG  1 
ATOM   1536 C  CD  . GLU D 1 23 ? -7.121  12.039  2.831   1.00 24.81 ? 23  GLU D CD  1 
ATOM   1537 O  OE1 . GLU D 1 23 ? -6.825  11.831  4.027   1.00 25.56 ? 23  GLU D OE1 1 
ATOM   1538 O  OE2 . GLU D 1 23 ? -8.294  12.229  2.442   1.00 23.02 ? 23  GLU D OE2 1 
ATOM   1539 N  N   . GLU D 1 24 ? -1.829  10.605  2.811   1.00 14.80 ? 24  GLU D N   1 
ATOM   1540 C  CA  . GLU D 1 24 ? -0.613  10.536  3.610   1.00 15.56 ? 24  GLU D CA  1 
ATOM   1541 C  C   . GLU D 1 24 ? 0.643   10.508  2.750   1.00 17.43 ? 24  GLU D C   1 
ATOM   1542 O  O   . GLU D 1 24 ? 1.706   10.947  3.186   1.00 22.35 ? 24  GLU D O   1 
ATOM   1543 C  CB  . GLU D 1 24 ? -0.649  9.314   4.528   1.00 21.19 ? 24  GLU D CB  1 
ATOM   1544 C  CG  . GLU D 1 24 ? -1.719  9.394   5.602   1.00 25.74 ? 24  GLU D CG  1 
ATOM   1545 C  CD  . GLU D 1 24 ? -1.566  10.618  6.487   1.00 20.82 ? 24  GLU D CD  1 
ATOM   1546 O  OE1 . GLU D 1 24 ? -0.414  11.006  6.781   1.00 20.21 ? 24  GLU D OE1 1 
ATOM   1547 O  OE2 . GLU D 1 24 ? -2.600  11.197  6.884   1.00 16.33 ? 24  GLU D OE2 1 
ATOM   1548 N  N   . ARG D 1 25 ? 0.523   9.986   1.533   1.00 18.29 ? 25  ARG D N   1 
ATOM   1549 C  CA  . ARG D 1 25 ? 1.637   10.006  0.593   1.00 14.00 ? 25  ARG D CA  1 
ATOM   1550 C  C   . ARG D 1 25 ? 1.968   11.442  0.213   1.00 13.98 ? 25  ARG D C   1 
ATOM   1551 O  O   . ARG D 1 25 ? 3.135   11.814  0.107   1.00 14.87 ? 25  ARG D O   1 
ATOM   1552 C  CB  . ARG D 1 25 ? 1.314   9.189   -0.657  1.00 13.08 ? 25  ARG D CB  1 
ATOM   1553 C  CG  . ARG D 1 25 ? 2.425   9.199   -1.692  1.00 15.64 ? 25  ARG D CG  1 
ATOM   1554 C  CD  . ARG D 1 25 ? 2.028   8.436   -2.939  1.00 15.96 ? 25  ARG D CD  1 
ATOM   1555 N  NE  . ARG D 1 25 ? 0.876   9.038   -3.601  1.00 15.68 ? 25  ARG D NE  1 
ATOM   1556 C  CZ  . ARG D 1 25 ? 0.347   8.586   -4.732  1.00 23.51 ? 25  ARG D CZ  1 
ATOM   1557 N  NH1 . ARG D 1 25 ? 0.870   7.525   -5.333  1.00 26.41 ? 25  ARG D NH1 1 
ATOM   1558 N  NH2 . ARG D 1 25 ? -0.704  9.193   -5.266  1.00 32.06 ? 25  ARG D NH2 1 
ATOM   1559 N  N   . ARG D 1 26 ? 0.926   12.243  0.012   1.00 17.22 ? 26  ARG D N   1 
ATOM   1560 C  CA  . ARG D 1 26 ? 1.088   13.657  -0.295  1.00 17.42 ? 26  ARG D CA  1 
ATOM   1561 C  C   . ARG D 1 26 ? 1.745   14.388  0.870   1.00 19.67 ? 26  ARG D C   1 
ATOM   1562 O  O   . ARG D 1 26 ? 2.592   15.259  0.672   1.00 21.23 ? 26  ARG D O   1 
ATOM   1563 C  CB  . ARG D 1 26 ? -0.264  14.290  -0.628  1.00 13.83 ? 26  ARG D CB  1 
ATOM   1564 C  CG  . ARG D 1 26 ? -0.181  15.753  -1.024  1.00 23.50 ? 26  ARG D CG  1 
ATOM   1565 C  CD  . ARG D 1 26 ? -1.519  16.285  -1.518  1.00 33.14 ? 26  ARG D CD  1 
ATOM   1566 N  NE  . ARG D 1 26 ? -2.560  16.220  -0.496  1.00 30.13 ? 26  ARG D NE  1 
ATOM   1567 C  CZ  . ARG D 1 26 ? -3.532  15.313  -0.476  1.00 26.73 ? 26  ARG D CZ  1 
ATOM   1568 N  NH1 . ARG D 1 26 ? -3.600  14.392  -1.427  1.00 28.71 ? 26  ARG D NH1 1 
ATOM   1569 N  NH2 . ARG D 1 26 ? -4.438  15.330  0.492   1.00 30.55 ? 26  ARG D NH2 1 
ATOM   1570 N  N   . ARG D 1 27 ? 1.352   14.024  2.087   1.00 17.13 ? 27  ARG D N   1 
ATOM   1571 C  CA  . ARG D 1 27 ? 1.960   14.587  3.286   1.00 14.51 ? 27  ARG D CA  1 
ATOM   1572 C  C   . ARG D 1 27 ? 3.408   14.132  3.420   1.00 18.14 ? 27  ARG D C   1 
ATOM   1573 O  O   . ARG D 1 27 ? 4.264   14.877  3.892   1.00 26.73 ? 27  ARG D O   1 
ATOM   1574 C  CB  . ARG D 1 27 ? 1.172   14.183  4.533   1.00 15.76 ? 27  ARG D CB  1 
ATOM   1575 C  CG  . ARG D 1 27 ? -0.241  14.731  4.600   1.00 12.82 ? 27  ARG D CG  1 
ATOM   1576 C  CD  . ARG D 1 27 ? -0.860  14.423  5.953   1.00 11.74 ? 27  ARG D CD  1 
ATOM   1577 N  NE  . ARG D 1 27 ? -2.152  15.075  6.136   1.00 13.19 ? 27  ARG D NE  1 
ATOM   1578 C  CZ  . ARG D 1 27 ? -2.829  15.075  7.279   1.00 11.38 ? 27  ARG D CZ  1 
ATOM   1579 N  NH1 . ARG D 1 27 ? -2.335  14.457  8.344   1.00 15.03 ? 27  ARG D NH1 1 
ATOM   1580 N  NH2 . ARG D 1 27 ? -4.000  15.692  7.360   1.00 12.07 ? 27  ARG D NH2 1 
ATOM   1581 N  N   . TRP D 1 28 ? 3.669   12.899  2.998   1.00 22.53 ? 28  TRP D N   1 
ATOM   1582 C  CA  . TRP D 1 28 ? 4.996   12.304  3.117   1.00 24.07 ? 28  TRP D CA  1 
ATOM   1583 C  C   . TRP D 1 28 ? 5.947   12.829  2.047   1.00 26.23 ? 28  TRP D C   1 
ATOM   1584 O  O   . TRP D 1 28 ? 7.123   13.070  2.315   1.00 25.31 ? 28  TRP D O   1 
ATOM   1585 C  CB  . TRP D 1 28 ? 4.898   10.779  3.037   1.00 21.26 ? 28  TRP D CB  1 
ATOM   1586 C  CG  . TRP D 1 28 ? 6.205   10.073  3.195   1.00 22.19 ? 28  TRP D CG  1 
ATOM   1587 C  CD1 . TRP D 1 28 ? 6.871   9.830   4.360   1.00 25.77 ? 28  TRP D CD1 1 
ATOM   1588 C  CD2 . TRP D 1 28 ? 7.006   9.505   2.152   1.00 27.66 ? 28  TRP D CD2 1 
ATOM   1589 N  NE1 . TRP D 1 28 ? 8.037   9.149   4.110   1.00 22.68 ? 28  TRP D NE1 1 
ATOM   1590 C  CE2 . TRP D 1 28 ? 8.142   8.937   2.756   1.00 25.21 ? 28  TRP D CE2 1 
ATOM   1591 C  CE3 . TRP D 1 28 ? 6.870   9.423   0.761   1.00 28.92 ? 28  TRP D CE3 1 
ATOM   1592 C  CZ2 . TRP D 1 28 ? 9.140   8.298   2.026   1.00 26.49 ? 28  TRP D CZ2 1 
ATOM   1593 C  CZ3 . TRP D 1 28 ? 7.861   8.787   0.036   1.00 31.89 ? 28  TRP D CZ3 1 
ATOM   1594 C  CH2 . TRP D 1 28 ? 8.980   8.232   0.668   1.00 30.74 ? 28  TRP D CH2 1 
ATOM   1595 N  N   . LEU D 1 29 ? 5.431   13.003  0.834   1.00 28.77 ? 29  LEU D N   1 
ATOM   1596 C  CA  . LEU D 1 29 ? 6.236   13.504  -0.275  1.00 27.53 ? 29  LEU D CA  1 
ATOM   1597 C  C   . LEU D 1 29 ? 6.568   14.980  -0.097  1.00 30.72 ? 29  LEU D C   1 
ATOM   1598 O  O   . LEU D 1 29 ? 7.656   15.428  -0.460  1.00 41.31 ? 29  LEU D O   1 
ATOM   1599 C  CB  . LEU D 1 29 ? 5.514   13.284  -1.605  1.00 27.09 ? 29  LEU D CB  1 
ATOM   1600 C  CG  . LEU D 1 29 ? 5.493   11.850  -2.133  1.00 18.40 ? 29  LEU D CG  1 
ATOM   1601 C  CD1 . LEU D 1 29 ? 4.707   11.772  -3.430  1.00 22.19 ? 29  LEU D CD1 1 
ATOM   1602 C  CD2 . LEU D 1 29 ? 6.912   11.344  -2.331  1.00 20.87 ? 29  LEU D CD2 1 
ATOM   1603 N  N   . SER D 1 30 ? 5.625   15.734  0.459   1.00 32.41 ? 30  SER D N   1 
ATOM   1604 C  CA  . SER D 1 30 ? 5.833   17.152  0.723   1.00 28.59 ? 30  SER D CA  1 
ATOM   1605 C  C   . SER D 1 30 ? 6.972   17.353  1.715   1.00 28.98 ? 30  SER D C   1 
ATOM   1606 O  O   . SER D 1 30 ? 7.840   18.203  1.520   1.00 46.88 ? 30  SER D O   1 
ATOM   1607 C  CB  . SER D 1 30 ? 4.549   17.791  1.256   1.00 28.15 ? 30  SER D CB  1 
ATOM   1608 O  OG  . SER D 1 30 ? 4.746   19.165  1.540   1.00 39.92 ? 30  SER D OG  1 
ATOM   1609 N  N   . GLN D 1 31 ? 6.958   16.554  2.775   1.00 26.00 ? 31  GLN D N   1 
ATOM   1610 C  CA  . GLN D 1 31 ? 7.978   16.611  3.812   1.00 29.84 ? 31  GLN D CA  1 
ATOM   1611 C  C   . GLN D 1 31 ? 9.349   16.192  3.286   1.00 36.63 ? 31  GLN D C   1 
ATOM   1612 O  O   . GLN D 1 31 ? 10.376  16.746  3.681   1.00 35.71 ? 31  GLN D O   1 
ATOM   1613 C  CB  . GLN D 1 31 ? 7.571   15.720  4.987   1.00 24.01 ? 31  GLN D CB  1 
ATOM   1614 C  CG  . GLN D 1 31 ? 8.643   15.530  6.043   1.00 28.21 ? 31  GLN D CG  1 
ATOM   1615 C  CD  . GLN D 1 31 ? 8.254   14.492  7.076   1.00 36.74 ? 31  GLN D CD  1 
ATOM   1616 O  OE1 . GLN D 1 31 ? 7.189   13.881  6.989   1.00 36.37 ? 31  GLN D OE1 1 
ATOM   1617 N  NE2 . GLN D 1 31 ? 9.120   14.285  8.063   1.00 32.46 ? 31  GLN D NE2 1 
ATOM   1618 N  N   . ARG D 1 32 ? 9.353   15.219  2.382   1.00 40.39 ? 32  ARG D N   1 
ATOM   1619 C  CA  . ARG D 1 32 ? 10.590  14.611  1.905   1.00 35.54 ? 32  ARG D CA  1 
ATOM   1620 C  C   . ARG D 1 32 ? 11.183  15.322  0.691   1.00 33.42 ? 32  ARG D C   1 
ATOM   1621 O  O   . ARG D 1 32 ? 12.381  15.604  0.654   1.00 37.17 ? 32  ARG D O   1 
ATOM   1622 C  CB  . ARG D 1 32 ? 10.345  13.139  1.573   1.00 38.36 ? 32  ARG D CB  1 
ATOM   1623 C  CG  . ARG D 1 32 ? 11.526  12.432  0.939   1.00 40.32 ? 32  ARG D CG  1 
ATOM   1624 C  CD  . ARG D 1 32 ? 11.151  11.013  0.553   1.00 38.82 ? 32  ARG D CD  1 
ATOM   1625 N  NE  . ARG D 1 32 ? 12.224  10.331  -0.161  1.00 56.84 ? 32  ARG D NE  1 
ATOM   1626 C  CZ  . ARG D 1 32 ? 13.150  9.579   0.425   1.00 55.01 ? 32  ARG D CZ  1 
ATOM   1627 N  NH1 . ARG D 1 32 ? 13.134  9.414   1.741   1.00 47.20 ? 32  ARG D NH1 1 
ATOM   1628 N  NH2 . ARG D 1 32 ? 14.091  8.994   -0.303  1.00 54.14 ? 32  ARG D NH2 1 
ATOM   1629 N  N   . LEU D 1 33 ? 10.346  15.604  -0.302  1.00 35.69 ? 33  LEU D N   1 
ATOM   1630 C  CA  . LEU D 1 33 ? 10.815  16.217  -1.541  1.00 36.43 ? 33  LEU D CA  1 
ATOM   1631 C  C   . LEU D 1 33 ? 10.904  17.735  -1.431  1.00 45.45 ? 33  LEU D C   1 
ATOM   1632 O  O   . LEU D 1 33 ? 11.415  18.400  -2.333  1.00 46.23 ? 33  LEU D O   1 
ATOM   1633 C  CB  . LEU D 1 33 ? 9.901   15.836  -2.706  1.00 35.94 ? 33  LEU D CB  1 
ATOM   1634 C  CG  . LEU D 1 33 ? 9.817   14.345  -3.037  1.00 34.22 ? 33  LEU D CG  1 
ATOM   1635 C  CD1 . LEU D 1 33 ? 8.935   14.118  -4.254  1.00 34.91 ? 33  LEU D CD1 1 
ATOM   1636 C  CD2 . LEU D 1 33 ? 11.206  13.766  -3.259  1.00 32.50 ? 33  LEU D CD2 1 
ATOM   1637 N  N   . GLY D 1 34 ? 10.407  18.279  -0.324  1.00 50.43 ? 34  GLY D N   1 
ATOM   1638 C  CA  . GLY D 1 34 ? 10.425  19.714  -0.109  1.00 35.01 ? 34  GLY D CA  1 
ATOM   1639 C  C   . GLY D 1 34 ? 9.513   20.448  -1.073  1.00 38.88 ? 34  GLY D C   1 
ATOM   1640 O  O   . GLY D 1 34 ? 9.945   21.355  -1.783  1.00 39.15 ? 34  GLY D O   1 
ATOM   1641 N  N   . LEU D 1 35 ? 8.247   20.046  -1.097  1.00 38.75 ? 35  LEU D N   1 
ATOM   1642 C  CA  . LEU D 1 35 ? 7.252   20.656  -1.971  1.00 37.39 ? 35  LEU D CA  1 
ATOM   1643 C  C   . LEU D 1 35 ? 5.979   20.947  -1.185  1.00 42.68 ? 35  LEU D C   1 
ATOM   1644 O  O   . LEU D 1 35 ? 5.775   20.394  -0.106  1.00 40.18 ? 35  LEU D O   1 
ATOM   1645 C  CB  . LEU D 1 35 ? 6.941   19.738  -3.156  1.00 41.46 ? 35  LEU D CB  1 
ATOM   1646 C  CG  . LEU D 1 35 ? 8.112   19.250  -4.013  1.00 46.38 ? 35  LEU D CG  1 
ATOM   1647 C  CD1 . LEU D 1 35 ? 7.636   18.236  -5.042  1.00 44.00 ? 35  LEU D CD1 1 
ATOM   1648 C  CD2 . LEU D 1 35 ? 8.808   20.416  -4.697  1.00 50.59 ? 35  LEU D CD2 1 
ATOM   1649 N  N   . ASN D 1 36 ? 5.124   21.815  -1.717  1.00 50.72 ? 36  ASN D N   1 
ATOM   1650 C  CA  . ASN D 1 36 ? 3.817   22.037  -1.113  1.00 44.39 ? 36  ASN D CA  1 
ATOM   1651 C  C   . ASN D 1 36 ? 2.826   21.036  -1.690  1.00 41.76 ? 36  ASN D C   1 
ATOM   1652 O  O   . ASN D 1 36 ? 2.967   20.598  -2.833  1.00 47.39 ? 36  ASN D O   1 
ATOM   1653 C  CB  . ASN D 1 36 ? 3.336   23.474  -1.342  1.00 51.04 ? 36  ASN D CB  1 
ATOM   1654 C  CG  . ASN D 1 36 ? 2.013   23.771  -0.648  1.00 68.56 ? 36  ASN D CG  1 
ATOM   1655 O  OD1 . ASN D 1 36 ? 1.489   22.947  0.103   1.00 67.45 ? 36  ASN D OD1 1 
ATOM   1656 N  ND2 . ASN D 1 36 ? 1.472   24.960  -0.892  1.00 46.84 ? 36  ASN D ND2 1 
ATOM   1657 N  N   . GLU D 1 37 ? 1.820   20.683  -0.898  1.00 42.94 ? 37  GLU D N   1 
ATOM   1658 C  CA  . GLU D 1 37 ? 0.843   19.672  -1.287  1.00 42.03 ? 37  GLU D CA  1 
ATOM   1659 C  C   . GLU D 1 37 ? 0.018   20.094  -2.502  1.00 44.71 ? 37  GLU D C   1 
ATOM   1660 O  O   . GLU D 1 37 ? -0.669  19.271  -3.109  1.00 43.31 ? 37  GLU D O   1 
ATOM   1661 C  CB  . GLU D 1 37 ? -0.081  19.356  -0.109  1.00 42.64 ? 37  GLU D CB  1 
ATOM   1662 C  CG  . GLU D 1 37 ? 0.660   18.897  1.137   1.00 27.41 ? 37  GLU D CG  1 
ATOM   1663 C  CD  . GLU D 1 37 ? -0.275  18.457  2.247   1.00 22.58 ? 37  GLU D CD  1 
ATOM   1664 O  OE1 . GLU D 1 37 ? -1.368  17.941  1.937   1.00 21.32 ? 37  GLU D OE1 1 
ATOM   1665 O  OE2 . GLU D 1 37 ? 0.087   18.628  3.431   1.00 22.14 ? 37  GLU D OE2 1 
ATOM   1666 N  N   . GLU D 1 38 ? 0.087   21.376  -2.850  1.00 43.96 ? 38  GLU D N   1 
ATOM   1667 C  CA  . GLU D 1 38 ? -0.591  21.885  -4.037  1.00 53.49 ? 38  GLU D CA  1 
ATOM   1668 C  C   . GLU D 1 38 ? 0.030   21.311  -5.311  1.00 49.92 ? 38  GLU D C   1 
ATOM   1669 O  O   . GLU D 1 38 ? -0.676  20.974  -6.262  1.00 38.16 ? 38  GLU D O   1 
ATOM   1670 C  CB  . GLU D 1 38 ? -0.543  23.419  -4.072  1.00 54.79 ? 38  GLU D CB  1 
ATOM   1671 C  CG  . GLU D 1 38 ? 0.866   24.007  -4.139  1.00 58.66 ? 38  GLU D CG  1 
ATOM   1672 C  CD  . GLU D 1 38 ? 0.876   25.521  -4.221  1.00 72.74 ? 38  GLU D CD  1 
ATOM   1673 O  OE1 . GLU D 1 38 ? 0.360   26.174  -3.290  1.00 85.41 ? 38  GLU D OE1 1 
ATOM   1674 O  OE2 . GLU D 1 38 ? 1.399   26.057  -5.221  1.00 68.66 ? 38  GLU D OE2 1 
ATOM   1675 N  N   . GLN D 1 39 ? 1.354   21.189  -5.311  1.00 51.23 ? 39  GLN D N   1 
ATOM   1676 C  CA  . GLN D 1 39 ? 2.105   20.780  -6.491  1.00 49.96 ? 39  GLN D CA  1 
ATOM   1677 C  C   . GLN D 1 39 ? 1.983   19.291  -6.762  1.00 47.64 ? 39  GLN D C   1 
ATOM   1678 O  O   . GLN D 1 39 ? 1.635   18.873  -7.866  1.00 50.05 ? 39  GLN D O   1 
ATOM   1679 C  CB  . GLN D 1 39 ? 3.581   21.141  -6.331  1.00 54.30 ? 39  GLN D CB  1 
ATOM   1680 C  CG  . GLN D 1 39 ? 3.869   22.624  -6.267  1.00 55.18 ? 39  GLN D CG  1 
ATOM   1681 C  CD  . GLN D 1 39 ? 5.320   22.907  -5.936  1.00 63.09 ? 39  GLN D CD  1 
ATOM   1682 O  OE1 . GLN D 1 39 ? 6.020   22.053  -5.390  1.00 56.07 ? 39  GLN D OE1 1 
ATOM   1683 N  NE2 . GLN D 1 39 ? 5.783   24.105  -6.273  1.00 76.72 ? 39  GLN D NE2 1 
ATOM   1684 N  N   . ILE D 1 40 ? 2.288   18.497  -5.743  1.00 42.94 ? 40  ILE D N   1 
ATOM   1685 C  CA  . ILE D 1 40 ? 2.334   17.048  -5.869  1.00 38.52 ? 40  ILE D CA  1 
ATOM   1686 C  C   . ILE D 1 40 ? 0.977   16.484  -6.277  1.00 39.99 ? 40  ILE D C   1 
ATOM   1687 O  O   . ILE D 1 40 ? 0.900   15.527  -7.046  1.00 40.67 ? 40  ILE D O   1 
ATOM   1688 C  CB  . ILE D 1 40 ? 2.796   16.400  -4.554  1.00 38.71 ? 40  ILE D CB  1 
ATOM   1689 C  CG1 . ILE D 1 40 ? 4.076   17.081  -4.064  1.00 38.45 ? 40  ILE D CG1 1 
ATOM   1690 C  CG2 . ILE D 1 40 ? 3.025   14.912  -4.739  1.00 40.04 ? 40  ILE D CG2 1 
ATOM   1691 C  CD1 . ILE D 1 40 ? 4.582   16.555  -2.745  1.00 32.88 ? 40  ILE D CD1 1 
ATOM   1692 N  N   . GLU D 1 41 ? -0.093  17.087  -5.775  1.00 36.53 ? 41  GLU D N   1 
ATOM   1693 C  CA  . GLU D 1 41 ? -1.431  16.652  -6.146  1.00 39.23 ? 41  GLU D CA  1 
ATOM   1694 C  C   . GLU D 1 41 ? -1.773  17.141  -7.550  1.00 42.60 ? 41  GLU D C   1 
ATOM   1695 O  O   . GLU D 1 41 ? -2.595  16.542  -8.241  1.00 42.19 ? 41  GLU D O   1 
ATOM   1696 C  CB  . GLU D 1 41 ? -2.462  17.150  -5.134  1.00 42.01 ? 41  GLU D CB  1 
ATOM   1697 C  CG  . GLU D 1 41 ? -3.813  16.466  -5.249  1.00 34.46 ? 41  GLU D CG  1 
ATOM   1698 C  CD  . GLU D 1 41 ? -4.749  16.842  -4.122  1.00 53.93 ? 41  GLU D CD  1 
ATOM   1699 O  OE1 . GLU D 1 41 ? -4.435  17.797  -3.380  1.00 64.63 ? 41  GLU D OE1 1 
ATOM   1700 O  OE2 . GLU D 1 41 ? -5.799  16.181  -3.975  1.00 65.92 ? 41  GLU D OE2 1 
ATOM   1701 N  N   . ARG D 1 42 ? -1.133  18.231  -7.967  1.00 48.47 ? 42  ARG D N   1 
ATOM   1702 C  CA  . ARG D 1 42 ? -1.286  18.733  -9.328  1.00 48.48 ? 42  ARG D CA  1 
ATOM   1703 C  C   . ARG D 1 42 ? -0.505  17.835  -10.281 1.00 48.80 ? 42  ARG D C   1 
ATOM   1704 O  O   . ARG D 1 42 ? -0.838  17.714  -11.460 1.00 53.34 ? 42  ARG D O   1 
ATOM   1705 C  CB  . ARG D 1 42 ? -0.805  20.182  -9.437  1.00 48.00 ? 42  ARG D CB  1 
ATOM   1706 C  CG  . ARG D 1 42 ? -1.259  20.894  -10.702 1.00 45.22 ? 42  ARG D CG  1 
ATOM   1707 C  CD  . ARG D 1 42 ? -0.573  22.244  -10.876 1.00 39.00 ? 42  ARG D CD  1 
ATOM   1708 N  NE  . ARG D 1 42 ? -0.602  23.051  -9.658  1.00 48.39 ? 42  ARG D NE  1 
ATOM   1709 C  CZ  . ARG D 1 42 ? 0.470   23.330  -8.922  1.00 49.31 ? 42  ARG D CZ  1 
ATOM   1710 N  NH1 . ARG D 1 42 ? 1.663   22.874  -9.282  1.00 49.89 ? 42  ARG D NH1 1 
ATOM   1711 N  NH2 . ARG D 1 42 ? 0.351   24.072  -7.829  1.00 49.25 ? 42  ARG D NH2 1 
ATOM   1712 N  N   . TRP D 1 43 ? 0.539   17.206  -9.750  1.00 45.05 ? 43  TRP D N   1 
ATOM   1713 C  CA  . TRP D 1 43 ? 1.326   16.233  -10.495 1.00 46.30 ? 43  TRP D CA  1 
ATOM   1714 C  C   . TRP D 1 43 ? 0.515   14.970  -10.761 1.00 47.57 ? 43  TRP D C   1 
ATOM   1715 O  O   . TRP D 1 43 ? 0.359   14.548  -11.908 1.00 48.23 ? 43  TRP D O   1 
ATOM   1716 C  CB  . TRP D 1 43 ? 2.609   15.890  -9.728  1.00 46.30 ? 43  TRP D CB  1 
ATOM   1717 C  CG  . TRP D 1 43 ? 3.313   14.653  -10.212 1.00 58.35 ? 43  TRP D CG  1 
ATOM   1718 C  CD1 . TRP D 1 43 ? 3.016   13.358  -9.889  1.00 51.25 ? 43  TRP D CD1 1 
ATOM   1719 C  CD2 . TRP D 1 43 ? 4.446   14.597  -11.086 1.00 63.72 ? 43  TRP D CD2 1 
ATOM   1720 N  NE1 . TRP D 1 43 ? 3.882   12.502  -10.519 1.00 48.99 ? 43  TRP D NE1 1 
ATOM   1721 C  CE2 . TRP D 1 43 ? 4.771   13.236  -11.260 1.00 59.35 ? 43  TRP D CE2 1 
ATOM   1722 C  CE3 . TRP D 1 43 ? 5.213   15.562  -11.745 1.00 55.69 ? 43  TRP D CE3 1 
ATOM   1723 C  CZ2 . TRP D 1 43 ? 5.829   12.818  -12.061 1.00 56.61 ? 43  TRP D CZ2 1 
ATOM   1724 C  CZ3 . TRP D 1 43 ? 6.264   15.143  -12.541 1.00 66.34 ? 43  TRP D CZ3 1 
ATOM   1725 C  CH2 . TRP D 1 43 ? 6.563   13.784  -12.691 1.00 66.82 ? 43  TRP D CH2 1 
ATOM   1726 N  N   . PHE D 1 44 ? -0.001  14.372  -9.692  1.00 46.50 ? 44  PHE D N   1 
ATOM   1727 C  CA  . PHE D 1 44 ? -0.682  13.085  -9.780  1.00 46.25 ? 44  PHE D CA  1 
ATOM   1728 C  C   . PHE D 1 44 ? -2.046  13.168  -10.466 1.00 49.16 ? 44  PHE D C   1 
ATOM   1729 O  O   . PHE D 1 44 ? -2.611  12.143  -10.847 1.00 54.33 ? 44  PHE D O   1 
ATOM   1730 C  CB  . PHE D 1 44 ? -0.843  12.475  -8.383  1.00 43.41 ? 44  PHE D CB  1 
ATOM   1731 C  CG  . PHE D 1 44 ? 0.414   11.847  -7.847  1.00 35.48 ? 44  PHE D CG  1 
ATOM   1732 C  CD1 . PHE D 1 44 ? 0.816   10.595  -8.279  1.00 39.70 ? 44  PHE D CD1 1 
ATOM   1733 C  CD2 . PHE D 1 44 ? 1.186   12.503  -6.905  1.00 32.20 ? 44  PHE D CD2 1 
ATOM   1734 C  CE1 . PHE D 1 44 ? 1.969   10.014  -7.788  1.00 38.24 ? 44  PHE D CE1 1 
ATOM   1735 C  CE2 . PHE D 1 44 ? 2.340   11.927  -6.409  1.00 32.03 ? 44  PHE D CE2 1 
ATOM   1736 C  CZ  . PHE D 1 44 ? 2.732   10.681  -6.851  1.00 29.60 ? 44  PHE D CZ  1 
ATOM   1737 N  N   . ARG D 1 45 ? -2.576  14.376  -10.622 1.00 47.03 ? 45  ARG D N   1 
ATOM   1738 C  CA  . ARG D 1 45 ? -3.854  14.548  -11.307 1.00 53.30 ? 45  ARG D CA  1 
ATOM   1739 C  C   . ARG D 1 45 ? -3.636  14.735  -12.805 1.00 43.66 ? 45  ARG D C   1 
ATOM   1740 O  O   . ARG D 1 45 ? -4.527  14.465  -13.611 1.00 39.67 ? 45  ARG D O   1 
ATOM   1741 C  CB  . ARG D 1 45 ? -4.634  15.735  -10.733 1.00 50.76 ? 45  ARG D CB  1 
ATOM   1742 C  CG  . ARG D 1 45 ? -4.025  17.094  -11.031 1.00 49.00 ? 45  ARG D CG  1 
ATOM   1743 C  CD  . ARG D 1 45 ? -4.829  18.214  -10.391 1.00 55.77 ? 45  ARG D CD  1 
ATOM   1744 N  NE  . ARG D 1 45 ? -6.120  18.410  -11.047 1.00 67.01 ? 45  ARG D NE  1 
ATOM   1745 C  CZ  . ARG D 1 45 ? -6.325  19.254  -12.053 1.00 53.13 ? 45  ARG D CZ  1 
ATOM   1746 N  NH1 . ARG D 1 45 ? -5.322  19.985  -12.522 1.00 47.41 ? 45  ARG D NH1 1 
ATOM   1747 N  NH2 . ARG D 1 45 ? -7.532  19.369  -12.590 1.00 38.79 ? 45  ARG D NH2 1 
ATOM   1748 N  N   . ARG D 1 46 ? -2.445  15.199  -13.167 1.00 37.25 ? 46  ARG D N   1 
ATOM   1749 C  CA  . ARG D 1 46 ? -2.080  15.383  -14.565 1.00 42.47 ? 46  ARG D CA  1 
ATOM   1750 C  C   . ARG D 1 46 ? -1.955  14.040  -15.275 1.00 50.43 ? 46  ARG D C   1 
ATOM   1751 O  O   . ARG D 1 46 ? -2.362  13.888  -16.426 1.00 53.55 ? 46  ARG D O   1 
ATOM   1752 C  CB  . ARG D 1 46 ? -0.765  16.157  -14.674 1.00 51.91 ? 46  ARG D CB  1 
ATOM   1753 C  CG  . ARG D 1 46 ? -0.215  16.274  -16.088 1.00 53.81 ? 46  ARG D CG  1 
ATOM   1754 C  CD  . ARG D 1 46 ? 1.028   17.149  -16.123 1.00 59.43 ? 46  ARG D CD  1 
ATOM   1755 N  NE  . ARG D 1 46 ? 1.080   18.070  -14.991 1.00 75.14 ? 46  ARG D NE  1 
ATOM   1756 C  CZ  . ARG D 1 46 ? 2.204   18.518  -14.441 1.00 74.12 ? 46  ARG D CZ  1 
ATOM   1757 N  NH1 . ARG D 1 46 ? 3.379   18.134  -14.919 1.00 70.33 ? 46  ARG D NH1 1 
ATOM   1758 N  NH2 . ARG D 1 46 ? 2.154   19.352  -13.411 1.00 63.59 ? 46  ARG D NH2 1 
ATOM   1759 N  N   . LYS D 1 47 ? -1.395  13.066  -14.567 1.00 51.38 ? 47  LYS D N   1 
ATOM   1760 C  CA  . LYS D 1 47 ? -1.095  11.762  -15.141 1.00 33.86 ? 47  LYS D CA  1 
ATOM   1761 C  C   . LYS D 1 47 ? -2.200  10.752  -14.853 1.00 34.59 ? 47  LYS D C   1 
ATOM   1762 O  O   . LYS D 1 47 ? -3.301  11.120  -14.445 1.00 37.05 ? 47  LYS D O   1 
ATOM   1763 C  CB  . LYS D 1 47 ? 0.241   11.256  -14.601 1.00 29.70 ? 47  LYS D CB  1 
ATOM   1764 C  CG  . LYS D 1 47 ? 1.363   12.277  -14.705 1.00 39.89 ? 47  LYS D CG  1 
ATOM   1765 C  CD  . LYS D 1 47 ? 2.502   11.955  -13.752 1.00 49.22 ? 47  LYS D CD  1 
ATOM   1766 C  CE  . LYS D 1 47 ? 3.226   10.684  -14.155 1.00 45.92 ? 47  LYS D CE  1 
ATOM   1767 N  NZ  . LYS D 1 47 ? 3.912   10.833  -15.467 1.00 54.56 ? 47  LYS D NZ  1 
HETATM 1768 K  K   . K   E 2 .  ? -11.400 8.627   10.622  1.00 53.91 ? 101 K   A K   1 
HETATM 1769 K  K   . K   F 2 .  ? -6.690  -14.923 -4.862  1.00 39.89 ? 101 K   C K   1 
HETATM 1770 K  K   . K   G 2 .  ? -19.299 5.333   -15.974 1.00 73.26 ? 102 K   C K   1 
HETATM 1771 K  K   . K   H 2 .  ? -5.206  12.125  -17.256 1.00 73.31 ? 101 K   D K   1 
# 
